data_1NEI
#
_entry.id   1NEI
#
_entity_poly.entity_id   1
_entity_poly.type   'polypeptide(L)'
_entity_poly.pdbx_seq_one_letter_code
;MGKATYTVTVTNNSNGVSVDYETETPMTLLVPEVAAEVIKDLVNTVRSYDTENEHDVCGW
;
_entity_poly.pdbx_strand_id   A,B
#
# COMPACT_ATOMS: atom_id res chain seq x y z
N MET A 1 19.04 -12.16 -11.30
CA MET A 1 18.41 -10.89 -11.03
C MET A 1 17.94 -10.80 -9.57
N GLY A 2 18.82 -10.25 -8.74
CA GLY A 2 18.51 -10.10 -7.33
C GLY A 2 18.73 -8.66 -6.88
N LYS A 3 17.72 -7.84 -7.13
CA LYS A 3 17.79 -6.43 -6.76
C LYS A 3 16.88 -6.20 -5.55
N ALA A 4 16.99 -5.00 -4.99
CA ALA A 4 16.19 -4.63 -3.84
C ALA A 4 15.09 -3.66 -4.27
N THR A 5 13.93 -4.24 -4.58
CA THR A 5 12.79 -3.43 -5.00
C THR A 5 11.52 -3.93 -4.33
N TYR A 6 10.49 -3.08 -4.36
CA TYR A 6 9.21 -3.42 -3.76
C TYR A 6 8.06 -3.01 -4.68
N THR A 7 7.04 -3.84 -4.69
CA THR A 7 5.86 -3.59 -5.51
C THR A 7 4.62 -3.44 -4.64
N VAL A 8 4.14 -2.21 -4.56
CA VAL A 8 2.95 -1.92 -3.75
C VAL A 8 1.74 -1.74 -4.68
N THR A 9 0.76 -2.61 -4.48
CA THR A 9 -0.44 -2.57 -5.28
C THR A 9 -1.64 -2.13 -4.43
N VAL A 10 -2.28 -1.06 -4.87
CA VAL A 10 -3.43 -0.53 -4.15
C VAL A 10 -4.66 -0.59 -5.07
N THR A 11 -5.70 -1.25 -4.58
CA THR A 11 -6.93 -1.39 -5.33
C THR A 11 -8.13 -1.04 -4.46
N ASN A 12 -9.12 -0.41 -5.09
CA ASN A 12 -10.33 -0.02 -4.37
C ASN A 12 -11.42 -1.06 -4.64
N ASN A 13 -11.92 -1.65 -3.56
CA ASN A 13 -12.96 -2.65 -3.65
C ASN A 13 -14.32 -1.95 -3.79
N SER A 14 -14.32 -0.67 -3.47
CA SER A 14 -15.54 0.12 -3.55
C SER A 14 -15.75 0.62 -4.98
N ASN A 15 -14.63 0.93 -5.63
CA ASN A 15 -14.69 1.41 -7.00
C ASN A 15 -14.10 0.35 -7.93
N GLY A 16 -13.51 -0.66 -7.32
CA GLY A 16 -12.91 -1.74 -8.08
C GLY A 16 -11.73 -1.23 -8.93
N VAL A 17 -11.17 -0.12 -8.50
CA VAL A 17 -10.05 0.48 -9.22
C VAL A 17 -8.75 -0.07 -8.65
N SER A 18 -7.96 -0.67 -9.52
CA SER A 18 -6.68 -1.25 -9.12
C SER A 18 -5.54 -0.35 -9.60
N VAL A 19 -4.49 -0.32 -8.79
CA VAL A 19 -3.33 0.50 -9.12
C VAL A 19 -2.08 -0.12 -8.48
N ASP A 20 -1.10 -0.38 -9.32
CA ASP A 20 0.15 -0.98 -8.85
C ASP A 20 1.31 -0.03 -9.18
N TYR A 21 2.24 0.05 -8.24
CA TYR A 21 3.40 0.90 -8.43
C TYR A 21 4.67 0.24 -7.88
N GLU A 22 5.69 0.21 -8.72
CA GLU A 22 6.96 -0.40 -8.34
C GLU A 22 7.88 0.64 -7.71
N THR A 23 8.15 0.45 -6.43
CA THR A 23 9.01 1.36 -5.70
C THR A 23 10.01 0.58 -4.83
N GLU A 24 11.29 0.79 -5.13
CA GLU A 24 12.35 0.11 -4.40
C GLU A 24 12.75 0.94 -3.18
N THR A 25 12.16 0.59 -2.04
CA THR A 25 12.45 1.29 -0.80
C THR A 25 12.70 0.28 0.32
N PRO A 26 13.94 0.34 0.88
CA PRO A 26 14.33 -0.55 1.96
C PRO A 26 13.68 -0.13 3.28
N MET A 27 14.40 0.71 4.01
CA MET A 27 13.90 1.20 5.28
C MET A 27 12.83 2.27 5.08
N THR A 28 12.93 2.96 3.96
CA THR A 28 11.97 4.01 3.64
C THR A 28 10.54 3.48 3.75
N LEU A 29 10.42 2.16 3.69
CA LEU A 29 9.12 1.52 3.80
C LEU A 29 8.53 1.79 5.18
N LEU A 30 9.40 1.72 6.18
CA LEU A 30 8.97 1.95 7.54
C LEU A 30 8.73 3.44 7.76
N VAL A 31 9.40 4.25 6.95
CA VAL A 31 9.27 5.68 7.05
C VAL A 31 7.81 6.07 6.77
N PRO A 32 7.28 6.97 7.64
CA PRO A 32 5.91 7.42 7.50
C PRO A 32 5.78 8.41 6.34
N GLU A 33 6.73 9.33 6.27
CA GLU A 33 6.73 10.34 5.23
C GLU A 33 6.75 9.67 3.85
N VAL A 34 7.48 8.57 3.77
CA VAL A 34 7.59 7.83 2.53
C VAL A 34 6.36 6.94 2.36
N ALA A 35 6.00 6.26 3.44
CA ALA A 35 4.85 5.37 3.43
C ALA A 35 3.60 6.19 3.12
N ALA A 36 3.49 7.34 3.78
CA ALA A 36 2.35 8.20 3.59
C ALA A 36 2.28 8.63 2.12
N GLU A 37 3.41 9.09 1.61
CA GLU A 37 3.49 9.52 0.23
C GLU A 37 3.17 8.36 -0.71
N VAL A 38 3.59 7.18 -0.29
CA VAL A 38 3.36 5.98 -1.09
C VAL A 38 1.86 5.65 -1.09
N ILE A 39 1.31 5.57 0.11
CA ILE A 39 -0.10 5.26 0.27
C ILE A 39 -0.93 6.34 -0.43
N LYS A 40 -0.53 7.58 -0.23
CA LYS A 40 -1.22 8.70 -0.83
C LYS A 40 -0.96 8.71 -2.33
N ASP A 41 0.29 8.43 -2.68
CA ASP A 41 0.68 8.40 -4.08
C ASP A 41 -0.19 7.38 -4.83
N LEU A 42 -0.36 6.22 -4.21
CA LEU A 42 -1.15 5.17 -4.80
C LEU A 42 -2.61 5.63 -4.92
N VAL A 43 -3.13 6.12 -3.81
CA VAL A 43 -4.50 6.61 -3.78
C VAL A 43 -4.66 7.76 -4.77
N ASN A 44 -3.71 8.68 -4.72
CA ASN A 44 -3.73 9.83 -5.60
C ASN A 44 -3.77 9.35 -7.05
N THR A 45 -3.08 8.25 -7.30
CA THR A 45 -3.03 7.68 -8.64
C THR A 45 -4.36 7.01 -8.99
N VAL A 46 -4.91 6.32 -8.00
CA VAL A 46 -6.19 5.64 -8.18
C VAL A 46 -7.27 6.67 -8.52
N ARG A 47 -7.25 7.77 -7.78
CA ARG A 47 -8.21 8.83 -7.99
C ARG A 47 -7.90 9.59 -9.28
N SER A 48 -6.62 9.56 -9.64
CA SER A 48 -6.17 10.24 -10.85
C SER A 48 -6.99 9.76 -12.05
N TYR A 49 -7.30 8.47 -12.04
CA TYR A 49 -8.07 7.88 -13.12
C TYR A 49 -9.54 8.30 -13.04
N ASP A 50 -9.95 8.66 -11.84
CA ASP A 50 -11.32 9.07 -11.62
C ASP A 50 -11.50 10.51 -12.11
N THR A 51 -10.57 11.36 -11.72
CA THR A 51 -10.61 12.76 -12.12
C THR A 51 -9.99 12.94 -13.51
N GLU A 52 -10.42 14.00 -14.18
CA GLU A 52 -9.93 14.29 -15.51
C GLU A 52 -10.65 13.43 -16.54
N ASN A 53 -10.56 12.13 -16.35
CA ASN A 53 -11.20 11.20 -17.26
C ASN A 53 -12.51 10.69 -16.64
N GLU A 54 -13.22 9.88 -17.41
CA GLU A 54 -14.48 9.33 -16.94
C GLU A 54 -15.11 10.26 -15.90
N HIS A 55 -15.81 11.26 -16.40
CA HIS A 55 -16.47 12.23 -15.54
C HIS A 55 -15.45 13.25 -15.05
N ASP A 56 -15.93 14.48 -14.85
CA ASP A 56 -15.08 15.55 -14.38
C ASP A 56 -14.99 15.50 -12.85
N VAL A 57 -13.94 16.11 -12.33
CA VAL A 57 -13.73 16.14 -10.90
C VAL A 57 -14.87 16.91 -10.23
N CYS A 58 -15.35 16.35 -9.11
CA CYS A 58 -16.44 16.98 -8.39
C CYS A 58 -16.33 16.54 -6.92
N GLY A 59 -16.66 15.28 -6.67
CA GLY A 59 -16.62 14.74 -5.34
C GLY A 59 -15.30 15.13 -4.64
N TRP A 60 -14.20 14.76 -5.26
CA TRP A 60 -12.89 15.06 -4.72
C TRP A 60 -12.88 16.54 -4.34
N MET B 1 -24.02 -5.81 -3.42
CA MET B 1 -22.57 -5.75 -3.33
C MET B 1 -22.07 -4.32 -3.51
N GLY B 2 -21.91 -3.64 -2.39
CA GLY B 2 -21.43 -2.27 -2.41
C GLY B 2 -20.79 -1.88 -1.07
N LYS B 3 -19.54 -2.29 -0.92
CA LYS B 3 -18.81 -1.99 0.30
C LYS B 3 -17.58 -1.14 -0.04
N ALA B 4 -17.14 -0.37 0.96
CA ALA B 4 -15.99 0.49 0.78
C ALA B 4 -14.77 -0.14 1.44
N THR B 5 -13.86 -0.63 0.60
CA THR B 5 -12.65 -1.26 1.10
C THR B 5 -11.49 -1.02 0.13
N TYR B 6 -10.29 -1.32 0.61
CA TYR B 6 -9.10 -1.14 -0.20
C TYR B 6 -8.15 -2.33 -0.04
N THR B 7 -7.48 -2.65 -1.14
CA THR B 7 -6.54 -3.76 -1.14
C THR B 7 -5.12 -3.26 -1.41
N VAL B 8 -4.31 -3.29 -0.36
CA VAL B 8 -2.93 -2.84 -0.47
C VAL B 8 -1.99 -4.05 -0.36
N THR B 9 -1.28 -4.30 -1.44
CA THR B 9 -0.36 -5.42 -1.48
C THR B 9 1.09 -4.91 -1.38
N VAL B 10 1.94 -5.76 -0.80
CA VAL B 10 3.33 -5.41 -0.64
C VAL B 10 4.20 -6.64 -0.93
N THR B 11 4.97 -6.54 -1.99
CA THR B 11 5.86 -7.63 -2.40
C THR B 11 7.30 -7.14 -2.50
N ASN B 12 8.19 -7.91 -1.89
CA ASN B 12 9.61 -7.57 -1.92
C ASN B 12 10.30 -8.35 -3.04
N ASN B 13 10.50 -7.66 -4.16
CA ASN B 13 11.15 -8.26 -5.31
C ASN B 13 12.55 -8.71 -4.91
N SER B 14 12.99 -8.24 -3.76
CA SER B 14 14.31 -8.59 -3.26
C SER B 14 14.28 -9.96 -2.60
N ASN B 15 13.16 -10.25 -1.95
CA ASN B 15 13.00 -11.52 -1.27
C ASN B 15 11.94 -12.36 -2.01
N GLY B 16 11.39 -11.75 -3.05
CA GLY B 16 10.37 -12.42 -3.85
C GLY B 16 9.15 -12.77 -3.00
N VAL B 17 9.09 -12.18 -1.83
CA VAL B 17 7.99 -12.42 -0.91
C VAL B 17 6.87 -11.40 -1.20
N SER B 18 5.65 -11.86 -1.04
CA SER B 18 4.49 -11.01 -1.28
C SER B 18 3.56 -11.04 -0.06
N VAL B 19 2.80 -9.97 0.09
CA VAL B 19 1.87 -9.86 1.20
C VAL B 19 0.73 -8.90 0.82
N ASP B 20 -0.48 -9.41 0.94
CA ASP B 20 -1.66 -8.62 0.60
C ASP B 20 -2.45 -8.34 1.88
N TYR B 21 -3.03 -7.15 1.94
CA TYR B 21 -3.81 -6.74 3.09
C TYR B 21 -5.05 -5.95 2.66
N GLU B 22 -6.19 -6.41 3.15
CA GLU B 22 -7.45 -5.75 2.83
C GLU B 22 -7.90 -4.86 3.99
N THR B 23 -7.90 -3.57 3.74
CA THR B 23 -8.31 -2.60 4.75
C THR B 23 -9.18 -1.51 4.13
N GLU B 24 -10.09 -0.99 4.94
CA GLU B 24 -10.99 0.05 4.50
C GLU B 24 -10.59 1.41 5.09
N THR B 25 -9.81 2.15 4.32
CA THR B 25 -9.34 3.46 4.77
C THR B 25 -9.52 4.49 3.66
N PRO B 26 -10.51 5.40 3.88
CA PRO B 26 -10.79 6.44 2.91
C PRO B 26 -9.73 7.53 2.96
N MET B 27 -9.92 8.46 3.89
CA MET B 27 -8.98 9.57 4.05
C MET B 27 -7.69 9.11 4.73
N THR B 28 -7.84 8.08 5.56
CA THR B 28 -6.70 7.54 6.28
C THR B 28 -5.58 7.20 5.31
N LEU B 29 -5.97 6.73 4.14
CA LEU B 29 -5.00 6.37 3.12
C LEU B 29 -4.02 7.53 2.91
N LEU B 30 -4.55 8.73 3.08
CA LEU B 30 -3.74 9.93 2.92
C LEU B 30 -2.96 10.19 4.21
N VAL B 31 -3.51 9.70 5.31
CA VAL B 31 -2.87 9.88 6.61
C VAL B 31 -1.53 9.15 6.62
N PRO B 32 -0.49 9.85 7.15
CA PRO B 32 0.84 9.28 7.22
C PRO B 32 0.93 8.24 8.34
N GLU B 33 0.34 8.59 9.48
CA GLU B 33 0.36 7.70 10.63
C GLU B 33 -0.33 6.38 10.28
N VAL B 34 -1.36 6.49 9.45
CA VAL B 34 -2.11 5.31 9.04
C VAL B 34 -1.37 4.62 7.90
N ALA B 35 -0.93 5.43 6.94
CA ALA B 35 -0.22 4.90 5.79
C ALA B 35 1.11 4.31 6.25
N ALA B 36 1.76 5.01 7.16
CA ALA B 36 3.03 4.56 7.70
C ALA B 36 2.85 3.18 8.33
N GLU B 37 1.82 3.06 9.14
CA GLU B 37 1.52 1.82 9.81
C GLU B 37 1.07 0.76 8.80
N VAL B 38 0.36 1.22 7.79
CA VAL B 38 -0.14 0.34 6.75
C VAL B 38 1.04 -0.17 5.92
N ILE B 39 1.99 0.72 5.68
CA ILE B 39 3.16 0.37 4.90
C ILE B 39 4.11 -0.47 5.76
N LYS B 40 4.28 -0.02 7.00
CA LYS B 40 5.15 -0.72 7.93
C LYS B 40 4.52 -2.06 8.30
N ASP B 41 3.22 -2.03 8.51
CA ASP B 41 2.49 -3.23 8.87
C ASP B 41 2.65 -4.27 7.76
N LEU B 42 2.49 -3.82 6.53
CA LEU B 42 2.62 -4.70 5.37
C LEU B 42 4.03 -5.28 5.35
N VAL B 43 5.01 -4.38 5.47
CA VAL B 43 6.40 -4.79 5.47
C VAL B 43 6.68 -5.68 6.68
N ASN B 44 6.19 -5.24 7.83
CA ASN B 44 6.37 -5.97 9.06
C ASN B 44 5.83 -7.39 8.89
N THR B 45 4.74 -7.49 8.15
CA THR B 45 4.12 -8.78 7.89
C THR B 45 4.97 -9.62 6.94
N VAL B 46 5.46 -8.95 5.90
CA VAL B 46 6.28 -9.61 4.90
C VAL B 46 7.55 -10.16 5.58
N ARG B 47 8.12 -9.33 6.44
CA ARG B 47 9.32 -9.72 7.16
C ARG B 47 8.99 -10.75 8.25
N SER B 48 7.75 -10.68 8.71
CA SER B 48 7.28 -11.59 9.75
C SER B 48 7.54 -13.03 9.33
N TYR B 49 7.38 -13.27 8.03
CA TYR B 49 7.59 -14.61 7.49
C TYR B 49 9.08 -14.96 7.47
N ASP B 50 9.91 -13.93 7.49
CA ASP B 50 11.35 -14.12 7.48
C ASP B 50 11.81 -14.55 8.87
N THR B 51 11.11 -14.04 9.88
CA THR B 51 11.43 -14.37 11.25
C THR B 51 10.62 -15.57 11.73
N GLU B 52 11.27 -16.42 12.51
CA GLU B 52 10.62 -17.60 13.04
C GLU B 52 9.28 -17.24 13.67
N ASN B 53 9.28 -16.11 14.37
CA ASN B 53 8.08 -15.64 15.02
C ASN B 53 7.15 -15.00 13.99
N GLU B 54 5.87 -15.36 14.07
CA GLU B 54 4.88 -14.85 13.15
C GLU B 54 3.87 -13.98 13.89
N HIS B 55 4.34 -13.39 15.00
CA HIS B 55 3.48 -12.53 15.80
C HIS B 55 3.85 -11.07 15.56
N ASP B 56 3.01 -10.40 14.79
CA ASP B 56 3.24 -9.00 14.48
C ASP B 56 2.11 -8.16 15.09
N VAL B 57 2.51 -7.04 15.67
CA VAL B 57 1.54 -6.15 16.29
C VAL B 57 0.60 -5.58 15.22
N CYS B 58 -0.67 -5.89 15.36
CA CYS B 58 -1.68 -5.43 14.42
C CYS B 58 -3.05 -5.58 15.06
N GLY B 59 -3.21 -4.92 16.21
CA GLY B 59 -4.47 -4.97 16.94
C GLY B 59 -4.80 -6.40 17.37
N TRP B 60 -5.16 -6.52 18.64
CA TRP B 60 -5.50 -7.83 19.18
C TRP B 60 -6.14 -7.61 20.56
N MET A 1 18.62 -11.63 -11.77
CA MET A 1 18.65 -10.26 -11.27
C MET A 1 18.05 -10.17 -9.87
N GLY A 2 18.94 -10.14 -8.88
CA GLY A 2 18.51 -10.07 -7.50
C GLY A 2 18.70 -8.65 -6.95
N LYS A 3 17.72 -7.81 -7.21
CA LYS A 3 17.76 -6.43 -6.76
C LYS A 3 16.82 -6.27 -5.56
N ALA A 4 16.92 -5.11 -4.92
CA ALA A 4 16.09 -4.82 -3.76
C ALA A 4 14.99 -3.84 -4.16
N THR A 5 13.85 -4.40 -4.52
CA THR A 5 12.71 -3.59 -4.93
C THR A 5 11.42 -4.11 -4.28
N TYR A 6 10.41 -3.26 -4.30
CA TYR A 6 9.12 -3.62 -3.73
C TYR A 6 7.97 -3.20 -4.64
N THR A 7 6.97 -4.05 -4.71
CA THR A 7 5.81 -3.77 -5.55
C THR A 7 4.57 -3.55 -4.67
N VAL A 8 4.12 -2.31 -4.64
CA VAL A 8 2.96 -1.95 -3.85
C VAL A 8 1.75 -1.81 -4.78
N THR A 9 0.67 -2.48 -4.40
CA THR A 9 -0.55 -2.44 -5.17
C THR A 9 -1.72 -1.97 -4.31
N VAL A 10 -2.38 -0.93 -4.76
CA VAL A 10 -3.52 -0.38 -4.03
C VAL A 10 -4.77 -0.45 -4.92
N THR A 11 -5.80 -1.08 -4.39
CA THR A 11 -7.04 -1.22 -5.11
C THR A 11 -8.23 -0.81 -4.23
N ASN A 12 -9.20 -0.17 -4.86
CA ASN A 12 -10.39 0.28 -4.15
C ASN A 12 -11.54 -0.69 -4.42
N ASN A 13 -11.77 -1.56 -3.46
CA ASN A 13 -12.84 -2.54 -3.58
C ASN A 13 -14.18 -1.82 -3.69
N SER A 14 -14.15 -0.53 -3.40
CA SER A 14 -15.35 0.28 -3.46
C SER A 14 -15.61 0.73 -4.90
N ASN A 15 -14.52 0.97 -5.61
CA ASN A 15 -14.61 1.40 -6.99
C ASN A 15 -14.10 0.28 -7.90
N GLY A 16 -13.66 -0.79 -7.27
CA GLY A 16 -13.16 -1.94 -8.01
C GLY A 16 -11.93 -1.55 -8.87
N VAL A 17 -11.40 -0.38 -8.56
CA VAL A 17 -10.24 0.13 -9.28
C VAL A 17 -8.96 -0.35 -8.58
N SER A 18 -8.00 -0.74 -9.41
CA SER A 18 -6.72 -1.22 -8.88
C SER A 18 -5.58 -0.32 -9.37
N VAL A 19 -4.49 -0.35 -8.63
CA VAL A 19 -3.33 0.46 -8.96
C VAL A 19 -2.07 -0.19 -8.38
N ASP A 20 -1.12 -0.46 -9.26
CA ASP A 20 0.13 -1.08 -8.84
C ASP A 20 1.30 -0.14 -9.18
N TYR A 21 2.23 -0.05 -8.25
CA TYR A 21 3.40 0.79 -8.43
C TYR A 21 4.66 0.14 -7.87
N GLU A 22 5.67 0.08 -8.72
CA GLU A 22 6.94 -0.53 -8.32
C GLU A 22 7.86 0.52 -7.69
N THR A 23 8.11 0.36 -6.41
CA THR A 23 8.96 1.28 -5.68
C THR A 23 9.90 0.51 -4.76
N GLU A 24 11.20 0.70 -5.00
CA GLU A 24 12.22 0.03 -4.21
C GLU A 24 12.56 0.88 -2.98
N THR A 25 11.94 0.55 -1.87
CA THR A 25 12.16 1.27 -0.62
C THR A 25 12.40 0.29 0.52
N PRO A 26 13.65 0.32 1.06
CA PRO A 26 14.02 -0.57 2.16
C PRO A 26 13.40 -0.08 3.47
N MET A 27 14.13 0.80 4.14
CA MET A 27 13.67 1.35 5.40
C MET A 27 12.54 2.36 5.19
N THR A 28 12.56 2.98 4.02
CA THR A 28 11.54 3.96 3.68
C THR A 28 10.14 3.38 3.90
N LEU A 29 10.03 2.08 3.66
CA LEU A 29 8.77 1.39 3.84
C LEU A 29 8.23 1.66 5.24
N LEU A 30 9.15 1.72 6.19
CA LEU A 30 8.79 1.97 7.58
C LEU A 30 8.58 3.47 7.79
N VAL A 31 9.22 4.24 6.91
CA VAL A 31 9.11 5.69 6.99
C VAL A 31 7.67 6.12 6.70
N PRO A 32 7.17 7.05 7.54
CA PRO A 32 5.81 7.54 7.38
C PRO A 32 5.72 8.52 6.20
N GLU A 33 6.72 9.37 6.09
CA GLU A 33 6.77 10.35 5.02
C GLU A 33 6.74 9.64 3.66
N VAL A 34 7.45 8.52 3.60
CA VAL A 34 7.51 7.74 2.36
C VAL A 34 6.26 6.87 2.26
N ALA A 35 5.92 6.23 3.36
CA ALA A 35 4.75 5.36 3.40
C ALA A 35 3.50 6.19 3.10
N ALA A 36 3.40 7.32 3.79
CA ALA A 36 2.26 8.20 3.61
C ALA A 36 2.18 8.64 2.15
N GLU A 37 3.32 9.09 1.64
CA GLU A 37 3.39 9.53 0.26
C GLU A 37 3.11 8.36 -0.69
N VAL A 38 3.53 7.18 -0.28
CA VAL A 38 3.32 5.98 -1.08
C VAL A 38 1.84 5.64 -1.10
N ILE A 39 1.25 5.63 0.10
CA ILE A 39 -0.17 5.31 0.23
C ILE A 39 -0.99 6.39 -0.48
N LYS A 40 -0.63 7.64 -0.19
CA LYS A 40 -1.34 8.77 -0.80
C LYS A 40 -1.08 8.77 -2.30
N ASP A 41 0.17 8.56 -2.67
CA ASP A 41 0.56 8.54 -4.07
C ASP A 41 -0.27 7.48 -4.80
N LEU A 42 -0.39 6.33 -4.17
CA LEU A 42 -1.15 5.23 -4.75
C LEU A 42 -2.62 5.63 -4.86
N VAL A 43 -3.17 6.07 -3.74
CA VAL A 43 -4.56 6.49 -3.70
C VAL A 43 -4.78 7.61 -4.71
N ASN A 44 -3.88 8.60 -4.66
CA ASN A 44 -3.97 9.73 -5.56
C ASN A 44 -3.99 9.23 -7.00
N THR A 45 -3.25 8.15 -7.23
CA THR A 45 -3.17 7.57 -8.56
C THR A 45 -4.47 6.83 -8.89
N VAL A 46 -4.95 6.08 -7.91
CA VAL A 46 -6.18 5.32 -8.09
C VAL A 46 -7.33 6.28 -8.39
N ARG A 47 -7.33 7.40 -7.67
CA ARG A 47 -8.37 8.40 -7.86
C ARG A 47 -8.15 9.16 -9.17
N SER A 48 -6.87 9.28 -9.54
CA SER A 48 -6.52 9.98 -10.76
C SER A 48 -7.26 9.37 -11.95
N TYR A 49 -7.48 8.06 -11.86
CA TYR A 49 -8.17 7.35 -12.92
C TYR A 49 -9.66 7.70 -12.93
N ASP A 50 -10.15 8.12 -11.77
CA ASP A 50 -11.54 8.49 -11.64
C ASP A 50 -11.82 9.73 -12.51
N THR A 51 -10.85 10.62 -12.53
CA THR A 51 -10.98 11.84 -13.31
C THR A 51 -10.24 11.71 -14.64
N GLU A 52 -10.42 12.72 -15.48
CA GLU A 52 -9.78 12.72 -16.79
C GLU A 52 -8.32 13.16 -16.66
N ASN A 53 -8.06 13.98 -15.64
CA ASN A 53 -6.72 14.48 -15.40
C ASN A 53 -6.09 13.71 -14.23
N GLU A 54 -4.84 13.33 -14.42
CA GLU A 54 -4.12 12.60 -13.39
C GLU A 54 -2.96 13.43 -12.86
N HIS A 55 -3.29 14.66 -12.46
CA HIS A 55 -2.29 15.56 -11.93
C HIS A 55 -2.92 16.46 -10.87
N ASP A 56 -3.96 17.17 -11.28
CA ASP A 56 -4.66 18.07 -10.38
C ASP A 56 -6.00 17.46 -10.01
N VAL A 57 -6.33 17.55 -8.73
CA VAL A 57 -7.59 17.00 -8.23
C VAL A 57 -8.63 18.13 -8.18
N CYS A 58 -9.89 17.71 -8.22
CA CYS A 58 -10.99 18.66 -8.18
C CYS A 58 -12.27 17.90 -7.83
N GLY A 59 -12.46 16.77 -8.50
CA GLY A 59 -13.64 15.96 -8.27
C GLY A 59 -13.36 14.89 -7.20
N TRP A 60 -12.27 14.17 -7.40
CA TRP A 60 -11.89 13.12 -6.46
C TRP A 60 -10.49 13.47 -5.93
N MET B 1 -22.40 -6.03 -1.16
CA MET B 1 -22.31 -5.23 -2.37
C MET B 1 -22.33 -3.73 -2.05
N GLY B 2 -21.49 -3.00 -2.76
CA GLY B 2 -21.41 -1.57 -2.55
C GLY B 2 -20.77 -1.23 -1.20
N LYS B 3 -19.58 -1.78 -0.99
CA LYS B 3 -18.86 -1.56 0.25
C LYS B 3 -17.59 -0.75 -0.04
N ALA B 4 -17.14 -0.04 0.98
CA ALA B 4 -15.95 0.79 0.85
C ALA B 4 -14.77 0.09 1.53
N THR B 5 -13.86 -0.42 0.70
CA THR B 5 -12.70 -1.11 1.21
C THR B 5 -11.50 -0.89 0.28
N TYR B 6 -10.32 -1.18 0.81
CA TYR B 6 -9.10 -1.02 0.05
C TYR B 6 -8.16 -2.21 0.26
N THR B 7 -7.42 -2.54 -0.79
CA THR B 7 -6.49 -3.65 -0.73
C THR B 7 -5.08 -3.17 -1.08
N VAL B 8 -4.24 -3.12 -0.07
CA VAL B 8 -2.86 -2.69 -0.25
C VAL B 8 -1.94 -3.91 -0.25
N THR B 9 -1.37 -4.19 -1.41
CA THR B 9 -0.47 -5.32 -1.56
C THR B 9 0.99 -4.87 -1.45
N VAL B 10 1.80 -5.72 -0.84
CA VAL B 10 3.21 -5.42 -0.67
C VAL B 10 4.04 -6.68 -0.92
N THR B 11 4.82 -6.63 -1.99
CA THR B 11 5.66 -7.76 -2.35
C THR B 11 7.11 -7.31 -2.54
N ASN B 12 8.02 -8.10 -2.00
CA ASN B 12 9.44 -7.80 -2.11
C ASN B 12 10.05 -8.58 -3.27
N ASN B 13 10.55 -7.83 -4.25
CA ASN B 13 11.15 -8.45 -5.42
C ASN B 13 12.57 -8.91 -5.07
N SER B 14 13.03 -8.48 -3.91
CA SER B 14 14.36 -8.84 -3.45
C SER B 14 14.35 -10.26 -2.87
N ASN B 15 13.26 -10.57 -2.17
CA ASN B 15 13.11 -11.88 -1.57
C ASN B 15 11.98 -12.64 -2.26
N GLY B 16 11.25 -11.91 -3.10
CA GLY B 16 10.14 -12.49 -3.83
C GLY B 16 8.96 -12.79 -2.90
N VAL B 17 9.01 -12.20 -1.72
CA VAL B 17 7.97 -12.38 -0.73
C VAL B 17 6.81 -11.45 -1.04
N SER B 18 5.62 -12.03 -1.17
CA SER B 18 4.43 -11.26 -1.46
C SER B 18 3.50 -11.24 -0.24
N VAL B 19 2.80 -10.13 -0.08
CA VAL B 19 1.88 -9.98 1.03
C VAL B 19 0.78 -8.98 0.65
N ASP B 20 -0.46 -9.39 0.89
CA ASP B 20 -1.59 -8.55 0.57
C ASP B 20 -2.41 -8.31 1.84
N TYR B 21 -2.98 -7.12 1.92
CA TYR B 21 -3.79 -6.76 3.08
C TYR B 21 -5.01 -5.93 2.65
N GLU B 22 -6.17 -6.38 3.12
CA GLU B 22 -7.42 -5.70 2.79
C GLU B 22 -7.87 -4.83 3.97
N THR B 23 -7.88 -3.53 3.73
CA THR B 23 -8.29 -2.59 4.76
C THR B 23 -9.18 -1.51 4.17
N GLU B 24 -10.08 -1.00 5.00
CA GLU B 24 -11.01 0.03 4.58
C GLU B 24 -10.62 1.38 5.18
N THR B 25 -9.85 2.14 4.41
CA THR B 25 -9.41 3.45 4.86
C THR B 25 -9.61 4.49 3.75
N PRO B 26 -10.60 5.39 3.98
CA PRO B 26 -10.91 6.43 3.01
C PRO B 26 -9.85 7.54 3.05
N MET B 27 -10.04 8.46 3.97
CA MET B 27 -9.12 9.57 4.12
C MET B 27 -7.83 9.13 4.81
N THR B 28 -7.97 8.11 5.65
CA THR B 28 -6.83 7.57 6.37
C THR B 28 -5.68 7.24 5.41
N LEU B 29 -6.07 6.77 4.22
CA LEU B 29 -5.09 6.42 3.21
C LEU B 29 -4.14 7.59 2.99
N LEU B 30 -4.68 8.79 3.11
CA LEU B 30 -3.89 10.00 2.94
C LEU B 30 -3.09 10.27 4.22
N VAL B 31 -3.64 9.80 5.33
CA VAL B 31 -2.99 9.98 6.62
C VAL B 31 -1.66 9.24 6.62
N PRO B 32 -0.61 9.94 7.13
CA PRO B 32 0.72 9.37 7.20
C PRO B 32 0.81 8.34 8.34
N GLU B 33 0.22 8.69 9.47
CA GLU B 33 0.23 7.83 10.64
C GLU B 33 -0.46 6.50 10.30
N VAL B 34 -1.49 6.59 9.47
CA VAL B 34 -2.24 5.42 9.07
C VAL B 34 -1.50 4.71 7.93
N ALA B 35 -1.09 5.51 6.96
CA ALA B 35 -0.37 4.97 5.82
C ALA B 35 0.96 4.37 6.28
N ALA B 36 1.63 5.10 7.16
CA ALA B 36 2.90 4.65 7.69
C ALA B 36 2.72 3.28 8.34
N GLU B 37 1.69 3.19 9.16
CA GLU B 37 1.40 1.94 9.85
C GLU B 37 1.00 0.86 8.85
N VAL B 38 0.32 1.29 7.81
CA VAL B 38 -0.13 0.37 6.77
C VAL B 38 1.08 -0.17 6.02
N ILE B 39 1.95 0.75 5.62
CA ILE B 39 3.15 0.37 4.89
C ILE B 39 4.06 -0.46 5.80
N LYS B 40 4.23 0.03 7.02
CA LYS B 40 5.06 -0.66 7.99
C LYS B 40 4.40 -1.99 8.37
N ASP B 41 3.09 -1.94 8.53
CA ASP B 41 2.34 -3.13 8.88
C ASP B 41 2.53 -4.20 7.80
N LEU B 42 2.44 -3.76 6.56
CA LEU B 42 2.60 -4.66 5.43
C LEU B 42 4.02 -5.22 5.43
N VAL B 43 4.98 -4.32 5.58
CA VAL B 43 6.38 -4.71 5.60
C VAL B 43 6.64 -5.59 6.83
N ASN B 44 6.08 -5.16 7.95
CA ASN B 44 6.24 -5.90 9.19
C ASN B 44 5.77 -7.34 8.99
N THR B 45 4.70 -7.47 8.21
CA THR B 45 4.13 -8.79 7.94
C THR B 45 5.03 -9.55 6.97
N VAL B 46 5.50 -8.84 5.95
CA VAL B 46 6.36 -9.44 4.96
C VAL B 46 7.64 -9.97 5.63
N ARG B 47 8.13 -9.17 6.56
CA ARG B 47 9.34 -9.54 7.29
C ARG B 47 9.04 -10.66 8.28
N SER B 48 7.81 -10.66 8.76
CA SER B 48 7.39 -11.68 9.72
C SER B 48 7.68 -13.07 9.18
N TYR B 49 7.30 -13.28 7.92
CA TYR B 49 7.53 -14.56 7.27
C TYR B 49 9.01 -14.78 6.97
N ASP B 50 9.72 -13.67 6.82
CA ASP B 50 11.14 -13.71 6.53
C ASP B 50 11.89 -14.23 7.76
N THR B 51 11.33 -13.91 8.92
CA THR B 51 11.94 -14.34 10.17
C THR B 51 11.15 -15.51 10.78
N GLU B 52 11.81 -16.21 11.68
CA GLU B 52 11.18 -17.36 12.34
C GLU B 52 10.14 -16.87 13.35
N ASN B 53 10.32 -15.65 13.81
CA ASN B 53 9.41 -15.06 14.78
C ASN B 53 8.63 -13.92 14.12
N GLU B 54 7.33 -13.93 14.35
CA GLU B 54 6.47 -12.90 13.80
C GLU B 54 5.95 -11.97 14.90
N HIS B 55 5.81 -10.70 14.54
CA HIS B 55 5.33 -9.71 15.48
C HIS B 55 4.29 -8.82 14.81
N ASP B 56 3.04 -9.01 15.22
CA ASP B 56 1.94 -8.23 14.66
C ASP B 56 1.32 -7.37 15.76
N VAL B 57 1.08 -6.12 15.44
CA VAL B 57 0.49 -5.19 16.38
C VAL B 57 -0.98 -4.99 16.05
N CYS B 58 -1.74 -4.60 17.06
CA CYS B 58 -3.17 -4.37 16.88
C CYS B 58 -3.82 -5.70 16.46
N GLY B 59 -5.13 -5.76 16.63
CA GLY B 59 -5.88 -6.95 16.28
C GLY B 59 -5.68 -8.05 17.33
N TRP B 60 -6.74 -8.26 18.10
CA TRP B 60 -6.70 -9.27 19.14
C TRP B 60 -8.10 -9.38 19.76
N MET A 1 18.52 -10.12 -11.21
CA MET A 1 17.81 -11.26 -10.66
C MET A 1 17.54 -11.06 -9.15
N GLY A 2 18.57 -10.60 -8.46
CA GLY A 2 18.45 -10.37 -7.03
C GLY A 2 18.63 -8.88 -6.70
N LYS A 3 17.58 -8.12 -6.98
CA LYS A 3 17.60 -6.69 -6.71
C LYS A 3 16.75 -6.39 -5.49
N ALA A 4 16.89 -5.17 -4.99
CA ALA A 4 16.14 -4.75 -3.82
C ALA A 4 15.04 -3.78 -4.25
N THR A 5 13.86 -4.33 -4.48
CA THR A 5 12.72 -3.54 -4.90
C THR A 5 11.44 -4.07 -4.25
N TYR A 6 10.46 -3.17 -4.14
CA TYR A 6 9.18 -3.53 -3.55
C TYR A 6 8.02 -3.10 -4.44
N THR A 7 7.02 -3.98 -4.53
CA THR A 7 5.86 -3.69 -5.35
C THR A 7 4.62 -3.50 -4.47
N VAL A 8 4.12 -2.28 -4.45
CA VAL A 8 2.95 -1.95 -3.66
C VAL A 8 1.74 -1.80 -4.58
N THR A 9 0.73 -2.62 -4.34
CA THR A 9 -0.49 -2.58 -5.14
C THR A 9 -1.67 -2.10 -4.29
N VAL A 10 -2.31 -1.05 -4.77
CA VAL A 10 -3.45 -0.49 -4.06
C VAL A 10 -4.68 -0.53 -4.98
N THR A 11 -5.71 -1.22 -4.52
CA THR A 11 -6.93 -1.33 -5.30
C THR A 11 -8.14 -0.97 -4.42
N ASN A 12 -9.13 -0.36 -5.06
CA ASN A 12 -10.34 0.03 -4.36
C ASN A 12 -11.44 -0.99 -4.63
N ASN A 13 -11.95 -1.56 -3.55
CA ASN A 13 -13.01 -2.55 -3.66
C ASN A 13 -14.36 -1.85 -3.80
N SER A 14 -14.34 -0.56 -3.49
CA SER A 14 -15.55 0.24 -3.58
C SER A 14 -15.76 0.71 -5.02
N ASN A 15 -14.65 1.01 -5.67
CA ASN A 15 -14.70 1.48 -7.05
C ASN A 15 -14.12 0.41 -7.97
N GLY A 16 -13.49 -0.59 -7.34
CA GLY A 16 -12.88 -1.68 -8.09
C GLY A 16 -11.71 -1.18 -8.93
N VAL A 17 -11.16 -0.05 -8.51
CA VAL A 17 -10.04 0.55 -9.22
C VAL A 17 -8.73 -0.01 -8.64
N SER A 18 -7.96 -0.65 -9.51
CA SER A 18 -6.70 -1.22 -9.11
C SER A 18 -5.54 -0.36 -9.61
N VAL A 19 -4.50 -0.26 -8.79
CA VAL A 19 -3.34 0.52 -9.14
C VAL A 19 -2.12 -0.03 -8.41
N ASP A 20 -1.10 -0.36 -9.18
CA ASP A 20 0.14 -0.89 -8.62
C ASP A 20 1.31 0.01 -9.00
N TYR A 21 2.25 0.12 -8.08
CA TYR A 21 3.42 0.95 -8.30
C TYR A 21 4.68 0.27 -7.77
N GLU A 22 5.69 0.20 -8.63
CA GLU A 22 6.95 -0.42 -8.27
C GLU A 22 7.92 0.64 -7.74
N THR A 23 8.24 0.52 -6.46
CA THR A 23 9.16 1.45 -5.83
C THR A 23 10.15 0.70 -4.94
N GLU A 24 11.42 0.97 -5.19
CA GLU A 24 12.49 0.33 -4.41
C GLU A 24 12.82 1.16 -3.18
N THR A 25 12.22 0.78 -2.06
CA THR A 25 12.45 1.47 -0.81
C THR A 25 12.72 0.48 0.31
N PRO A 26 13.97 0.56 0.86
CA PRO A 26 14.38 -0.32 1.95
C PRO A 26 13.72 0.09 3.26
N MET A 27 14.40 0.98 3.97
CA MET A 27 13.91 1.47 5.25
C MET A 27 12.73 2.42 5.06
N THR A 28 12.72 3.07 3.90
CA THR A 28 11.66 4.01 3.58
C THR A 28 10.30 3.37 3.80
N LEU A 29 10.28 2.05 3.70
CA LEU A 29 9.04 1.31 3.88
C LEU A 29 8.48 1.60 5.28
N LEU A 30 9.38 1.63 6.25
CA LEU A 30 9.00 1.90 7.62
C LEU A 30 8.75 3.40 7.80
N VAL A 31 9.41 4.18 6.95
CA VAL A 31 9.27 5.62 7.00
C VAL A 31 7.81 6.01 6.74
N PRO A 32 7.30 6.94 7.59
CA PRO A 32 5.92 7.39 7.46
C PRO A 32 5.79 8.35 6.27
N GLU A 33 6.74 9.26 6.16
CA GLU A 33 6.72 10.23 5.07
C GLU A 33 6.77 9.52 3.72
N VAL A 34 7.51 8.42 3.69
CA VAL A 34 7.65 7.64 2.47
C VAL A 34 6.41 6.75 2.30
N ALA A 35 6.01 6.13 3.40
CA ALA A 35 4.86 5.25 3.39
C ALA A 35 3.60 6.08 3.07
N ALA A 36 3.50 7.21 3.74
CA ALA A 36 2.36 8.10 3.55
C ALA A 36 2.31 8.53 2.08
N GLU A 37 3.45 8.98 1.58
CA GLU A 37 3.55 9.43 0.21
C GLU A 37 3.20 8.28 -0.74
N VAL A 38 3.59 7.08 -0.34
CA VAL A 38 3.33 5.90 -1.15
C VAL A 38 1.83 5.60 -1.14
N ILE A 39 1.27 5.54 0.06
CA ILE A 39 -0.14 5.26 0.21
C ILE A 39 -0.95 6.37 -0.47
N LYS A 40 -0.50 7.60 -0.27
CA LYS A 40 -1.17 8.74 -0.87
C LYS A 40 -0.92 8.76 -2.37
N ASP A 41 0.32 8.44 -2.72
CA ASP A 41 0.70 8.41 -4.13
C ASP A 41 -0.17 7.40 -4.87
N LEU A 42 -0.34 6.24 -4.26
CA LEU A 42 -1.14 5.19 -4.85
C LEU A 42 -2.59 5.67 -4.97
N VAL A 43 -3.11 6.16 -3.86
CA VAL A 43 -4.48 6.65 -3.81
C VAL A 43 -4.62 7.81 -4.80
N ASN A 44 -3.67 8.73 -4.74
CA ASN A 44 -3.68 9.88 -5.63
C ASN A 44 -3.73 9.41 -7.08
N THR A 45 -3.04 8.31 -7.33
CA THR A 45 -3.00 7.74 -8.67
C THR A 45 -4.32 7.05 -9.00
N VAL A 46 -4.88 6.39 -7.99
CA VAL A 46 -6.13 5.69 -8.17
C VAL A 46 -7.22 6.69 -8.55
N ARG A 47 -7.24 7.80 -7.83
CA ARG A 47 -8.23 8.84 -8.09
C ARG A 47 -7.89 9.58 -9.39
N SER A 48 -6.60 9.64 -9.68
CA SER A 48 -6.13 10.31 -10.88
C SER A 48 -6.84 9.72 -12.10
N TYR A 49 -7.09 8.43 -12.04
CA TYR A 49 -7.76 7.74 -13.14
C TYR A 49 -9.25 8.07 -13.18
N ASP A 50 -9.80 8.30 -11.99
CA ASP A 50 -11.21 8.63 -11.88
C ASP A 50 -11.41 10.11 -12.22
N THR A 51 -10.57 10.94 -11.63
CA THR A 51 -10.64 12.37 -11.85
C THR A 51 -10.04 12.73 -13.22
N GLU A 52 -10.60 13.78 -13.81
CA GLU A 52 -10.14 14.23 -15.11
C GLU A 52 -10.65 13.29 -16.21
N ASN A 53 -10.24 12.04 -16.11
CA ASN A 53 -10.65 11.03 -17.09
C ASN A 53 -12.09 10.60 -16.79
N GLU A 54 -12.62 9.78 -17.68
CA GLU A 54 -13.98 9.29 -17.53
C GLU A 54 -14.20 8.75 -16.12
N HIS A 55 -15.46 8.60 -15.76
CA HIS A 55 -15.82 8.09 -14.46
C HIS A 55 -15.08 8.88 -13.37
N ASP A 56 -15.79 9.83 -12.79
CA ASP A 56 -15.22 10.66 -11.75
C ASP A 56 -15.89 10.33 -10.41
N VAL A 57 -15.05 10.19 -9.39
CA VAL A 57 -15.54 9.87 -8.06
C VAL A 57 -16.40 11.02 -7.55
N CYS A 58 -17.67 10.72 -7.32
CA CYS A 58 -18.60 11.71 -6.83
C CYS A 58 -18.24 12.05 -5.39
N GLY A 59 -17.34 13.03 -5.24
CA GLY A 59 -16.90 13.45 -3.92
C GLY A 59 -15.45 13.94 -3.96
N TRP A 60 -14.65 13.40 -3.07
CA TRP A 60 -13.25 13.77 -2.98
C TRP A 60 -13.17 15.29 -2.95
N MET B 1 -20.56 -6.30 -2.58
CA MET B 1 -21.19 -5.74 -3.75
C MET B 1 -21.12 -4.20 -3.71
N GLY B 2 -21.49 -3.66 -2.57
CA GLY B 2 -21.49 -2.21 -2.40
C GLY B 2 -20.85 -1.82 -1.06
N LYS B 3 -19.59 -2.19 -0.92
CA LYS B 3 -18.86 -1.89 0.30
C LYS B 3 -17.62 -1.04 -0.04
N ALA B 4 -17.18 -0.28 0.95
CA ALA B 4 -16.01 0.57 0.76
C ALA B 4 -14.80 -0.08 1.44
N THR B 5 -13.90 -0.57 0.59
CA THR B 5 -12.69 -1.22 1.08
C THR B 5 -11.53 -0.97 0.12
N TYR B 6 -10.33 -1.27 0.61
CA TYR B 6 -9.13 -1.09 -0.19
C TYR B 6 -8.18 -2.28 -0.04
N THR B 7 -7.53 -2.63 -1.13
CA THR B 7 -6.60 -3.74 -1.13
C THR B 7 -5.16 -3.23 -1.34
N VAL B 8 -4.39 -3.29 -0.28
CA VAL B 8 -3.00 -2.83 -0.33
C VAL B 8 -2.07 -4.06 -0.25
N THR B 9 -1.37 -4.28 -1.35
CA THR B 9 -0.45 -5.40 -1.42
C THR B 9 1.00 -4.91 -1.29
N VAL B 10 1.82 -5.75 -0.68
CA VAL B 10 3.23 -5.42 -0.49
C VAL B 10 4.08 -6.67 -0.73
N THR B 11 4.89 -6.61 -1.78
CA THR B 11 5.76 -7.71 -2.13
C THR B 11 7.20 -7.23 -2.27
N ASN B 12 8.11 -8.01 -1.70
CA ASN B 12 9.52 -7.67 -1.76
C ASN B 12 10.17 -8.46 -2.91
N ASN B 13 10.70 -7.71 -3.87
CA ASN B 13 11.35 -8.31 -5.01
C ASN B 13 12.74 -8.80 -4.61
N SER B 14 13.19 -8.34 -3.45
CA SER B 14 14.49 -8.72 -2.93
C SER B 14 14.39 -10.08 -2.23
N ASN B 15 13.26 -10.29 -1.57
CA ASN B 15 13.03 -11.54 -0.87
C ASN B 15 11.97 -12.35 -1.60
N GLY B 16 11.40 -11.74 -2.62
CA GLY B 16 10.36 -12.40 -3.42
C GLY B 16 9.16 -12.76 -2.55
N VAL B 17 9.08 -12.11 -1.39
CA VAL B 17 7.99 -12.35 -0.47
C VAL B 17 6.84 -11.40 -0.79
N SER B 18 5.66 -11.99 -0.97
CA SER B 18 4.47 -11.20 -1.27
C SER B 18 3.49 -11.26 -0.10
N VAL B 19 2.78 -10.15 0.08
CA VAL B 19 1.81 -10.06 1.15
C VAL B 19 0.72 -9.06 0.77
N ASP B 20 -0.52 -9.48 0.97
CA ASP B 20 -1.66 -8.63 0.65
C ASP B 20 -2.49 -8.39 1.92
N TYR B 21 -3.04 -7.19 2.01
CA TYR B 21 -3.85 -6.82 3.15
C TYR B 21 -5.07 -6.00 2.72
N GLU B 22 -6.23 -6.43 3.18
CA GLU B 22 -7.47 -5.76 2.85
C GLU B 22 -7.90 -4.86 4.01
N THR B 23 -7.90 -3.57 3.74
CA THR B 23 -8.30 -2.59 4.75
C THR B 23 -9.19 -1.51 4.14
N GLU B 24 -10.06 -0.96 4.97
CA GLU B 24 -10.98 0.07 4.53
C GLU B 24 -10.58 1.42 5.12
N THR B 25 -9.81 2.17 4.34
CA THR B 25 -9.36 3.48 4.77
C THR B 25 -9.54 4.51 3.66
N PRO B 26 -10.54 5.42 3.86
CA PRO B 26 -10.83 6.45 2.88
C PRO B 26 -9.77 7.55 2.92
N MET B 27 -9.96 8.48 3.84
CA MET B 27 -9.03 9.59 3.99
C MET B 27 -7.74 9.13 4.67
N THR B 28 -7.88 8.13 5.52
CA THR B 28 -6.74 7.60 6.24
C THR B 28 -5.60 7.25 5.27
N LEU B 29 -6.00 6.78 4.10
CA LEU B 29 -5.03 6.41 3.09
C LEU B 29 -4.06 7.57 2.86
N LEU B 30 -4.59 8.78 3.02
CA LEU B 30 -3.78 9.98 2.84
C LEU B 30 -3.00 10.25 4.12
N VAL B 31 -3.54 9.76 5.23
CA VAL B 31 -2.90 9.94 6.52
C VAL B 31 -1.57 9.19 6.54
N PRO B 32 -0.52 9.89 7.05
CA PRO B 32 0.81 9.30 7.14
C PRO B 32 0.89 8.29 8.28
N GLU B 33 0.30 8.67 9.40
CA GLU B 33 0.29 7.81 10.58
C GLU B 33 -0.40 6.48 10.26
N VAL B 34 -1.42 6.56 9.42
CA VAL B 34 -2.17 5.40 9.03
C VAL B 34 -1.43 4.67 7.90
N ALA B 35 -0.99 5.46 6.92
CA ALA B 35 -0.27 4.92 5.79
C ALA B 35 1.05 4.33 6.26
N ALA B 36 1.71 5.08 7.13
CA ALA B 36 3.00 4.65 7.67
C ALA B 36 2.83 3.28 8.35
N GLU B 37 1.80 3.18 9.16
CA GLU B 37 1.51 1.94 9.87
C GLU B 37 1.09 0.86 8.88
N VAL B 38 0.39 1.28 7.84
CA VAL B 38 -0.07 0.35 6.82
C VAL B 38 1.13 -0.23 6.07
N ILE B 39 2.00 0.68 5.64
CA ILE B 39 3.20 0.28 4.92
C ILE B 39 4.08 -0.57 5.84
N LYS B 40 4.34 -0.03 7.02
CA LYS B 40 5.16 -0.73 7.99
C LYS B 40 4.49 -2.05 8.38
N ASP B 41 3.19 -1.97 8.60
CA ASP B 41 2.42 -3.14 8.97
C ASP B 41 2.57 -4.22 7.89
N LEU B 42 2.45 -3.77 6.65
CA LEU B 42 2.58 -4.68 5.52
C LEU B 42 3.99 -5.26 5.49
N VAL B 43 4.96 -4.38 5.57
CA VAL B 43 6.35 -4.79 5.55
C VAL B 43 6.64 -5.68 6.76
N ASN B 44 6.15 -5.23 7.91
CA ASN B 44 6.35 -5.96 9.15
C ASN B 44 5.80 -7.38 8.98
N THR B 45 4.71 -7.47 8.23
CA THR B 45 4.09 -8.77 7.98
C THR B 45 4.90 -9.57 6.97
N VAL B 46 5.37 -8.87 5.95
CA VAL B 46 6.16 -9.50 4.90
C VAL B 46 7.44 -10.07 5.52
N ARG B 47 8.01 -9.31 6.44
CA ARG B 47 9.23 -9.72 7.11
C ARG B 47 8.93 -10.83 8.13
N SER B 48 7.72 -10.78 8.66
CA SER B 48 7.29 -11.77 9.64
C SER B 48 7.48 -13.18 9.07
N TYR B 49 7.13 -13.32 7.80
CA TYR B 49 7.25 -14.60 7.13
C TYR B 49 8.72 -14.96 6.90
N ASP B 50 9.53 -13.93 6.77
CA ASP B 50 10.95 -14.12 6.54
C ASP B 50 11.58 -14.81 7.76
N THR B 51 11.45 -14.15 8.91
CA THR B 51 11.99 -14.70 10.14
C THR B 51 11.06 -15.76 10.71
N GLU B 52 11.49 -16.37 11.81
CA GLU B 52 10.71 -17.41 12.45
C GLU B 52 9.83 -16.80 13.54
N ASN B 53 9.49 -15.53 13.34
CA ASN B 53 8.65 -14.83 14.30
C ASN B 53 7.27 -14.59 13.68
N GLU B 54 6.37 -14.10 14.52
CA GLU B 54 5.01 -13.83 14.06
C GLU B 54 4.49 -12.55 14.71
N HIS B 55 3.35 -12.08 14.19
CA HIS B 55 2.73 -10.88 14.71
C HIS B 55 1.22 -10.96 14.55
N ASP B 56 0.54 -10.00 15.16
CA ASP B 56 -0.92 -9.97 15.09
C ASP B 56 -1.36 -8.64 14.45
N VAL B 57 -2.50 -8.69 13.79
CA VAL B 57 -3.04 -7.52 13.13
C VAL B 57 -4.20 -6.96 13.96
N CYS B 58 -4.46 -5.68 13.78
CA CYS B 58 -5.54 -5.02 14.49
C CYS B 58 -5.13 -4.91 15.96
N GLY B 59 -5.71 -3.92 16.63
CA GLY B 59 -5.42 -3.70 18.04
C GLY B 59 -4.61 -2.41 18.23
N TRP B 60 -3.99 -2.30 19.39
CA TRP B 60 -3.18 -1.13 19.71
C TRP B 60 -4.01 0.11 19.39
N MET A 1 15.13 -11.85 -5.06
CA MET A 1 15.41 -12.45 -6.34
C MET A 1 16.81 -12.08 -6.84
N GLY A 2 17.15 -10.81 -6.64
CA GLY A 2 18.44 -10.30 -7.05
C GLY A 2 18.63 -8.84 -6.61
N LYS A 3 17.66 -8.02 -6.96
CA LYS A 3 17.71 -6.61 -6.61
C LYS A 3 16.80 -6.37 -5.39
N ALA A 4 16.93 -5.17 -4.84
CA ALA A 4 16.13 -4.80 -3.68
C ALA A 4 15.04 -3.82 -4.11
N THR A 5 13.88 -4.38 -4.41
CA THR A 5 12.74 -3.57 -4.83
C THR A 5 11.47 -4.04 -4.16
N TYR A 6 10.45 -3.19 -4.22
CA TYR A 6 9.16 -3.51 -3.62
C TYR A 6 8.01 -3.11 -4.55
N THR A 7 6.98 -3.94 -4.56
CA THR A 7 5.81 -3.68 -5.37
C THR A 7 4.59 -3.43 -4.50
N VAL A 8 4.15 -2.19 -4.50
CA VAL A 8 2.99 -1.79 -3.71
C VAL A 8 1.79 -1.59 -4.64
N THR A 9 0.76 -2.39 -4.41
CA THR A 9 -0.45 -2.29 -5.21
C THR A 9 -1.64 -1.86 -4.36
N VAL A 10 -2.27 -0.77 -4.78
CA VAL A 10 -3.42 -0.25 -4.05
C VAL A 10 -4.65 -0.31 -4.96
N THR A 11 -5.70 -0.93 -4.43
CA THR A 11 -6.94 -1.06 -5.17
C THR A 11 -8.13 -0.63 -4.31
N ASN A 12 -9.07 0.06 -4.94
CA ASN A 12 -10.25 0.53 -4.24
C ASN A 12 -11.43 -0.40 -4.56
N ASN A 13 -11.69 -1.31 -3.64
CA ASN A 13 -12.78 -2.26 -3.82
C ASN A 13 -14.09 -1.49 -4.00
N SER A 14 -14.05 -0.21 -3.66
CA SER A 14 -15.22 0.63 -3.78
C SER A 14 -15.43 1.02 -5.24
N ASN A 15 -14.32 1.20 -5.94
CA ASN A 15 -14.37 1.57 -7.34
C ASN A 15 -13.90 0.39 -8.20
N GLY A 16 -13.45 -0.65 -7.51
CA GLY A 16 -12.97 -1.84 -8.19
C GLY A 16 -11.73 -1.53 -9.04
N VAL A 17 -11.20 -0.33 -8.83
CA VAL A 17 -10.02 0.09 -9.56
C VAL A 17 -8.76 -0.33 -8.79
N SER A 18 -7.74 -0.68 -9.55
CA SER A 18 -6.49 -1.12 -8.97
C SER A 18 -5.35 -0.18 -9.40
N VAL A 19 -4.27 -0.21 -8.63
CA VAL A 19 -3.12 0.62 -8.94
C VAL A 19 -1.86 -0.02 -8.36
N ASP A 20 -0.89 -0.25 -9.24
CA ASP A 20 0.36 -0.86 -8.83
C ASP A 20 1.50 0.13 -9.04
N TYR A 21 2.42 0.15 -8.07
CA TYR A 21 3.56 1.04 -8.14
C TYR A 21 4.83 0.34 -7.65
N GLU A 22 5.85 0.40 -8.49
CA GLU A 22 7.12 -0.23 -8.16
C GLU A 22 8.05 0.79 -7.49
N THR A 23 8.33 0.54 -6.23
CA THR A 23 9.20 1.42 -5.47
C THR A 23 10.16 0.61 -4.60
N GLU A 24 11.45 0.80 -4.86
CA GLU A 24 12.48 0.09 -4.10
C GLU A 24 12.84 0.86 -2.84
N THR A 25 12.21 0.48 -1.75
CA THR A 25 12.46 1.13 -0.47
C THR A 25 12.66 0.09 0.63
N PRO A 26 13.90 0.06 1.19
CA PRO A 26 14.22 -0.87 2.25
C PRO A 26 13.60 -0.44 3.57
N MET A 27 14.36 0.35 4.32
CA MET A 27 13.89 0.83 5.61
C MET A 27 12.85 1.94 5.44
N THR A 28 12.98 2.64 4.33
CA THR A 28 12.06 3.73 4.03
C THR A 28 10.61 3.24 4.11
N LEU A 29 10.43 1.98 3.79
CA LEU A 29 9.11 1.37 3.82
C LEU A 29 8.47 1.63 5.19
N LEU A 30 9.32 1.75 6.19
CA LEU A 30 8.85 2.00 7.55
C LEU A 30 8.59 3.50 7.73
N VAL A 31 9.36 4.29 6.99
CA VAL A 31 9.22 5.73 7.06
C VAL A 31 7.77 6.12 6.74
N PRO A 32 7.22 7.05 7.57
CA PRO A 32 5.86 7.50 7.38
C PRO A 32 5.77 8.47 6.20
N GLU A 33 6.74 9.35 6.11
CA GLU A 33 6.78 10.33 5.04
C GLU A 33 6.81 9.62 3.68
N VAL A 34 7.52 8.51 3.64
CA VAL A 34 7.64 7.73 2.42
C VAL A 34 6.40 6.85 2.26
N ALA A 35 6.02 6.21 3.35
CA ALA A 35 4.85 5.34 3.34
C ALA A 35 3.60 6.17 3.04
N ALA A 36 3.48 7.28 3.76
CA ALA A 36 2.35 8.16 3.58
C ALA A 36 2.27 8.60 2.11
N GLU A 37 3.41 9.03 1.60
CA GLU A 37 3.48 9.48 0.22
C GLU A 37 3.16 8.32 -0.73
N VAL A 38 3.58 7.13 -0.32
CA VAL A 38 3.36 5.95 -1.13
C VAL A 38 1.86 5.63 -1.13
N ILE A 39 1.27 5.68 0.06
CA ILE A 39 -0.14 5.39 0.20
C ILE A 39 -0.95 6.50 -0.48
N LYS A 40 -0.54 7.74 -0.21
CA LYS A 40 -1.22 8.89 -0.79
C LYS A 40 -0.99 8.91 -2.30
N ASP A 41 0.26 8.67 -2.68
CA ASP A 41 0.62 8.65 -4.09
C ASP A 41 -0.19 7.58 -4.81
N LEU A 42 -0.29 6.42 -4.17
CA LEU A 42 -1.03 5.32 -4.74
C LEU A 42 -2.51 5.67 -4.79
N VAL A 43 -3.02 6.11 -3.65
CA VAL A 43 -4.42 6.49 -3.54
C VAL A 43 -4.72 7.60 -4.55
N ASN A 44 -3.81 8.57 -4.59
CA ASN A 44 -3.96 9.70 -5.50
C ASN A 44 -4.10 9.18 -6.94
N THR A 45 -3.37 8.11 -7.22
CA THR A 45 -3.41 7.51 -8.54
C THR A 45 -4.72 6.75 -8.74
N VAL A 46 -5.11 6.02 -7.70
CA VAL A 46 -6.33 5.24 -7.76
C VAL A 46 -7.52 6.17 -7.98
N ARG A 47 -7.48 7.31 -7.29
CA ARG A 47 -8.54 8.30 -7.41
C ARG A 47 -8.44 9.02 -8.76
N SER A 48 -7.22 9.15 -9.24
CA SER A 48 -6.98 9.81 -10.51
C SER A 48 -7.82 9.15 -11.61
N TYR A 49 -8.05 7.87 -11.45
CA TYR A 49 -8.83 7.12 -12.42
C TYR A 49 -10.32 7.45 -12.28
N ASP A 50 -10.70 7.91 -11.10
CA ASP A 50 -12.08 8.27 -10.83
C ASP A 50 -12.48 9.44 -11.72
N THR A 51 -11.51 10.30 -12.00
CA THR A 51 -11.75 11.46 -12.85
C THR A 51 -11.23 11.20 -14.26
N GLU A 52 -11.46 12.18 -15.13
CA GLU A 52 -11.03 12.07 -16.51
C GLU A 52 -9.51 11.93 -16.59
N ASN A 53 -8.85 13.06 -16.81
CA ASN A 53 -7.40 13.07 -16.90
C ASN A 53 -6.80 12.69 -15.55
N GLU A 54 -5.70 11.95 -15.61
CA GLU A 54 -5.02 11.50 -14.41
C GLU A 54 -3.76 12.33 -14.17
N HIS A 55 -3.93 13.40 -13.39
CA HIS A 55 -2.81 14.27 -13.08
C HIS A 55 -3.20 15.21 -11.94
N ASP A 56 -4.03 16.19 -12.28
CA ASP A 56 -4.48 17.16 -11.29
C ASP A 56 -6.01 17.12 -11.22
N VAL A 57 -6.53 17.60 -10.09
CA VAL A 57 -7.97 17.63 -9.88
C VAL A 57 -8.61 18.58 -10.89
N CYS A 58 -9.84 18.26 -11.25
CA CYS A 58 -10.58 19.08 -12.20
C CYS A 58 -11.98 19.31 -11.64
N GLY A 59 -12.71 18.22 -11.48
CA GLY A 59 -14.06 18.28 -10.97
C GLY A 59 -14.13 17.79 -9.52
N TRP A 60 -14.65 16.58 -9.37
CA TRP A 60 -14.77 15.99 -8.04
C TRP A 60 -13.46 16.24 -7.29
N MET B 1 -20.77 -5.46 -3.26
CA MET B 1 -21.41 -4.78 -4.37
C MET B 1 -21.14 -3.27 -4.33
N GLY B 2 -21.49 -2.67 -3.21
CA GLY B 2 -21.29 -1.24 -3.02
C GLY B 2 -20.71 -0.94 -1.64
N LYS B 3 -19.52 -1.47 -1.40
CA LYS B 3 -18.84 -1.27 -0.13
C LYS B 3 -17.55 -0.48 -0.37
N ALA B 4 -17.13 0.21 0.68
CA ALA B 4 -15.92 1.02 0.61
C ALA B 4 -14.78 0.27 1.30
N THR B 5 -13.86 -0.24 0.49
CA THR B 5 -12.72 -0.97 1.01
C THR B 5 -11.49 -0.76 0.11
N TYR B 6 -10.33 -1.04 0.68
CA TYR B 6 -9.08 -0.87 -0.05
C TYR B 6 -8.16 -2.07 0.18
N THR B 7 -7.40 -2.40 -0.86
CA THR B 7 -6.47 -3.52 -0.78
C THR B 7 -5.06 -3.07 -1.16
N VAL B 8 -4.21 -3.00 -0.14
CA VAL B 8 -2.83 -2.59 -0.35
C VAL B 8 -1.92 -3.82 -0.31
N THR B 9 -1.31 -4.10 -1.45
CA THR B 9 -0.41 -5.24 -1.57
C THR B 9 1.03 -4.79 -1.40
N VAL B 10 1.84 -5.70 -0.84
CA VAL B 10 3.24 -5.42 -0.62
C VAL B 10 4.07 -6.66 -0.94
N THR B 11 4.88 -6.53 -1.98
CA THR B 11 5.73 -7.64 -2.41
C THR B 11 7.17 -7.17 -2.57
N ASN B 12 8.07 -7.88 -1.89
CA ASN B 12 9.48 -7.54 -1.94
C ASN B 12 10.16 -8.44 -2.98
N ASN B 13 10.34 -7.87 -4.17
CA ASN B 13 10.98 -8.61 -5.25
C ASN B 13 12.38 -9.05 -4.81
N SER B 14 12.85 -8.42 -3.75
CA SER B 14 14.17 -8.74 -3.22
C SER B 14 14.14 -10.10 -2.52
N ASN B 15 13.01 -10.37 -1.87
CA ASN B 15 12.84 -11.62 -1.16
C ASN B 15 11.79 -12.47 -1.88
N GLY B 16 11.20 -11.87 -2.91
CA GLY B 16 10.18 -12.56 -3.69
C GLY B 16 8.97 -12.89 -2.83
N VAL B 17 8.91 -12.26 -1.66
CA VAL B 17 7.81 -12.47 -0.74
C VAL B 17 6.70 -11.47 -1.03
N SER B 18 5.48 -11.98 -1.10
CA SER B 18 4.33 -11.15 -1.39
C SER B 18 3.37 -11.16 -0.20
N VAL B 19 2.69 -10.04 0.00
CA VAL B 19 1.75 -9.92 1.09
C VAL B 19 0.67 -8.90 0.72
N ASP B 20 -0.57 -9.34 0.81
CA ASP B 20 -1.70 -8.48 0.49
C ASP B 20 -2.51 -8.20 1.76
N TYR B 21 -3.04 -6.99 1.83
CA TYR B 21 -3.84 -6.58 2.97
C TYR B 21 -5.06 -5.77 2.54
N GLU B 22 -6.22 -6.21 3.01
CA GLU B 22 -7.46 -5.53 2.68
C GLU B 22 -7.92 -4.67 3.86
N THR B 23 -7.93 -3.36 3.63
CA THR B 23 -8.35 -2.43 4.65
C THR B 23 -9.24 -1.34 4.05
N GLU B 24 -10.16 -0.84 4.87
CA GLU B 24 -11.08 0.20 4.43
C GLU B 24 -10.68 1.54 5.05
N THR B 25 -9.90 2.30 4.29
CA THR B 25 -9.45 3.61 4.76
C THR B 25 -9.64 4.65 3.65
N PRO B 26 -10.60 5.58 3.90
CA PRO B 26 -10.88 6.63 2.94
C PRO B 26 -9.78 7.70 2.96
N MET B 27 -9.96 8.65 3.88
CA MET B 27 -9.00 9.74 4.02
C MET B 27 -7.73 9.25 4.71
N THR B 28 -7.89 8.25 5.56
CA THR B 28 -6.77 7.68 6.28
C THR B 28 -5.63 7.33 5.31
N LEU B 29 -6.03 6.88 4.13
CA LEU B 29 -5.06 6.50 3.11
C LEU B 29 -4.07 7.64 2.91
N LEU B 30 -4.57 8.86 3.06
CA LEU B 30 -3.75 10.04 2.90
C LEU B 30 -2.97 10.30 4.19
N VAL B 31 -3.51 9.78 5.28
CA VAL B 31 -2.87 9.94 6.58
C VAL B 31 -1.54 9.17 6.59
N PRO B 32 -0.49 9.85 7.13
CA PRO B 32 0.82 9.25 7.21
C PRO B 32 0.88 8.21 8.33
N GLU B 33 0.30 8.57 9.46
CA GLU B 33 0.27 7.69 10.61
C GLU B 33 -0.43 6.37 10.26
N VAL B 34 -1.45 6.50 9.41
CA VAL B 34 -2.21 5.34 8.99
C VAL B 34 -1.47 4.63 7.85
N ALA B 35 -1.01 5.43 6.90
CA ALA B 35 -0.29 4.90 5.75
C ALA B 35 1.03 4.29 6.23
N ALA B 36 1.73 5.04 7.07
CA ALA B 36 3.00 4.59 7.60
C ALA B 36 2.82 3.21 8.24
N GLU B 37 1.76 3.10 9.05
CA GLU B 37 1.46 1.85 9.72
C GLU B 37 1.03 0.79 8.72
N VAL B 38 0.32 1.25 7.70
CA VAL B 38 -0.16 0.35 6.65
C VAL B 38 1.03 -0.18 5.85
N ILE B 39 1.98 0.70 5.61
CA ILE B 39 3.17 0.34 4.86
C ILE B 39 4.10 -0.49 5.76
N LYS B 40 4.26 -0.03 6.99
CA LYS B 40 5.11 -0.72 7.94
C LYS B 40 4.46 -2.05 8.32
N ASP B 41 3.14 -2.01 8.49
CA ASP B 41 2.40 -3.20 8.85
C ASP B 41 2.57 -4.25 7.76
N LEU B 42 2.44 -3.81 6.52
CA LEU B 42 2.59 -4.70 5.38
C LEU B 42 4.02 -5.24 5.33
N VAL B 43 4.96 -4.31 5.44
CA VAL B 43 6.37 -4.67 5.41
C VAL B 43 6.68 -5.59 6.60
N ASN B 44 6.17 -5.20 7.76
CA ASN B 44 6.39 -5.97 8.97
C ASN B 44 5.91 -7.40 8.75
N THR B 45 4.82 -7.52 8.00
CA THR B 45 4.25 -8.82 7.71
C THR B 45 5.13 -9.58 6.69
N VAL B 46 5.58 -8.83 5.70
CA VAL B 46 6.42 -9.41 4.66
C VAL B 46 7.71 -9.95 5.29
N ARG B 47 8.27 -9.16 6.19
CA ARG B 47 9.50 -9.54 6.87
C ARG B 47 9.21 -10.62 7.91
N SER B 48 7.97 -10.61 8.39
CA SER B 48 7.55 -11.58 9.39
C SER B 48 7.83 -13.00 8.89
N TYR B 49 7.56 -13.21 7.61
CA TYR B 49 7.77 -14.51 7.01
C TYR B 49 9.27 -14.80 6.86
N ASP B 50 10.06 -13.73 6.85
CA ASP B 50 11.50 -13.86 6.71
C ASP B 50 12.05 -14.64 7.91
N THR B 51 11.61 -14.25 9.09
CA THR B 51 12.05 -14.89 10.31
C THR B 51 10.93 -15.77 10.87
N GLU B 52 11.28 -16.54 11.89
CA GLU B 52 10.33 -17.42 12.53
C GLU B 52 9.73 -16.76 13.77
N ASN B 53 9.20 -15.56 13.56
CA ASN B 53 8.60 -14.81 14.65
C ASN B 53 7.08 -14.80 14.47
N GLU B 54 6.38 -14.91 15.59
CA GLU B 54 4.92 -14.92 15.57
C GLU B 54 4.41 -15.68 14.35
N HIS B 55 3.18 -15.38 13.97
CA HIS B 55 2.57 -16.04 12.83
C HIS B 55 1.21 -15.38 12.53
N ASP B 56 0.30 -15.52 13.47
CA ASP B 56 -1.03 -14.95 13.32
C ASP B 56 -1.24 -13.89 14.39
N VAL B 57 -2.15 -12.97 14.10
CA VAL B 57 -2.47 -11.90 15.03
C VAL B 57 -3.10 -12.49 16.29
N CYS B 58 -3.00 -11.73 17.37
CA CYS B 58 -3.55 -12.17 18.63
C CYS B 58 -4.58 -11.13 19.09
N GLY B 59 -4.09 -9.93 19.36
CA GLY B 59 -4.94 -8.85 19.81
C GLY B 59 -4.66 -7.57 19.01
N TRP B 60 -3.56 -6.93 19.37
CA TRP B 60 -3.16 -5.69 18.70
C TRP B 60 -4.17 -4.61 19.08
N MET A 1 21.17 -10.97 -10.73
CA MET A 1 19.88 -11.49 -10.28
C MET A 1 19.74 -11.34 -8.76
N GLY A 2 18.82 -10.48 -8.36
CA GLY A 2 18.57 -10.25 -6.95
C GLY A 2 18.72 -8.76 -6.61
N LYS A 3 17.68 -8.01 -6.94
CA LYS A 3 17.67 -6.58 -6.67
C LYS A 3 16.80 -6.29 -5.45
N ALA A 4 16.91 -5.06 -4.97
CA ALA A 4 16.13 -4.65 -3.81
C ALA A 4 15.01 -3.72 -4.25
N THR A 5 13.85 -4.31 -4.50
CA THR A 5 12.69 -3.54 -4.93
C THR A 5 11.43 -4.06 -4.25
N TYR A 6 10.42 -3.20 -4.20
CA TYR A 6 9.16 -3.55 -3.58
C TYR A 6 7.99 -3.18 -4.49
N THR A 7 7.00 -4.08 -4.52
CA THR A 7 5.83 -3.86 -5.35
C THR A 7 4.60 -3.66 -4.47
N VAL A 8 4.12 -2.42 -4.44
CA VAL A 8 2.95 -2.09 -3.64
C VAL A 8 1.74 -1.94 -4.57
N THR A 9 0.70 -2.69 -4.24
CA THR A 9 -0.52 -2.65 -5.02
C THR A 9 -1.71 -2.20 -4.15
N VAL A 10 -2.36 -1.14 -4.61
CA VAL A 10 -3.50 -0.61 -3.88
C VAL A 10 -4.73 -0.62 -4.79
N THR A 11 -5.73 -1.36 -4.36
CA THR A 11 -6.96 -1.47 -5.13
C THR A 11 -8.17 -1.08 -4.26
N ASN A 12 -9.14 -0.44 -4.91
CA ASN A 12 -10.33 -0.01 -4.22
C ASN A 12 -11.47 -0.99 -4.49
N ASN A 13 -11.87 -1.70 -3.45
CA ASN A 13 -12.94 -2.68 -3.58
C ASN A 13 -14.27 -1.96 -3.71
N SER A 14 -14.24 -0.67 -3.42
CA SER A 14 -15.45 0.15 -3.51
C SER A 14 -15.67 0.58 -4.97
N ASN A 15 -14.56 0.85 -5.65
CA ASN A 15 -14.62 1.27 -7.04
C ASN A 15 -14.05 0.16 -7.93
N GLY A 16 -13.60 -0.90 -7.28
CA GLY A 16 -13.04 -2.03 -8.00
C GLY A 16 -11.85 -1.59 -8.85
N VAL A 17 -11.31 -0.43 -8.52
CA VAL A 17 -10.18 0.11 -9.24
C VAL A 17 -8.88 -0.38 -8.59
N SER A 18 -7.99 -0.89 -9.43
CA SER A 18 -6.72 -1.39 -8.96
C SER A 18 -5.58 -0.49 -9.46
N VAL A 19 -4.55 -0.37 -8.62
CA VAL A 19 -3.41 0.45 -8.96
C VAL A 19 -2.17 -0.07 -8.23
N ASP A 20 -1.14 -0.37 -9.00
CA ASP A 20 0.10 -0.88 -8.44
C ASP A 20 1.26 0.05 -8.84
N TYR A 21 2.21 0.16 -7.94
CA TYR A 21 3.38 1.00 -8.19
C TYR A 21 4.66 0.33 -7.68
N GLU A 22 5.64 0.28 -8.57
CA GLU A 22 6.92 -0.33 -8.22
C GLU A 22 7.83 0.70 -7.56
N THR A 23 8.12 0.46 -6.29
CA THR A 23 8.98 1.36 -5.54
C THR A 23 9.97 0.56 -4.70
N GLU A 24 11.24 0.78 -4.97
CA GLU A 24 12.30 0.09 -4.24
C GLU A 24 12.69 0.89 -2.99
N THR A 25 12.11 0.49 -1.87
CA THR A 25 12.38 1.16 -0.60
C THR A 25 12.65 0.12 0.49
N PRO A 26 13.92 0.14 0.99
CA PRO A 26 14.31 -0.80 2.04
C PRO A 26 13.72 -0.38 3.40
N MET A 27 14.50 0.42 4.11
CA MET A 27 14.07 0.89 5.42
C MET A 27 13.01 1.99 5.28
N THR A 28 13.08 2.70 4.17
CA THR A 28 12.14 3.77 3.91
C THR A 28 10.70 3.28 4.05
N LEU A 29 10.52 2.00 3.73
CA LEU A 29 9.20 1.38 3.82
C LEU A 29 8.61 1.67 5.21
N LEU A 30 9.50 1.77 6.19
CA LEU A 30 9.08 2.03 7.56
C LEU A 30 8.78 3.53 7.71
N VAL A 31 9.48 4.32 6.92
CA VAL A 31 9.30 5.77 6.96
C VAL A 31 7.84 6.10 6.66
N PRO A 32 7.28 7.01 7.49
CA PRO A 32 5.89 7.44 7.32
C PRO A 32 5.75 8.39 6.13
N GLU A 33 6.68 9.32 6.04
CA GLU A 33 6.68 10.29 4.96
C GLU A 33 6.72 9.57 3.61
N VAL A 34 7.44 8.47 3.59
CA VAL A 34 7.59 7.69 2.36
C VAL A 34 6.37 6.78 2.21
N ALA A 35 5.99 6.13 3.30
CA ALA A 35 4.84 5.24 3.30
C ALA A 35 3.58 6.05 2.98
N ALA A 36 3.43 7.16 3.69
CA ALA A 36 2.28 8.02 3.51
C ALA A 36 2.20 8.44 2.04
N GLU A 37 3.33 8.90 1.51
CA GLU A 37 3.40 9.33 0.13
C GLU A 37 3.09 8.16 -0.80
N VAL A 38 3.51 6.98 -0.39
CA VAL A 38 3.28 5.78 -1.18
C VAL A 38 1.79 5.43 -1.16
N ILE A 39 1.22 5.48 0.04
CA ILE A 39 -0.19 5.18 0.21
C ILE A 39 -1.02 6.27 -0.47
N LYS A 40 -0.60 7.51 -0.26
CA LYS A 40 -1.30 8.64 -0.85
C LYS A 40 -1.06 8.66 -2.36
N ASP A 41 0.17 8.36 -2.74
CA ASP A 41 0.53 8.34 -4.15
C ASP A 41 -0.36 7.33 -4.88
N LEU A 42 -0.52 6.17 -4.27
CA LEU A 42 -1.35 5.13 -4.86
C LEU A 42 -2.78 5.64 -5.01
N VAL A 43 -3.31 6.16 -3.91
CA VAL A 43 -4.67 6.68 -3.91
C VAL A 43 -4.75 7.85 -4.89
N ASN A 44 -3.78 8.74 -4.79
CA ASN A 44 -3.73 9.90 -5.66
C ASN A 44 -3.76 9.44 -7.12
N THR A 45 -3.09 8.33 -7.36
CA THR A 45 -3.03 7.78 -8.71
C THR A 45 -4.38 7.17 -9.10
N VAL A 46 -4.99 6.49 -8.13
CA VAL A 46 -6.28 5.86 -8.37
C VAL A 46 -7.31 6.94 -8.73
N ARG A 47 -7.29 8.02 -7.96
CA ARG A 47 -8.21 9.11 -8.18
C ARG A 47 -7.80 9.90 -9.44
N SER A 48 -6.51 9.85 -9.73
CA SER A 48 -5.99 10.54 -10.89
C SER A 48 -6.77 10.13 -12.15
N TYR A 49 -7.09 8.85 -12.21
CA TYR A 49 -7.84 8.31 -13.34
C TYR A 49 -9.27 8.87 -13.37
N ASP A 50 -9.80 9.09 -12.17
CA ASP A 50 -11.16 9.62 -12.06
C ASP A 50 -11.10 11.15 -12.09
N THR A 51 -10.79 11.68 -13.26
CA THR A 51 -10.71 13.12 -13.43
C THR A 51 -11.60 13.56 -14.59
N GLU A 52 -11.68 14.87 -14.76
CA GLU A 52 -12.50 15.44 -15.83
C GLU A 52 -12.25 14.69 -17.14
N ASN A 53 -10.98 14.58 -17.50
CA ASN A 53 -10.60 13.89 -18.71
C ASN A 53 -10.47 12.39 -18.43
N GLU A 54 -10.22 11.63 -19.49
CA GLU A 54 -10.08 10.19 -19.37
C GLU A 54 -9.06 9.86 -18.29
N HIS A 55 -8.08 10.74 -18.14
CA HIS A 55 -7.04 10.55 -17.15
C HIS A 55 -5.84 11.44 -17.49
N ASP A 56 -6.05 12.74 -17.38
CA ASP A 56 -5.00 13.70 -17.67
C ASP A 56 -4.72 14.54 -16.42
N VAL A 57 -3.50 15.03 -16.33
CA VAL A 57 -3.09 15.85 -15.20
C VAL A 57 -3.73 17.24 -15.33
N CYS A 58 -4.11 17.78 -14.18
CA CYS A 58 -4.73 19.10 -14.16
C CYS A 58 -4.34 19.78 -12.84
N GLY A 59 -3.04 19.88 -12.63
CA GLY A 59 -2.52 20.51 -11.43
C GLY A 59 -3.39 20.15 -10.21
N TRP A 60 -3.10 18.99 -9.65
CA TRP A 60 -3.84 18.52 -8.49
C TRP A 60 -3.21 17.19 -8.04
N MET B 1 -21.19 -6.44 -1.45
CA MET B 1 -22.36 -5.70 -1.89
C MET B 1 -22.21 -4.22 -1.61
N GLY B 2 -21.62 -3.51 -2.58
CA GLY B 2 -21.40 -2.08 -2.44
C GLY B 2 -20.77 -1.75 -1.09
N LYS B 3 -19.53 -2.18 -0.93
CA LYS B 3 -18.79 -1.94 0.30
C LYS B 3 -17.55 -1.10 -0.01
N ALA B 4 -17.11 -0.37 0.99
CA ALA B 4 -15.93 0.47 0.85
C ALA B 4 -14.73 -0.21 1.52
N THR B 5 -13.83 -0.71 0.69
CA THR B 5 -12.64 -1.38 1.20
C THR B 5 -11.46 -1.16 0.25
N TYR B 6 -10.27 -1.40 0.78
CA TYR B 6 -9.06 -1.23 -0.01
C TYR B 6 -8.09 -2.38 0.23
N THR B 7 -7.44 -2.81 -0.84
CA THR B 7 -6.48 -3.90 -0.75
C THR B 7 -5.06 -3.39 -1.06
N VAL B 8 -4.25 -3.33 -0.02
CA VAL B 8 -2.88 -2.87 -0.17
C VAL B 8 -1.93 -4.07 -0.09
N THR B 9 -1.30 -4.36 -1.22
CA THR B 9 -0.37 -5.47 -1.29
C THR B 9 1.07 -4.97 -1.17
N VAL B 10 1.92 -5.81 -0.59
CA VAL B 10 3.31 -5.47 -0.41
C VAL B 10 4.18 -6.70 -0.68
N THR B 11 4.98 -6.60 -1.72
CA THR B 11 5.87 -7.70 -2.10
C THR B 11 7.30 -7.20 -2.28
N ASN B 12 8.21 -7.90 -1.65
CA ASN B 12 9.62 -7.54 -1.73
C ASN B 12 10.30 -8.39 -2.81
N ASN B 13 10.49 -7.77 -3.96
CA ASN B 13 11.12 -8.46 -5.08
C ASN B 13 12.53 -8.90 -4.66
N SER B 14 12.99 -8.33 -3.56
CA SER B 14 14.32 -8.67 -3.05
C SER B 14 14.29 -10.04 -2.39
N ASN B 15 13.18 -10.33 -1.73
CA ASN B 15 13.02 -11.61 -1.07
C ASN B 15 11.96 -12.44 -1.79
N GLY B 16 11.37 -11.82 -2.81
CA GLY B 16 10.36 -12.50 -3.59
C GLY B 16 9.14 -12.86 -2.72
N VAL B 17 9.10 -12.26 -1.55
CA VAL B 17 8.01 -12.50 -0.62
C VAL B 17 6.89 -11.50 -0.87
N SER B 18 5.68 -12.03 -1.01
CA SER B 18 4.52 -11.19 -1.27
C SER B 18 3.58 -11.23 -0.06
N VAL B 19 2.88 -10.12 0.13
CA VAL B 19 1.94 -10.01 1.24
C VAL B 19 0.82 -9.05 0.85
N ASP B 20 -0.41 -9.51 1.04
CA ASP B 20 -1.57 -8.70 0.73
C ASP B 20 -2.36 -8.42 2.02
N TYR B 21 -2.93 -7.23 2.07
CA TYR B 21 -3.72 -6.82 3.22
C TYR B 21 -4.96 -6.04 2.80
N GLU B 22 -6.10 -6.50 3.30
CA GLU B 22 -7.37 -5.86 2.99
C GLU B 22 -7.81 -4.96 4.15
N THR B 23 -7.82 -3.66 3.87
CA THR B 23 -8.22 -2.69 4.87
C THR B 23 -9.11 -1.61 4.25
N GLU B 24 -10.05 -1.13 5.05
CA GLU B 24 -10.97 -0.10 4.59
C GLU B 24 -10.59 1.26 5.16
N THR B 25 -9.81 2.00 4.38
CA THR B 25 -9.36 3.31 4.81
C THR B 25 -9.56 4.33 3.67
N PRO B 26 -10.54 5.24 3.88
CA PRO B 26 -10.84 6.26 2.89
C PRO B 26 -9.78 7.36 2.92
N MET B 27 -9.98 8.32 3.82
CA MET B 27 -9.06 9.43 3.95
C MET B 27 -7.77 8.98 4.66
N THR B 28 -7.91 7.98 5.50
CA THR B 28 -6.77 7.45 6.23
C THR B 28 -5.63 7.11 5.27
N LEU B 29 -6.01 6.64 4.10
CA LEU B 29 -5.04 6.27 3.08
C LEU B 29 -4.06 7.42 2.87
N LEU B 30 -4.59 8.63 3.03
CA LEU B 30 -3.77 9.83 2.86
C LEU B 30 -2.98 10.08 4.15
N VAL B 31 -3.54 9.60 5.25
CA VAL B 31 -2.90 9.78 6.55
C VAL B 31 -1.57 9.03 6.56
N PRO B 32 -0.52 9.74 7.07
CA PRO B 32 0.81 9.15 7.14
C PRO B 32 0.89 8.13 8.28
N GLU B 33 0.31 8.49 9.41
CA GLU B 33 0.32 7.62 10.57
C GLU B 33 -0.39 6.30 10.25
N VAL B 34 -1.41 6.40 9.41
CA VAL B 34 -2.17 5.23 9.02
C VAL B 34 -1.43 4.52 7.88
N ALA B 35 -1.00 5.31 6.91
CA ALA B 35 -0.28 4.76 5.77
C ALA B 35 1.06 4.19 6.23
N ALA B 36 1.74 4.96 7.07
CA ALA B 36 3.03 4.54 7.59
C ALA B 36 2.88 3.17 8.26
N GLU B 37 1.87 3.07 9.11
CA GLU B 37 1.61 1.84 9.82
C GLU B 37 1.16 0.74 8.84
N VAL B 38 0.42 1.18 7.83
CA VAL B 38 -0.08 0.25 6.83
C VAL B 38 1.10 -0.30 6.02
N ILE B 39 2.01 0.60 5.68
CA ILE B 39 3.19 0.23 4.91
C ILE B 39 4.14 -0.58 5.80
N LYS B 40 4.37 -0.04 6.99
CA LYS B 40 5.26 -0.70 7.94
C LYS B 40 4.66 -2.04 8.35
N ASP B 41 3.35 -2.02 8.59
CA ASP B 41 2.64 -3.22 8.98
C ASP B 41 2.78 -4.28 7.89
N LEU B 42 2.59 -3.83 6.65
CA LEU B 42 2.70 -4.73 5.52
C LEU B 42 4.12 -5.28 5.43
N VAL B 43 5.08 -4.37 5.56
CA VAL B 43 6.48 -4.75 5.49
C VAL B 43 6.82 -5.62 6.70
N ASN B 44 6.37 -5.18 7.85
CA ASN B 44 6.61 -5.92 9.09
C ASN B 44 6.10 -7.35 8.94
N THR B 45 4.99 -7.47 8.23
CA THR B 45 4.37 -8.77 8.00
C THR B 45 5.18 -9.56 6.98
N VAL B 46 5.62 -8.86 5.95
CA VAL B 46 6.39 -9.48 4.88
C VAL B 46 7.69 -10.05 5.48
N ARG B 47 8.30 -9.26 6.35
CA ARG B 47 9.53 -9.67 6.99
C ARG B 47 9.26 -10.75 8.03
N SER B 48 8.07 -10.69 8.60
CA SER B 48 7.68 -11.65 9.62
C SER B 48 7.86 -13.07 9.09
N TYR B 49 7.60 -13.22 7.80
CA TYR B 49 7.72 -14.53 7.16
C TYR B 49 9.19 -14.97 7.11
N ASP B 50 10.08 -13.98 7.04
CA ASP B 50 11.50 -14.26 7.00
C ASP B 50 11.98 -14.65 8.40
N THR B 51 11.33 -14.07 9.40
CA THR B 51 11.68 -14.36 10.78
C THR B 51 10.81 -15.49 11.34
N GLU B 52 11.29 -16.07 12.43
CA GLU B 52 10.55 -17.15 13.07
C GLU B 52 9.19 -16.67 13.55
N ASN B 53 9.23 -15.65 14.39
CA ASN B 53 8.00 -15.08 14.93
C ASN B 53 7.21 -14.41 13.82
N GLU B 54 5.92 -14.70 13.79
CA GLU B 54 5.05 -14.12 12.77
C GLU B 54 4.23 -12.97 13.37
N HIS B 55 3.71 -12.15 12.48
CA HIS B 55 2.90 -11.01 12.90
C HIS B 55 3.77 -10.04 13.71
N ASP B 56 3.42 -8.77 13.61
CA ASP B 56 4.16 -7.74 14.33
C ASP B 56 3.21 -7.02 15.29
N VAL B 57 3.80 -6.40 16.29
CA VAL B 57 3.03 -5.67 17.30
C VAL B 57 2.60 -4.33 16.71
N CYS B 58 1.30 -4.06 16.79
CA CYS B 58 0.77 -2.81 16.28
C CYS B 58 -0.68 -2.67 16.78
N GLY B 59 -1.22 -1.48 16.58
CA GLY B 59 -2.58 -1.21 17.00
C GLY B 59 -2.76 -1.52 18.50
N TRP B 60 -4.01 -1.77 18.87
CA TRP B 60 -4.33 -2.08 20.25
C TRP B 60 -3.75 -0.97 21.13
N MET A 1 20.70 -12.21 -11.11
CA MET A 1 19.33 -11.95 -10.72
C MET A 1 19.20 -11.83 -9.20
N GLY A 2 18.49 -10.80 -8.77
CA GLY A 2 18.29 -10.57 -7.34
C GLY A 2 18.50 -9.10 -7.00
N LYS A 3 17.50 -8.30 -7.32
CA LYS A 3 17.56 -6.87 -7.04
C LYS A 3 16.71 -6.56 -5.82
N ALA A 4 16.86 -5.33 -5.33
CA ALA A 4 16.11 -4.89 -4.17
C ALA A 4 15.03 -3.90 -4.61
N THR A 5 13.84 -4.43 -4.85
CA THR A 5 12.72 -3.61 -5.29
C THR A 5 11.43 -4.07 -4.60
N TYR A 6 10.47 -3.16 -4.55
CA TYR A 6 9.18 -3.46 -3.94
C TYR A 6 8.03 -2.90 -4.77
N THR A 7 6.97 -3.68 -4.86
CA THR A 7 5.81 -3.28 -5.63
C THR A 7 4.58 -3.19 -4.71
N VAL A 8 4.07 -1.98 -4.56
CA VAL A 8 2.91 -1.75 -3.72
C VAL A 8 1.67 -1.65 -4.61
N THR A 9 0.72 -2.53 -4.33
CA THR A 9 -0.53 -2.56 -5.10
C THR A 9 -1.68 -2.01 -4.25
N VAL A 10 -2.37 -1.03 -4.80
CA VAL A 10 -3.49 -0.42 -4.11
C VAL A 10 -4.72 -0.48 -5.01
N THR A 11 -5.76 -1.14 -4.51
CA THR A 11 -6.99 -1.27 -5.26
C THR A 11 -8.18 -0.81 -4.41
N ASN A 12 -9.11 -0.12 -5.06
CA ASN A 12 -10.29 0.39 -4.38
C ASN A 12 -11.46 -0.54 -4.67
N ASN A 13 -11.74 -1.42 -3.71
CA ASN A 13 -12.84 -2.36 -3.85
C ASN A 13 -14.14 -1.59 -4.07
N SER A 14 -14.08 -0.30 -3.77
CA SER A 14 -15.25 0.55 -3.93
C SER A 14 -15.46 0.86 -5.41
N ASN A 15 -14.36 0.99 -6.13
CA ASN A 15 -14.41 1.30 -7.55
C ASN A 15 -13.93 0.09 -8.34
N GLY A 16 -13.47 -0.92 -7.60
CA GLY A 16 -12.98 -2.15 -8.22
C GLY A 16 -11.76 -1.87 -9.08
N VAL A 17 -11.20 -0.67 -8.90
CA VAL A 17 -10.03 -0.28 -9.66
C VAL A 17 -8.77 -0.67 -8.88
N SER A 18 -7.75 -1.05 -9.62
CA SER A 18 -6.49 -1.45 -9.02
C SER A 18 -5.36 -0.54 -9.50
N VAL A 19 -4.30 -0.50 -8.71
CA VAL A 19 -3.16 0.33 -9.04
C VAL A 19 -1.90 -0.24 -8.37
N ASP A 20 -0.90 -0.52 -9.19
CA ASP A 20 0.35 -1.07 -8.69
C ASP A 20 1.47 -0.07 -8.95
N TYR A 21 2.42 -0.04 -8.01
CA TYR A 21 3.54 0.86 -8.12
C TYR A 21 4.84 0.18 -7.67
N GLU A 22 5.84 0.23 -8.54
CA GLU A 22 7.12 -0.37 -8.23
C GLU A 22 8.11 0.69 -7.75
N THR A 23 8.47 0.59 -6.48
CA THR A 23 9.39 1.52 -5.88
C THR A 23 10.39 0.79 -4.98
N GLU A 24 11.66 1.12 -5.19
CA GLU A 24 12.72 0.50 -4.41
C GLU A 24 12.99 1.31 -3.13
N THR A 25 12.35 0.87 -2.06
CA THR A 25 12.51 1.55 -0.78
C THR A 25 12.72 0.52 0.34
N PRO A 26 13.94 0.55 0.92
CA PRO A 26 14.29 -0.37 1.99
C PRO A 26 13.63 0.05 3.30
N MET A 27 14.31 0.92 4.03
CA MET A 27 13.80 1.41 5.30
C MET A 27 12.66 2.40 5.09
N THR A 28 12.71 3.07 3.94
CA THR A 28 11.70 4.05 3.61
C THR A 28 10.30 3.44 3.76
N LEU A 29 10.24 2.12 3.64
CA LEU A 29 8.98 1.41 3.76
C LEU A 29 8.39 1.67 5.14
N LEU A 30 9.26 1.70 6.13
CA LEU A 30 8.84 1.93 7.50
C LEU A 30 8.61 3.43 7.72
N VAL A 31 9.27 4.22 6.88
CA VAL A 31 9.14 5.67 6.96
C VAL A 31 7.70 6.06 6.66
N PRO A 32 7.17 7.02 7.49
CA PRO A 32 5.81 7.49 7.33
C PRO A 32 5.71 8.42 6.12
N GLU A 33 6.68 9.32 6.02
CA GLU A 33 6.71 10.28 4.92
C GLU A 33 6.73 9.54 3.59
N VAL A 34 7.44 8.42 3.57
CA VAL A 34 7.55 7.63 2.36
C VAL A 34 6.32 6.74 2.22
N ALA A 35 5.93 6.13 3.33
CA ALA A 35 4.76 5.27 3.34
C ALA A 35 3.52 6.09 3.00
N ALA A 36 3.41 7.24 3.66
CA ALA A 36 2.27 8.12 3.44
C ALA A 36 2.23 8.53 1.96
N GLU A 37 3.37 8.97 1.47
CA GLU A 37 3.47 9.40 0.07
C GLU A 37 3.16 8.22 -0.85
N VAL A 38 3.57 7.04 -0.42
CA VAL A 38 3.35 5.83 -1.20
C VAL A 38 1.85 5.51 -1.23
N ILE A 39 1.26 5.55 -0.04
CA ILE A 39 -0.17 5.27 0.08
C ILE A 39 -0.97 6.35 -0.62
N LYS A 40 -0.56 7.60 -0.37
CA LYS A 40 -1.23 8.74 -0.98
C LYS A 40 -0.97 8.72 -2.48
N ASP A 41 0.27 8.47 -2.84
CA ASP A 41 0.66 8.44 -4.25
C ASP A 41 -0.17 7.37 -4.97
N LEU A 42 -0.29 6.22 -4.32
CA LEU A 42 -1.05 5.12 -4.89
C LEU A 42 -2.53 5.51 -4.96
N VAL A 43 -3.04 5.98 -3.83
CA VAL A 43 -4.44 6.39 -3.75
C VAL A 43 -4.69 7.50 -4.76
N ASN A 44 -3.78 8.46 -4.79
CA ASN A 44 -3.89 9.59 -5.71
C ASN A 44 -4.01 9.06 -7.14
N THR A 45 -3.28 7.98 -7.41
CA THR A 45 -3.30 7.38 -8.72
C THR A 45 -4.61 6.62 -8.95
N VAL A 46 -5.04 5.93 -7.91
CA VAL A 46 -6.27 5.16 -7.97
C VAL A 46 -7.44 6.10 -8.26
N ARG A 47 -7.43 7.23 -7.58
CA ARG A 47 -8.47 8.23 -7.75
C ARG A 47 -8.32 8.94 -9.10
N SER A 48 -7.08 9.02 -9.54
CA SER A 48 -6.78 9.67 -10.82
C SER A 48 -7.62 9.05 -11.92
N TYR A 49 -7.82 7.74 -11.82
CA TYR A 49 -8.60 7.03 -12.80
C TYR A 49 -10.10 7.34 -12.66
N ASP A 50 -10.46 7.79 -11.47
CA ASP A 50 -11.84 8.14 -11.19
C ASP A 50 -12.09 9.59 -11.58
N THR A 51 -11.05 10.40 -11.41
CA THR A 51 -11.14 11.82 -11.74
C THR A 51 -10.54 12.08 -13.12
N GLU A 52 -10.81 13.27 -13.63
CA GLU A 52 -10.31 13.66 -14.93
C GLU A 52 -8.78 13.72 -14.92
N ASN A 53 -8.24 14.09 -13.77
CA ASN A 53 -6.80 14.19 -13.61
C ASN A 53 -6.20 12.78 -13.56
N GLU A 54 -5.12 12.60 -14.31
CA GLU A 54 -4.45 11.32 -14.35
C GLU A 54 -2.99 11.46 -13.90
N HIS A 55 -2.64 12.70 -13.58
CA HIS A 55 -1.28 12.99 -13.14
C HIS A 55 -1.30 14.20 -12.20
N ASP A 56 -1.34 15.37 -12.82
CA ASP A 56 -1.37 16.62 -12.06
C ASP A 56 -2.75 16.81 -11.45
N VAL A 57 -2.76 17.25 -10.20
CA VAL A 57 -4.00 17.48 -9.49
C VAL A 57 -4.77 18.61 -10.17
N CYS A 58 -6.09 18.46 -10.21
CA CYS A 58 -6.95 19.45 -10.83
C CYS A 58 -8.14 19.70 -9.90
N GLY A 59 -8.84 18.62 -9.60
CA GLY A 59 -10.00 18.71 -8.73
C GLY A 59 -10.25 17.38 -8.01
N TRP A 60 -11.06 17.45 -6.96
CA TRP A 60 -11.39 16.26 -6.19
C TRP A 60 -12.90 16.23 -5.97
N MET B 1 -20.67 -5.58 -5.03
CA MET B 1 -21.06 -4.98 -3.77
C MET B 1 -20.69 -3.49 -3.74
N GLY B 2 -21.58 -2.71 -3.14
CA GLY B 2 -21.37 -1.28 -3.04
C GLY B 2 -20.77 -0.91 -1.68
N LYS B 3 -19.58 -1.42 -1.43
CA LYS B 3 -18.89 -1.15 -0.18
C LYS B 3 -17.59 -0.39 -0.46
N ALA B 4 -17.16 0.36 0.54
CA ALA B 4 -15.94 1.14 0.40
C ALA B 4 -14.79 0.41 1.13
N THR B 5 -13.89 -0.14 0.34
CA THR B 5 -12.76 -0.86 0.89
C THR B 5 -11.53 -0.71 -0.02
N TYR B 6 -10.37 -0.96 0.56
CA TYR B 6 -9.13 -0.86 -0.18
C TYR B 6 -8.19 -2.02 0.14
N THR B 7 -7.50 -2.49 -0.89
CA THR B 7 -6.57 -3.60 -0.72
C THR B 7 -5.16 -3.16 -1.07
N VAL B 8 -4.33 -3.05 -0.04
CA VAL B 8 -2.95 -2.64 -0.23
C VAL B 8 -2.05 -3.88 -0.20
N THR B 9 -1.31 -4.07 -1.29
CA THR B 9 -0.41 -5.20 -1.41
C THR B 9 1.05 -4.73 -1.34
N VAL B 10 1.89 -5.60 -0.79
CA VAL B 10 3.30 -5.29 -0.65
C VAL B 10 4.12 -6.54 -0.96
N THR B 11 4.88 -6.45 -2.05
CA THR B 11 5.72 -7.56 -2.47
C THR B 11 7.18 -7.10 -2.62
N ASN B 12 8.07 -7.89 -2.04
CA ASN B 12 9.48 -7.58 -2.10
C ASN B 12 10.14 -8.39 -3.22
N ASN B 13 10.42 -7.70 -4.32
CA ASN B 13 11.03 -8.34 -5.47
C ASN B 13 12.41 -8.85 -5.08
N SER B 14 12.88 -8.41 -3.92
CA SER B 14 14.17 -8.82 -3.42
C SER B 14 14.07 -10.20 -2.77
N ASN B 15 12.94 -10.43 -2.12
CA ASN B 15 12.70 -11.70 -1.46
C ASN B 15 11.62 -12.48 -2.21
N GLY B 16 11.12 -11.86 -3.26
CA GLY B 16 10.08 -12.48 -4.07
C GLY B 16 8.85 -12.80 -3.23
N VAL B 17 8.80 -12.21 -2.04
CA VAL B 17 7.69 -12.42 -1.13
C VAL B 17 6.61 -11.37 -1.40
N SER B 18 5.37 -11.79 -1.24
CA SER B 18 4.24 -10.91 -1.45
C SER B 18 3.33 -10.90 -0.22
N VAL B 19 2.59 -9.82 -0.07
CA VAL B 19 1.68 -9.67 1.05
C VAL B 19 0.55 -8.71 0.67
N ASP B 20 -0.67 -9.21 0.81
CA ASP B 20 -1.84 -8.42 0.49
C ASP B 20 -2.62 -8.13 1.76
N TYR B 21 -3.19 -6.93 1.82
CA TYR B 21 -3.97 -6.52 2.97
C TYR B 21 -5.20 -5.73 2.56
N GLU B 22 -6.35 -6.17 3.05
CA GLU B 22 -7.60 -5.52 2.74
C GLU B 22 -8.04 -4.61 3.89
N THR B 23 -8.05 -3.31 3.61
CA THR B 23 -8.43 -2.34 4.62
C THR B 23 -9.31 -1.25 3.99
N GLU B 24 -10.25 -0.76 4.78
CA GLU B 24 -11.16 0.26 4.32
C GLU B 24 -10.79 1.62 4.92
N THR B 25 -9.99 2.37 4.17
CA THR B 25 -9.54 3.67 4.63
C THR B 25 -9.67 4.70 3.50
N PRO B 26 -10.64 5.64 3.67
CA PRO B 26 -10.87 6.66 2.67
C PRO B 26 -9.78 7.74 2.75
N MET B 27 -9.97 8.68 3.66
CA MET B 27 -9.01 9.76 3.83
C MET B 27 -7.75 9.26 4.54
N THR B 28 -7.94 8.26 5.37
CA THR B 28 -6.82 7.68 6.12
C THR B 28 -5.67 7.33 5.17
N LEU B 29 -6.04 6.88 3.98
CA LEU B 29 -5.06 6.50 2.98
C LEU B 29 -4.09 7.67 2.77
N LEU B 30 -4.62 8.87 2.88
CA LEU B 30 -3.81 10.06 2.70
C LEU B 30 -3.03 10.34 3.99
N VAL B 31 -3.59 9.84 5.09
CA VAL B 31 -2.96 10.02 6.39
C VAL B 31 -1.63 9.25 6.42
N PRO B 32 -0.58 9.94 6.93
CA PRO B 32 0.74 9.34 7.02
C PRO B 32 0.81 8.33 8.18
N GLU B 33 0.22 8.72 9.29
CA GLU B 33 0.19 7.87 10.47
C GLU B 33 -0.51 6.56 10.16
N VAL B 34 -1.52 6.65 9.30
CA VAL B 34 -2.28 5.47 8.90
C VAL B 34 -1.54 4.74 7.80
N ALA B 35 -1.08 5.50 6.81
CA ALA B 35 -0.36 4.95 5.69
C ALA B 35 0.97 4.36 6.18
N ALA B 36 1.62 5.10 7.06
CA ALA B 36 2.89 4.67 7.62
C ALA B 36 2.72 3.30 8.28
N GLU B 37 1.66 3.20 9.09
CA GLU B 37 1.38 1.96 9.79
C GLU B 37 0.98 0.88 8.78
N VAL B 38 0.28 1.30 7.74
CA VAL B 38 -0.17 0.37 6.71
C VAL B 38 1.04 -0.18 5.97
N ILE B 39 1.88 0.74 5.51
CA ILE B 39 3.08 0.35 4.78
C ILE B 39 3.97 -0.51 5.68
N LYS B 40 4.22 0.00 6.87
CA LYS B 40 5.05 -0.71 7.83
C LYS B 40 4.37 -2.03 8.20
N ASP B 41 3.06 -1.95 8.42
CA ASP B 41 2.30 -3.14 8.78
C ASP B 41 2.46 -4.19 7.69
N LEU B 42 2.35 -3.75 6.45
CA LEU B 42 2.49 -4.64 5.31
C LEU B 42 3.89 -5.25 5.31
N VAL B 43 4.88 -4.37 5.42
CA VAL B 43 6.26 -4.80 5.43
C VAL B 43 6.51 -5.69 6.65
N ASN B 44 6.01 -5.23 7.79
CA ASN B 44 6.16 -5.97 9.03
C ASN B 44 5.59 -7.38 8.84
N THR B 45 4.51 -7.45 8.08
CA THR B 45 3.85 -8.73 7.83
C THR B 45 4.71 -9.59 6.88
N VAL B 46 5.23 -8.93 5.85
CA VAL B 46 6.06 -9.61 4.88
C VAL B 46 7.29 -10.19 5.58
N ARG B 47 7.88 -9.37 6.45
CA ARG B 47 9.05 -9.78 7.19
C ARG B 47 8.68 -10.80 8.26
N SER B 48 7.44 -10.72 8.70
CA SER B 48 6.94 -11.63 9.73
C SER B 48 7.18 -13.08 9.30
N TYR B 49 7.15 -13.29 8.00
CA TYR B 49 7.36 -14.62 7.44
C TYR B 49 8.84 -15.03 7.55
N ASP B 50 9.69 -14.01 7.54
CA ASP B 50 11.13 -14.26 7.63
C ASP B 50 11.60 -13.91 9.05
N THR B 51 11.12 -14.68 10.01
CA THR B 51 11.48 -14.47 11.40
C THR B 51 12.04 -15.76 12.01
N GLU B 52 12.51 -15.64 13.24
CA GLU B 52 13.06 -16.78 13.95
C GLU B 52 11.94 -17.60 14.58
N ASN B 53 10.95 -16.90 15.10
CA ASN B 53 9.82 -17.55 15.73
C ASN B 53 8.55 -17.26 14.93
N GLU B 54 7.47 -17.91 15.32
CA GLU B 54 6.20 -17.74 14.66
C GLU B 54 5.72 -16.29 14.80
N HIS B 55 5.53 -15.89 16.05
CA HIS B 55 5.06 -14.54 16.34
C HIS B 55 3.59 -14.40 15.96
N ASP B 56 3.32 -14.61 14.69
CA ASP B 56 1.95 -14.51 14.19
C ASP B 56 1.38 -15.92 14.00
N VAL B 57 0.07 -16.01 14.14
CA VAL B 57 -0.61 -17.29 13.99
C VAL B 57 -1.23 -17.38 12.60
N CYS B 58 -1.01 -18.52 11.96
CA CYS B 58 -1.54 -18.73 10.62
C CYS B 58 -2.08 -20.16 10.54
N GLY B 59 -3.33 -20.32 10.94
CA GLY B 59 -3.97 -21.62 10.92
C GLY B 59 -3.16 -22.63 11.72
N TRP B 60 -3.67 -22.95 12.91
CA TRP B 60 -3.01 -23.90 13.78
C TRP B 60 -3.99 -24.29 14.88
N MET A 1 17.40 -11.67 -10.95
CA MET A 1 18.79 -11.85 -10.55
C MET A 1 18.94 -11.70 -9.03
N GLY A 2 18.33 -10.64 -8.51
CA GLY A 2 18.39 -10.38 -7.08
C GLY A 2 18.57 -8.89 -6.81
N LYS A 3 17.51 -8.13 -7.07
CA LYS A 3 17.54 -6.70 -6.85
C LYS A 3 16.70 -6.36 -5.61
N ALA A 4 16.83 -5.11 -5.18
CA ALA A 4 16.10 -4.65 -4.01
C ALA A 4 14.97 -3.72 -4.46
N THR A 5 13.80 -4.31 -4.64
CA THR A 5 12.63 -3.55 -5.06
C THR A 5 11.37 -4.08 -4.38
N TYR A 6 10.34 -3.24 -4.38
CA TYR A 6 9.07 -3.63 -3.76
C TYR A 6 7.90 -3.23 -4.66
N THR A 7 6.93 -4.13 -4.74
CA THR A 7 5.74 -3.88 -5.54
C THR A 7 4.51 -3.71 -4.66
N VAL A 8 4.03 -2.48 -4.61
CA VAL A 8 2.86 -2.16 -3.81
C VAL A 8 1.63 -2.05 -4.71
N THR A 9 0.59 -2.78 -4.34
CA THR A 9 -0.64 -2.77 -5.11
C THR A 9 -1.81 -2.30 -4.25
N VAL A 10 -2.46 -1.25 -4.72
CA VAL A 10 -3.59 -0.69 -3.99
C VAL A 10 -4.84 -0.74 -4.88
N THR A 11 -5.85 -1.45 -4.39
CA THR A 11 -7.09 -1.58 -5.14
C THR A 11 -8.28 -1.22 -4.25
N ASN A 12 -9.27 -0.60 -4.88
CA ASN A 12 -10.47 -0.18 -4.16
C ASN A 12 -11.57 -1.22 -4.39
N ASN A 13 -12.07 -1.77 -3.30
CA ASN A 13 -13.13 -2.75 -3.37
C ASN A 13 -14.48 -2.05 -3.50
N SER A 14 -14.46 -0.76 -3.20
CA SER A 14 -15.67 0.04 -3.27
C SER A 14 -15.90 0.50 -4.71
N ASN A 15 -14.80 0.78 -5.40
CA ASN A 15 -14.87 1.23 -6.78
C ASN A 15 -14.31 0.14 -7.68
N GLY A 16 -13.69 -0.86 -7.07
CA GLY A 16 -13.12 -1.96 -7.81
C GLY A 16 -11.96 -1.49 -8.69
N VAL A 17 -11.39 -0.36 -8.29
CA VAL A 17 -10.28 0.22 -9.03
C VAL A 17 -8.96 -0.33 -8.47
N SER A 18 -8.19 -0.96 -9.35
CA SER A 18 -6.91 -1.51 -8.94
C SER A 18 -5.77 -0.69 -9.53
N VAL A 19 -4.72 -0.53 -8.74
CA VAL A 19 -3.56 0.23 -9.16
C VAL A 19 -2.32 -0.28 -8.42
N ASP A 20 -1.32 -0.66 -9.21
CA ASP A 20 -0.08 -1.16 -8.64
C ASP A 20 1.07 -0.24 -9.05
N TYR A 21 2.03 -0.11 -8.13
CA TYR A 21 3.18 0.74 -8.39
C TYR A 21 4.45 0.09 -7.85
N GLU A 22 5.45 0.01 -8.72
CA GLU A 22 6.73 -0.59 -8.35
C GLU A 22 7.67 0.47 -7.78
N THR A 23 7.95 0.33 -6.49
CA THR A 23 8.83 1.26 -5.82
C THR A 23 9.80 0.52 -4.90
N GLU A 24 11.08 0.75 -5.14
CA GLU A 24 12.12 0.11 -4.36
C GLU A 24 12.46 0.96 -3.14
N THR A 25 11.86 0.62 -2.01
CA THR A 25 12.09 1.35 -0.78
C THR A 25 12.35 0.38 0.37
N PRO A 26 13.62 0.38 0.86
CA PRO A 26 14.00 -0.49 1.96
C PRO A 26 13.45 0.02 3.29
N MET A 27 14.20 0.94 3.90
CA MET A 27 13.79 1.50 5.17
C MET A 27 12.62 2.48 4.99
N THR A 28 12.59 3.09 3.82
CA THR A 28 11.54 4.05 3.50
C THR A 28 10.16 3.44 3.76
N LEU A 29 10.07 2.15 3.50
CA LEU A 29 8.82 1.43 3.70
C LEU A 29 8.32 1.69 5.12
N LEU A 30 9.26 1.85 6.03
CA LEU A 30 8.93 2.11 7.42
C LEU A 30 8.68 3.61 7.62
N VAL A 31 9.26 4.39 6.72
CA VAL A 31 9.12 5.83 6.78
C VAL A 31 7.66 6.20 6.50
N PRO A 32 7.13 7.15 7.32
CA PRO A 32 5.76 7.59 7.17
C PRO A 32 5.62 8.53 5.96
N GLU A 33 6.57 9.44 5.84
CA GLU A 33 6.56 10.39 4.75
C GLU A 33 6.60 9.65 3.40
N VAL A 34 7.32 8.54 3.40
CA VAL A 34 7.46 7.74 2.20
C VAL A 34 6.24 6.83 2.06
N ALA A 35 5.88 6.21 3.18
CA ALA A 35 4.74 5.31 3.20
C ALA A 35 3.47 6.09 2.87
N ALA A 36 3.32 7.23 3.52
CA ALA A 36 2.16 8.08 3.30
C ALA A 36 2.10 8.47 1.83
N GLU A 37 3.24 8.92 1.32
CA GLU A 37 3.32 9.33 -0.07
C GLU A 37 3.01 8.16 -1.00
N VAL A 38 3.42 6.97 -0.55
CA VAL A 38 3.19 5.77 -1.33
C VAL A 38 1.70 5.44 -1.32
N ILE A 39 1.13 5.43 -0.12
CA ILE A 39 -0.28 5.14 0.04
C ILE A 39 -1.11 6.21 -0.68
N LYS A 40 -0.71 7.46 -0.46
CA LYS A 40 -1.40 8.58 -1.08
C LYS A 40 -1.15 8.57 -2.58
N ASP A 41 0.09 8.26 -2.93
CA ASP A 41 0.48 8.22 -4.33
C ASP A 41 -0.42 7.20 -5.06
N LEU A 42 -0.59 6.05 -4.45
CA LEU A 42 -1.41 5.00 -5.02
C LEU A 42 -2.85 5.50 -5.16
N VAL A 43 -3.38 5.98 -4.05
CA VAL A 43 -4.74 6.49 -4.05
C VAL A 43 -4.87 7.63 -5.05
N ASN A 44 -3.90 8.55 -4.97
CA ASN A 44 -3.88 9.69 -5.87
C ASN A 44 -3.92 9.21 -7.32
N THR A 45 -3.24 8.09 -7.55
CA THR A 45 -3.19 7.50 -8.88
C THR A 45 -4.52 6.85 -9.24
N VAL A 46 -5.10 6.19 -8.25
CA VAL A 46 -6.38 5.52 -8.43
C VAL A 46 -7.44 6.54 -8.82
N ARG A 47 -7.42 7.66 -8.10
CA ARG A 47 -8.37 8.73 -8.35
C ARG A 47 -8.01 9.46 -9.65
N SER A 48 -6.71 9.50 -9.93
CA SER A 48 -6.23 10.17 -11.13
C SER A 48 -6.95 9.62 -12.36
N TYR A 49 -7.29 8.33 -12.29
CA TYR A 49 -7.97 7.68 -13.38
C TYR A 49 -9.43 8.16 -13.48
N ASP A 50 -9.98 8.51 -12.34
CA ASP A 50 -11.36 8.99 -12.28
C ASP A 50 -11.38 10.50 -12.50
N THR A 51 -10.66 11.20 -11.63
CA THR A 51 -10.60 12.65 -11.71
C THR A 51 -9.15 13.10 -11.93
N GLU A 52 -9.00 14.39 -12.20
CA GLU A 52 -7.68 14.96 -12.42
C GLU A 52 -6.95 14.18 -13.52
N ASN A 53 -6.95 14.77 -14.71
CA ASN A 53 -6.29 14.15 -15.84
C ASN A 53 -4.78 14.33 -15.72
N GLU A 54 -4.06 13.24 -15.95
CA GLU A 54 -2.61 13.28 -15.86
C GLU A 54 -1.99 13.13 -17.26
N HIS A 55 -2.82 12.69 -18.20
CA HIS A 55 -2.37 12.50 -19.57
C HIS A 55 -3.56 12.14 -20.45
N ASP A 56 -4.00 10.90 -20.31
CA ASP A 56 -5.13 10.42 -21.09
C ASP A 56 -6.42 10.59 -20.28
N VAL A 57 -7.50 10.82 -21.00
CA VAL A 57 -8.80 11.00 -20.36
C VAL A 57 -9.55 9.67 -20.33
N CYS A 58 -10.36 9.50 -19.30
CA CYS A 58 -11.13 8.28 -19.14
C CYS A 58 -12.60 8.66 -18.96
N GLY A 59 -12.86 9.44 -17.93
CA GLY A 59 -14.22 9.88 -17.63
C GLY A 59 -14.36 11.38 -17.88
N TRP A 60 -14.49 12.11 -16.78
CA TRP A 60 -14.65 13.55 -16.87
C TRP A 60 -13.58 14.10 -17.82
N MET B 1 -20.87 -6.76 -0.81
CA MET B 1 -21.98 -6.17 -1.56
C MET B 1 -22.10 -4.68 -1.25
N GLY B 2 -21.51 -3.88 -2.12
CA GLY B 2 -21.56 -2.43 -1.95
C GLY B 2 -20.91 -2.01 -0.64
N LYS B 3 -19.64 -2.35 -0.50
CA LYS B 3 -18.90 -2.01 0.71
C LYS B 3 -17.67 -1.19 0.33
N ALA B 4 -17.20 -0.41 1.29
CA ALA B 4 -16.04 0.42 1.07
C ALA B 4 -14.81 -0.23 1.72
N THR B 5 -13.94 -0.75 0.88
CA THR B 5 -12.73 -1.40 1.35
C THR B 5 -11.59 -1.21 0.35
N TYR B 6 -10.37 -1.43 0.84
CA TYR B 6 -9.20 -1.28 0.01
C TYR B 6 -8.22 -2.44 0.23
N THR B 7 -7.60 -2.87 -0.86
CA THR B 7 -6.64 -3.96 -0.80
C THR B 7 -5.24 -3.45 -1.12
N VAL B 8 -4.41 -3.41 -0.08
CA VAL B 8 -3.04 -2.94 -0.24
C VAL B 8 -2.10 -4.14 -0.17
N THR B 9 -1.42 -4.38 -1.28
CA THR B 9 -0.48 -5.50 -1.35
C THR B 9 0.96 -4.99 -1.29
N VAL B 10 1.82 -5.78 -0.68
CA VAL B 10 3.22 -5.43 -0.55
C VAL B 10 4.08 -6.67 -0.77
N THR B 11 4.84 -6.63 -1.85
CA THR B 11 5.72 -7.73 -2.19
C THR B 11 7.17 -7.25 -2.32
N ASN B 12 8.07 -8.02 -1.72
CA ASN B 12 9.48 -7.70 -1.76
C ASN B 12 10.15 -8.46 -2.91
N ASN B 13 10.68 -7.69 -3.85
CA ASN B 13 11.35 -8.29 -5.00
C ASN B 13 12.75 -8.75 -4.58
N SER B 14 13.17 -8.28 -3.42
CA SER B 14 14.48 -8.63 -2.90
C SER B 14 14.42 -9.99 -2.20
N ASN B 15 13.29 -10.23 -1.55
CA ASN B 15 13.08 -11.48 -0.83
C ASN B 15 12.02 -12.31 -1.57
N GLY B 16 11.44 -11.70 -2.59
CA GLY B 16 10.42 -12.37 -3.38
C GLY B 16 9.22 -12.76 -2.50
N VAL B 17 9.12 -12.09 -1.36
CA VAL B 17 8.04 -12.36 -0.43
C VAL B 17 6.87 -11.44 -0.75
N SER B 18 5.70 -12.04 -0.85
CA SER B 18 4.48 -11.28 -1.16
C SER B 18 3.56 -11.27 0.07
N VAL B 19 2.85 -10.16 0.21
CA VAL B 19 1.93 -10.01 1.33
C VAL B 19 0.80 -9.04 0.93
N ASP B 20 -0.42 -9.50 1.15
CA ASP B 20 -1.58 -8.69 0.81
C ASP B 20 -2.39 -8.42 2.09
N TYR B 21 -2.98 -7.24 2.14
CA TYR B 21 -3.78 -6.84 3.28
C TYR B 21 -5.02 -6.06 2.85
N GLU B 22 -6.17 -6.53 3.32
CA GLU B 22 -7.42 -5.88 2.99
C GLU B 22 -7.90 -5.01 4.15
N THR B 23 -7.93 -3.70 3.89
CA THR B 23 -8.36 -2.75 4.91
C THR B 23 -9.26 -1.69 4.28
N GLU B 24 -10.15 -1.16 5.10
CA GLU B 24 -11.08 -0.13 4.65
C GLU B 24 -10.68 1.23 5.22
N THR B 25 -9.91 1.97 4.43
CA THR B 25 -9.46 3.29 4.84
C THR B 25 -9.65 4.29 3.71
N PRO B 26 -10.65 5.20 3.91
CA PRO B 26 -10.94 6.22 2.92
C PRO B 26 -9.88 7.32 2.94
N MET B 27 -10.07 8.26 3.85
CA MET B 27 -9.15 9.38 3.98
C MET B 27 -7.85 8.93 4.65
N THR B 28 -7.97 7.91 5.49
CA THR B 28 -6.81 7.38 6.19
C THR B 28 -5.68 7.07 5.22
N LEU B 29 -6.08 6.57 4.05
CA LEU B 29 -5.11 6.21 3.03
C LEU B 29 -4.20 7.41 2.77
N LEU B 30 -4.79 8.59 2.83
CA LEU B 30 -4.05 9.82 2.61
C LEU B 30 -3.25 10.17 3.87
N VAL B 31 -3.74 9.67 4.99
CA VAL B 31 -3.09 9.93 6.27
C VAL B 31 -1.75 9.19 6.30
N PRO B 32 -0.71 9.91 6.79
CA PRO B 32 0.62 9.35 6.89
C PRO B 32 0.71 8.35 8.05
N GLU B 33 0.13 8.76 9.17
CA GLU B 33 0.14 7.92 10.36
C GLU B 33 -0.55 6.59 10.08
N VAL B 34 -1.57 6.65 9.23
CA VAL B 34 -2.32 5.45 8.87
C VAL B 34 -1.57 4.71 7.76
N ALA B 35 -1.14 5.48 6.76
CA ALA B 35 -0.41 4.91 5.64
C ALA B 35 0.92 4.35 6.13
N ALA B 36 1.60 5.15 6.95
CA ALA B 36 2.88 4.76 7.49
C ALA B 36 2.74 3.40 8.18
N GLU B 37 1.71 3.30 9.01
CA GLU B 37 1.45 2.07 9.75
C GLU B 37 1.05 0.95 8.78
N VAL B 38 0.34 1.34 7.74
CA VAL B 38 -0.12 0.39 6.74
C VAL B 38 1.10 -0.18 5.99
N ILE B 39 1.95 0.74 5.53
CA ILE B 39 3.14 0.34 4.81
C ILE B 39 4.05 -0.47 5.73
N LYS B 40 4.31 0.11 6.90
CA LYS B 40 5.16 -0.54 7.88
C LYS B 40 4.53 -1.88 8.30
N ASP B 41 3.22 -1.82 8.51
CA ASP B 41 2.49 -3.01 8.92
C ASP B 41 2.66 -4.10 7.85
N LEU B 42 2.51 -3.68 6.61
CA LEU B 42 2.64 -4.60 5.49
C LEU B 42 4.07 -5.17 5.47
N VAL B 43 5.02 -4.26 5.50
CA VAL B 43 6.42 -4.66 5.49
C VAL B 43 6.72 -5.51 6.73
N ASN B 44 6.22 -5.04 7.86
CA ASN B 44 6.43 -5.75 9.11
C ASN B 44 5.93 -7.19 8.97
N THR B 45 4.84 -7.33 8.23
CA THR B 45 4.25 -8.64 8.01
C THR B 45 5.10 -9.45 7.02
N VAL B 46 5.54 -8.77 5.98
CA VAL B 46 6.36 -9.41 4.96
C VAL B 46 7.65 -9.93 5.60
N ARG B 47 8.19 -9.13 6.51
CA ARG B 47 9.41 -9.49 7.21
C ARG B 47 9.13 -10.60 8.22
N SER B 48 7.94 -10.55 8.80
CA SER B 48 7.54 -11.54 9.78
C SER B 48 7.71 -12.94 9.22
N TYR B 49 7.33 -13.09 7.96
CA TYR B 49 7.44 -14.37 7.29
C TYR B 49 8.89 -14.69 6.94
N ASP B 50 9.66 -13.63 6.71
CA ASP B 50 11.07 -13.78 6.37
C ASP B 50 11.82 -14.35 7.58
N THR B 51 11.46 -13.85 8.75
CA THR B 51 12.09 -14.29 9.99
C THR B 51 11.30 -15.44 10.59
N GLU B 52 11.87 -16.02 11.65
CA GLU B 52 11.24 -17.13 12.33
C GLU B 52 10.36 -16.62 13.48
N ASN B 53 10.05 -15.33 13.41
CA ASN B 53 9.21 -14.71 14.43
C ASN B 53 7.78 -14.58 13.91
N GLU B 54 6.88 -14.30 14.84
CA GLU B 54 5.47 -14.15 14.49
C GLU B 54 4.87 -12.96 15.23
N HIS B 55 3.90 -12.33 14.59
CA HIS B 55 3.24 -11.18 15.17
C HIS B 55 2.09 -10.72 14.25
N ASP B 56 0.95 -10.48 14.87
CA ASP B 56 -0.23 -10.04 14.13
C ASP B 56 -0.64 -8.64 14.61
N VAL B 57 -1.36 -7.96 13.74
CA VAL B 57 -1.82 -6.61 14.06
C VAL B 57 -3.28 -6.67 14.51
N CYS B 58 -3.50 -6.27 15.75
CA CYS B 58 -4.84 -6.26 16.32
C CYS B 58 -5.26 -4.82 16.56
N GLY B 59 -5.48 -4.10 15.47
CA GLY B 59 -5.88 -2.70 15.56
C GLY B 59 -5.77 -2.02 14.19
N TRP B 60 -4.55 -1.92 13.71
CA TRP B 60 -4.30 -1.29 12.42
C TRP B 60 -3.97 -2.40 11.41
N MET A 1 18.67 -13.00 -11.03
CA MET A 1 18.24 -11.62 -10.80
C MET A 1 17.85 -11.41 -9.34
N GLY A 2 18.80 -10.91 -8.57
CA GLY A 2 18.57 -10.65 -7.16
C GLY A 2 18.76 -9.17 -6.83
N LYS A 3 17.74 -8.39 -7.14
CA LYS A 3 17.79 -6.96 -6.88
C LYS A 3 16.94 -6.63 -5.64
N ALA A 4 17.08 -5.41 -5.18
CA ALA A 4 16.33 -4.96 -4.01
C ALA A 4 15.24 -3.99 -4.45
N THR A 5 14.05 -4.55 -4.67
CA THR A 5 12.91 -3.75 -5.08
C THR A 5 11.64 -4.25 -4.42
N TYR A 6 10.66 -3.36 -4.36
CA TYR A 6 9.38 -3.70 -3.75
C TYR A 6 8.21 -3.27 -4.64
N THR A 7 7.22 -4.15 -4.73
CA THR A 7 6.05 -3.88 -5.54
C THR A 7 4.82 -3.67 -4.65
N VAL A 8 4.29 -2.47 -4.70
CA VAL A 8 3.11 -2.13 -3.91
C VAL A 8 1.90 -1.99 -4.84
N THR A 9 0.81 -2.61 -4.43
CA THR A 9 -0.41 -2.55 -5.22
C THR A 9 -1.58 -2.10 -4.34
N VAL A 10 -2.34 -1.15 -4.87
CA VAL A 10 -3.49 -0.63 -4.16
C VAL A 10 -4.73 -0.75 -5.04
N THR A 11 -5.74 -1.41 -4.50
CA THR A 11 -6.99 -1.61 -5.23
C THR A 11 -8.17 -1.14 -4.39
N ASN A 12 -9.12 -0.49 -5.05
CA ASN A 12 -10.31 0.01 -4.38
C ASN A 12 -11.48 -0.94 -4.65
N ASN A 13 -11.75 -1.79 -3.66
CA ASN A 13 -12.83 -2.74 -3.78
C ASN A 13 -14.15 -1.98 -3.99
N SER A 14 -14.10 -0.69 -3.72
CA SER A 14 -15.28 0.15 -3.88
C SER A 14 -15.58 0.35 -5.37
N ASN A 15 -14.51 0.44 -6.15
CA ASN A 15 -14.65 0.64 -7.58
C ASN A 15 -14.15 -0.62 -8.31
N GLY A 16 -13.52 -1.50 -7.54
CA GLY A 16 -13.01 -2.74 -8.09
C GLY A 16 -11.78 -2.48 -8.97
N VAL A 17 -11.28 -1.25 -8.88
CA VAL A 17 -10.11 -0.86 -9.66
C VAL A 17 -8.85 -1.19 -8.87
N SER A 18 -7.81 -1.58 -9.60
CA SER A 18 -6.55 -1.92 -8.97
C SER A 18 -5.44 -1.02 -9.52
N VAL A 19 -4.36 -0.95 -8.76
CA VAL A 19 -3.22 -0.13 -9.14
C VAL A 19 -1.94 -0.69 -8.51
N ASP A 20 -0.97 -0.97 -9.38
CA ASP A 20 0.30 -1.52 -8.92
C ASP A 20 1.42 -0.55 -9.29
N TYR A 21 2.36 -0.41 -8.38
CA TYR A 21 3.50 0.47 -8.60
C TYR A 21 4.78 -0.14 -8.04
N GLU A 22 5.80 -0.17 -8.89
CA GLU A 22 7.09 -0.73 -8.51
C GLU A 22 7.95 0.35 -7.85
N THR A 23 8.20 0.16 -6.57
CA THR A 23 9.00 1.10 -5.82
C THR A 23 9.98 0.36 -4.89
N GLU A 24 11.26 0.55 -5.15
CA GLU A 24 12.29 -0.09 -4.35
C GLU A 24 12.66 0.80 -3.15
N THR A 25 12.06 0.50 -2.02
CA THR A 25 12.31 1.24 -0.80
C THR A 25 12.59 0.30 0.37
N PRO A 26 13.83 0.38 0.90
CA PRO A 26 14.23 -0.46 2.01
C PRO A 26 13.61 0.03 3.32
N MET A 27 14.32 0.94 3.97
CA MET A 27 13.84 1.49 5.23
C MET A 27 12.69 2.46 5.00
N THR A 28 12.71 3.09 3.83
CA THR A 28 11.67 4.05 3.48
C THR A 28 10.28 3.43 3.70
N LEU A 29 10.23 2.12 3.56
CA LEU A 29 8.97 1.40 3.73
C LEU A 29 8.42 1.68 5.13
N LEU A 30 9.33 1.80 6.08
CA LEU A 30 8.96 2.07 7.46
C LEU A 30 8.72 3.58 7.64
N VAL A 31 9.34 4.35 6.75
CA VAL A 31 9.21 5.79 6.80
C VAL A 31 7.76 6.19 6.53
N PRO A 32 7.25 7.13 7.37
CA PRO A 32 5.88 7.59 7.22
C PRO A 32 5.74 8.53 6.02
N GLU A 33 6.71 9.43 5.90
CA GLU A 33 6.71 10.38 4.81
C GLU A 33 6.71 9.66 3.46
N VAL A 34 7.44 8.55 3.42
CA VAL A 34 7.54 7.76 2.21
C VAL A 34 6.30 6.86 2.09
N ALA A 35 5.95 6.24 3.21
CA ALA A 35 4.80 5.36 3.25
C ALA A 35 3.54 6.16 2.93
N ALA A 36 3.43 7.31 3.57
CA ALA A 36 2.27 8.18 3.36
C ALA A 36 2.21 8.58 1.89
N GLU A 37 3.34 9.01 1.36
CA GLU A 37 3.43 9.42 -0.02
C GLU A 37 3.12 8.24 -0.95
N VAL A 38 3.52 7.07 -0.51
CA VAL A 38 3.29 5.86 -1.27
C VAL A 38 1.81 5.53 -1.27
N ILE A 39 1.24 5.47 -0.07
CA ILE A 39 -0.16 5.18 0.09
C ILE A 39 -1.00 6.22 -0.64
N LYS A 40 -0.59 7.48 -0.47
CA LYS A 40 -1.28 8.58 -1.11
C LYS A 40 -1.01 8.54 -2.62
N ASP A 41 0.25 8.29 -2.95
CA ASP A 41 0.64 8.24 -4.35
C ASP A 41 -0.18 7.17 -5.06
N LEU A 42 -0.31 6.03 -4.40
CA LEU A 42 -1.08 4.93 -4.97
C LEU A 42 -2.54 5.36 -5.14
N VAL A 43 -3.10 5.89 -4.07
CA VAL A 43 -4.48 6.34 -4.08
C VAL A 43 -4.62 7.47 -5.11
N ASN A 44 -3.69 8.41 -5.06
CA ASN A 44 -3.71 9.54 -5.97
C ASN A 44 -3.70 9.01 -7.41
N THR A 45 -3.00 7.92 -7.61
CA THR A 45 -2.90 7.32 -8.93
C THR A 45 -4.23 6.63 -9.30
N VAL A 46 -4.77 5.91 -8.32
CA VAL A 46 -6.02 5.21 -8.52
C VAL A 46 -7.12 6.22 -8.88
N ARG A 47 -7.10 7.34 -8.18
CA ARG A 47 -8.09 8.38 -8.41
C ARG A 47 -7.79 9.10 -9.73
N SER A 48 -6.51 9.14 -10.08
CA SER A 48 -6.09 9.79 -11.30
C SER A 48 -6.84 9.21 -12.50
N TYR A 49 -7.13 7.92 -12.40
CA TYR A 49 -7.85 7.23 -13.46
C TYR A 49 -9.23 7.86 -13.68
N ASP A 50 -9.76 8.42 -12.61
CA ASP A 50 -11.07 9.05 -12.68
C ASP A 50 -11.15 10.17 -11.63
N THR A 51 -10.66 11.34 -12.01
CA THR A 51 -10.66 12.48 -11.12
C THR A 51 -11.51 13.61 -11.71
N GLU A 52 -11.72 14.64 -10.89
CA GLU A 52 -12.51 15.77 -11.32
C GLU A 52 -11.92 16.38 -12.60
N ASN A 53 -10.70 16.89 -12.47
CA ASN A 53 -10.02 17.50 -13.60
C ASN A 53 -8.83 16.62 -14.00
N GLU A 54 -8.46 16.73 -15.26
CA GLU A 54 -7.34 15.96 -15.77
C GLU A 54 -6.17 16.88 -16.13
N HIS A 55 -5.53 17.41 -15.10
CA HIS A 55 -4.41 18.31 -15.29
C HIS A 55 -3.60 18.39 -14.00
N ASP A 56 -4.18 19.03 -13.00
CA ASP A 56 -3.52 19.18 -11.72
C ASP A 56 -4.32 18.45 -10.65
N VAL A 57 -3.60 17.82 -9.74
CA VAL A 57 -4.24 17.08 -8.66
C VAL A 57 -5.01 18.05 -7.77
N CYS A 58 -6.28 17.75 -7.58
CA CYS A 58 -7.14 18.58 -6.76
C CYS A 58 -8.31 17.72 -6.26
N GLY A 59 -8.63 17.89 -4.99
CA GLY A 59 -9.72 17.15 -4.38
C GLY A 59 -9.44 15.64 -4.42
N TRP A 60 -9.69 15.00 -3.29
CA TRP A 60 -9.48 13.56 -3.19
C TRP A 60 -10.60 12.98 -2.32
N MET B 1 -20.32 -5.79 -3.67
CA MET B 1 -21.56 -5.25 -4.18
C MET B 1 -21.55 -3.73 -4.16
N GLY B 2 -21.35 -3.18 -2.96
CA GLY B 2 -21.33 -1.74 -2.80
C GLY B 2 -20.72 -1.36 -1.44
N LYS B 3 -19.50 -1.84 -1.21
CA LYS B 3 -18.81 -1.57 0.03
C LYS B 3 -17.53 -0.78 -0.26
N ALA B 4 -17.08 -0.05 0.73
CA ALA B 4 -15.87 0.75 0.59
C ALA B 4 -14.71 0.04 1.29
N THR B 5 -13.81 -0.50 0.47
CA THR B 5 -12.66 -1.21 1.01
C THR B 5 -11.46 -1.04 0.07
N TYR B 6 -10.28 -1.29 0.63
CA TYR B 6 -9.05 -1.16 -0.14
C TYR B 6 -8.09 -2.32 0.16
N THR B 7 -7.36 -2.71 -0.87
CA THR B 7 -6.41 -3.80 -0.74
C THR B 7 -5.00 -3.34 -1.12
N VAL B 8 -4.16 -3.21 -0.10
CA VAL B 8 -2.79 -2.78 -0.31
C VAL B 8 -1.86 -3.99 -0.26
N THR B 9 -1.20 -4.24 -1.38
CA THR B 9 -0.29 -5.37 -1.46
C THR B 9 1.16 -4.88 -1.38
N VAL B 10 1.98 -5.70 -0.74
CA VAL B 10 3.39 -5.37 -0.57
C VAL B 10 4.23 -6.62 -0.75
N THR B 11 5.04 -6.62 -1.80
CA THR B 11 5.90 -7.76 -2.09
C THR B 11 7.34 -7.29 -2.29
N ASN B 12 8.26 -8.06 -1.73
CA ASN B 12 9.68 -7.75 -1.85
C ASN B 12 10.28 -8.55 -2.98
N ASN B 13 10.86 -7.83 -3.94
CA ASN B 13 11.48 -8.47 -5.08
C ASN B 13 12.87 -8.97 -4.70
N SER B 14 13.34 -8.48 -3.56
CA SER B 14 14.65 -8.88 -3.06
C SER B 14 14.54 -10.19 -2.30
N ASN B 15 13.42 -10.35 -1.61
CA ASN B 15 13.17 -11.56 -0.84
C ASN B 15 12.09 -12.38 -1.52
N GLY B 16 11.47 -11.79 -2.53
CA GLY B 16 10.43 -12.46 -3.27
C GLY B 16 9.23 -12.77 -2.37
N VAL B 17 9.21 -12.11 -1.22
CA VAL B 17 8.13 -12.31 -0.27
C VAL B 17 6.98 -11.37 -0.60
N SER B 18 5.80 -11.95 -0.75
CA SER B 18 4.61 -11.19 -1.08
C SER B 18 3.65 -11.18 0.11
N VAL B 19 2.96 -10.07 0.27
CA VAL B 19 2.01 -9.92 1.36
C VAL B 19 0.93 -8.92 0.96
N ASP B 20 -0.32 -9.36 1.08
CA ASP B 20 -1.44 -8.51 0.74
C ASP B 20 -2.31 -8.28 1.98
N TYR B 21 -2.88 -7.10 2.05
CA TYR B 21 -3.74 -6.74 3.18
C TYR B 21 -4.95 -5.93 2.72
N GLU B 22 -6.12 -6.39 3.13
CA GLU B 22 -7.36 -5.73 2.77
C GLU B 22 -7.85 -4.84 3.93
N THR B 23 -7.87 -3.54 3.68
CA THR B 23 -8.30 -2.60 4.68
C THR B 23 -9.20 -1.52 4.05
N GLU B 24 -10.14 -1.04 4.85
CA GLU B 24 -11.06 -0.01 4.39
C GLU B 24 -10.69 1.34 4.98
N THR B 25 -9.93 2.10 4.20
CA THR B 25 -9.49 3.42 4.64
C THR B 25 -9.67 4.44 3.52
N PRO B 26 -10.64 5.37 3.73
CA PRO B 26 -10.92 6.40 2.74
C PRO B 26 -9.83 7.48 2.74
N MET B 27 -10.02 8.46 3.60
CA MET B 27 -9.06 9.56 3.71
C MET B 27 -7.80 9.10 4.46
N THR B 28 -7.98 8.12 5.33
CA THR B 28 -6.87 7.60 6.10
C THR B 28 -5.72 7.20 5.17
N LEU B 29 -6.09 6.76 3.97
CA LEU B 29 -5.10 6.35 2.99
C LEU B 29 -4.12 7.50 2.75
N LEU B 30 -4.66 8.72 2.79
CA LEU B 30 -3.85 9.90 2.58
C LEU B 30 -3.07 10.22 3.86
N VAL B 31 -3.63 9.76 4.97
CA VAL B 31 -3.00 10.00 6.27
C VAL B 31 -1.66 9.25 6.32
N PRO B 32 -0.63 9.98 6.82
CA PRO B 32 0.70 9.41 6.92
C PRO B 32 0.78 8.42 8.10
N GLU B 33 0.15 8.81 9.20
CA GLU B 33 0.13 7.99 10.38
C GLU B 33 -0.53 6.63 10.09
N VAL B 34 -1.54 6.68 9.24
CA VAL B 34 -2.26 5.48 8.85
C VAL B 34 -1.50 4.76 7.75
N ALA B 35 -1.06 5.54 6.77
CA ALA B 35 -0.32 4.99 5.65
C ALA B 35 1.00 4.43 6.15
N ALA B 36 1.67 5.22 6.99
CA ALA B 36 2.95 4.81 7.53
C ALA B 36 2.80 3.46 8.24
N GLU B 37 1.76 3.37 9.07
CA GLU B 37 1.49 2.14 9.79
C GLU B 37 1.09 1.02 8.82
N VAL B 38 0.38 1.42 7.78
CA VAL B 38 -0.07 0.46 6.77
C VAL B 38 1.14 -0.10 6.04
N ILE B 39 1.98 0.82 5.55
CA ILE B 39 3.17 0.42 4.83
C ILE B 39 4.09 -0.40 5.75
N LYS B 40 4.33 0.15 6.93
CA LYS B 40 5.18 -0.53 7.90
C LYS B 40 4.52 -1.85 8.31
N ASP B 41 3.22 -1.79 8.53
CA ASP B 41 2.48 -2.97 8.92
C ASP B 41 2.64 -4.06 7.85
N LEU B 42 2.52 -3.63 6.61
CA LEU B 42 2.66 -4.55 5.49
C LEU B 42 4.06 -5.13 5.48
N VAL B 43 5.05 -4.24 5.53
CA VAL B 43 6.43 -4.65 5.54
C VAL B 43 6.70 -5.51 6.77
N ASN B 44 6.19 -5.04 7.91
CA ASN B 44 6.37 -5.75 9.15
C ASN B 44 5.86 -7.18 9.00
N THR B 45 4.76 -7.32 8.28
CA THR B 45 4.16 -8.62 8.05
C THR B 45 4.99 -9.41 7.03
N VAL B 46 5.49 -8.70 6.04
CA VAL B 46 6.30 -9.32 5.00
C VAL B 46 7.55 -9.93 5.63
N ARG B 47 8.17 -9.16 6.51
CA ARG B 47 9.37 -9.61 7.19
C ARG B 47 9.02 -10.65 8.25
N SER B 48 7.79 -10.55 8.75
CA SER B 48 7.34 -11.47 9.78
C SER B 48 7.48 -12.91 9.28
N TYR B 49 7.21 -13.09 8.00
CA TYR B 49 7.31 -14.41 7.39
C TYR B 49 8.76 -14.82 7.20
N ASP B 50 9.63 -13.82 7.14
CA ASP B 50 11.05 -14.05 6.96
C ASP B 50 11.56 -14.93 8.10
N THR B 51 11.08 -14.64 9.30
CA THR B 51 11.48 -15.39 10.47
C THR B 51 10.25 -15.92 11.21
N GLU B 52 10.51 -16.66 12.28
CA GLU B 52 9.44 -17.23 13.08
C GLU B 52 9.09 -16.30 14.24
N ASN B 53 8.88 -15.04 13.91
CA ASN B 53 8.55 -14.05 14.91
C ASN B 53 7.04 -13.78 14.87
N GLU B 54 6.47 -13.62 16.06
CA GLU B 54 5.05 -13.36 16.18
C GLU B 54 4.28 -14.19 15.16
N HIS B 55 3.07 -13.74 14.87
CA HIS B 55 2.22 -14.43 13.91
C HIS B 55 1.44 -13.40 13.07
N ASP B 56 0.84 -13.89 12.00
CA ASP B 56 0.07 -13.03 11.11
C ASP B 56 -1.38 -12.99 11.58
N VAL B 57 -1.97 -11.81 11.45
CA VAL B 57 -3.36 -11.61 11.86
C VAL B 57 -4.25 -11.70 10.63
N CYS B 58 -5.24 -12.58 10.73
CA CYS B 58 -6.18 -12.77 9.64
C CYS B 58 -7.02 -11.49 9.50
N GLY B 59 -6.41 -10.50 8.87
CA GLY B 59 -7.09 -9.22 8.66
C GLY B 59 -7.95 -8.86 9.87
N TRP B 60 -7.31 -8.22 10.85
CA TRP B 60 -8.01 -7.81 12.04
C TRP B 60 -6.96 -7.36 13.07
N MET A 1 18.76 -10.38 -11.38
CA MET A 1 19.14 -11.60 -10.71
C MET A 1 18.76 -11.56 -9.23
N GLY A 2 19.10 -10.45 -8.59
CA GLY A 2 18.79 -10.28 -7.19
C GLY A 2 18.93 -8.81 -6.77
N LYS A 3 17.93 -8.02 -7.14
CA LYS A 3 17.94 -6.61 -6.82
C LYS A 3 17.01 -6.36 -5.63
N ALA A 4 17.11 -5.17 -5.07
CA ALA A 4 16.29 -4.79 -3.93
C ALA A 4 15.22 -3.80 -4.38
N THR A 5 14.06 -4.34 -4.71
CA THR A 5 12.95 -3.52 -5.16
C THR A 5 11.64 -3.99 -4.52
N TYR A 6 10.69 -3.06 -4.44
CA TYR A 6 9.40 -3.38 -3.86
C TYR A 6 8.27 -2.81 -4.72
N THR A 7 7.21 -3.62 -4.85
CA THR A 7 6.07 -3.22 -5.63
C THR A 7 4.83 -3.09 -4.75
N VAL A 8 4.31 -1.87 -4.67
CA VAL A 8 3.14 -1.60 -3.86
C VAL A 8 1.90 -1.52 -4.77
N THR A 9 0.88 -2.27 -4.41
CA THR A 9 -0.35 -2.30 -5.17
C THR A 9 -1.53 -1.84 -4.31
N VAL A 10 -2.21 -0.81 -4.80
CA VAL A 10 -3.35 -0.26 -4.08
C VAL A 10 -4.58 -0.34 -4.97
N THR A 11 -5.58 -1.08 -4.51
CA THR A 11 -6.81 -1.24 -5.25
C THR A 11 -8.01 -0.78 -4.42
N ASN A 12 -8.94 -0.12 -5.08
CA ASN A 12 -10.13 0.37 -4.41
C ASN A 12 -11.30 -0.57 -4.69
N ASN A 13 -11.55 -1.44 -3.71
CA ASN A 13 -12.64 -2.40 -3.83
C ASN A 13 -13.95 -1.65 -4.06
N SER A 14 -13.92 -0.36 -3.81
CA SER A 14 -15.09 0.47 -3.98
C SER A 14 -15.31 0.76 -5.47
N ASN A 15 -14.19 0.90 -6.18
CA ASN A 15 -14.24 1.18 -7.61
C ASN A 15 -13.74 -0.04 -8.37
N GLY A 16 -13.29 -1.04 -7.62
CA GLY A 16 -12.78 -2.26 -8.22
C GLY A 16 -11.55 -1.98 -9.07
N VAL A 17 -11.03 -0.77 -8.93
CA VAL A 17 -9.85 -0.36 -9.68
C VAL A 17 -8.59 -0.72 -8.90
N SER A 18 -7.57 -1.12 -9.63
CA SER A 18 -6.30 -1.48 -9.02
C SER A 18 -5.19 -0.58 -9.53
N VAL A 19 -4.11 -0.51 -8.75
CA VAL A 19 -2.98 0.31 -9.11
C VAL A 19 -1.72 -0.24 -8.43
N ASP A 20 -0.70 -0.45 -9.25
CA ASP A 20 0.55 -0.98 -8.75
C ASP A 20 1.68 0.03 -9.03
N TYR A 21 2.62 0.09 -8.11
CA TYR A 21 3.75 0.99 -8.26
C TYR A 21 5.05 0.34 -7.80
N GLU A 22 6.04 0.37 -8.67
CA GLU A 22 7.33 -0.22 -8.37
C GLU A 22 8.25 0.82 -7.71
N THR A 23 8.54 0.59 -6.44
CA THR A 23 9.40 1.49 -5.69
C THR A 23 10.37 0.70 -4.82
N GLU A 24 11.65 0.94 -5.04
CA GLU A 24 12.69 0.26 -4.28
C GLU A 24 13.02 1.05 -3.01
N THR A 25 12.38 0.64 -1.92
CA THR A 25 12.60 1.30 -0.65
C THR A 25 12.80 0.26 0.46
N PRO A 26 14.04 0.27 1.04
CA PRO A 26 14.38 -0.66 2.10
C PRO A 26 13.71 -0.25 3.41
N MET A 27 14.43 0.58 4.17
CA MET A 27 13.93 1.06 5.44
C MET A 27 12.82 2.10 5.24
N THR A 28 12.91 2.81 4.13
CA THR A 28 11.93 3.84 3.81
C THR A 28 10.51 3.26 3.93
N LEU A 29 10.43 1.95 3.82
CA LEU A 29 9.14 1.27 3.92
C LEU A 29 8.53 1.54 5.30
N LEU A 30 9.40 1.65 6.29
CA LEU A 30 8.96 1.90 7.65
C LEU A 30 8.73 3.40 7.83
N VAL A 31 9.42 4.18 7.02
CA VAL A 31 9.30 5.63 7.08
C VAL A 31 7.85 6.02 6.81
N PRO A 32 7.32 6.93 7.68
CA PRO A 32 5.96 7.39 7.54
C PRO A 32 5.83 8.38 6.37
N GLU A 33 6.80 9.28 6.29
CA GLU A 33 6.80 10.28 5.24
C GLU A 33 6.82 9.59 3.86
N VAL A 34 7.57 8.50 3.79
CA VAL A 34 7.68 7.76 2.55
C VAL A 34 6.45 6.87 2.38
N ALA A 35 6.07 6.24 3.47
CA ALA A 35 4.90 5.35 3.46
C ALA A 35 3.65 6.18 3.15
N ALA A 36 3.56 7.32 3.81
CA ALA A 36 2.41 8.21 3.61
C ALA A 36 2.36 8.62 2.14
N GLU A 37 3.50 9.08 1.64
CA GLU A 37 3.59 9.52 0.26
C GLU A 37 3.31 8.35 -0.69
N VAL A 38 3.75 7.18 -0.27
CA VAL A 38 3.55 5.98 -1.07
C VAL A 38 2.06 5.63 -1.11
N ILE A 39 1.45 5.66 0.08
CA ILE A 39 0.03 5.35 0.19
C ILE A 39 -0.78 6.44 -0.50
N LYS A 40 -0.41 7.69 -0.21
CA LYS A 40 -1.10 8.83 -0.81
C LYS A 40 -0.84 8.84 -2.32
N ASP A 41 0.41 8.60 -2.68
CA ASP A 41 0.80 8.58 -4.08
C ASP A 41 0.00 7.52 -4.81
N LEU A 42 -0.07 6.34 -4.20
CA LEU A 42 -0.80 5.23 -4.78
C LEU A 42 -2.29 5.57 -4.82
N VAL A 43 -2.80 6.01 -3.68
CA VAL A 43 -4.20 6.37 -3.57
C VAL A 43 -4.52 7.49 -4.56
N ASN A 44 -3.63 8.47 -4.59
CA ASN A 44 -3.81 9.61 -5.48
C ASN A 44 -3.94 9.09 -6.91
N THR A 45 -3.17 8.06 -7.22
CA THR A 45 -3.19 7.47 -8.55
C THR A 45 -4.49 6.70 -8.76
N VAL A 46 -4.87 5.93 -7.75
CA VAL A 46 -6.08 5.13 -7.81
C VAL A 46 -7.28 6.05 -8.01
N ARG A 47 -7.26 7.16 -7.28
CA ARG A 47 -8.34 8.14 -7.37
C ARG A 47 -8.26 8.89 -8.69
N SER A 48 -7.05 9.02 -9.20
CA SER A 48 -6.83 9.72 -10.45
C SER A 48 -7.71 9.13 -11.54
N TYR A 49 -7.74 7.81 -11.58
CA TYR A 49 -8.54 7.10 -12.56
C TYR A 49 -10.03 7.26 -12.27
N ASP A 50 -10.35 7.40 -11.00
CA ASP A 50 -11.73 7.56 -10.57
C ASP A 50 -12.43 8.53 -11.53
N THR A 51 -11.89 9.73 -11.61
CA THR A 51 -12.46 10.75 -12.47
C THR A 51 -11.91 10.62 -13.89
N GLU A 52 -12.45 11.43 -14.78
CA GLU A 52 -12.02 11.41 -16.18
C GLU A 52 -10.86 12.38 -16.39
N ASN A 53 -10.98 13.54 -15.76
CA ASN A 53 -9.95 14.56 -15.87
C ASN A 53 -9.34 14.82 -14.49
N GLU A 54 -8.01 14.88 -14.47
CA GLU A 54 -7.31 15.13 -13.22
C GLU A 54 -6.52 16.43 -13.30
N HIS A 55 -5.98 16.70 -14.49
CA HIS A 55 -5.21 17.91 -14.71
C HIS A 55 -4.15 18.06 -13.61
N ASP A 56 -4.46 18.92 -12.65
CA ASP A 56 -3.55 19.16 -11.54
C ASP A 56 -4.02 18.37 -10.33
N VAL A 57 -3.06 17.70 -9.69
CA VAL A 57 -3.35 16.90 -8.52
C VAL A 57 -3.85 17.81 -7.39
N CYS A 58 -5.06 17.55 -6.95
CA CYS A 58 -5.66 18.35 -5.89
C CYS A 58 -6.20 17.39 -4.82
N GLY A 59 -5.36 16.45 -4.44
CA GLY A 59 -5.72 15.47 -3.43
C GLY A 59 -7.11 14.89 -3.72
N TRP A 60 -7.13 13.75 -4.38
CA TRP A 60 -8.38 13.09 -4.72
C TRP A 60 -8.48 11.81 -3.88
N MET B 1 -23.55 -5.63 -2.92
CA MET B 1 -22.31 -4.99 -3.39
C MET B 1 -22.40 -3.47 -3.26
N GLY B 2 -21.24 -2.84 -3.21
CA GLY B 2 -21.17 -1.40 -3.09
C GLY B 2 -20.57 -0.99 -1.75
N LYS B 3 -19.38 -1.49 -1.48
CA LYS B 3 -18.69 -1.19 -0.24
C LYS B 3 -17.40 -0.41 -0.55
N ALA B 4 -16.98 0.37 0.43
CA ALA B 4 -15.76 1.17 0.27
C ALA B 4 -14.62 0.49 1.04
N THR B 5 -13.69 -0.08 0.27
CA THR B 5 -12.55 -0.76 0.86
C THR B 5 -11.33 -0.60 -0.03
N TYR B 6 -10.17 -0.89 0.54
CA TYR B 6 -8.92 -0.78 -0.18
C TYR B 6 -8.00 -1.97 0.13
N THR B 7 -7.24 -2.37 -0.88
CA THR B 7 -6.32 -3.48 -0.74
C THR B 7 -4.90 -3.06 -1.11
N VAL B 8 -4.07 -2.95 -0.10
CA VAL B 8 -2.68 -2.56 -0.29
C VAL B 8 -1.79 -3.81 -0.32
N THR B 9 -1.05 -3.94 -1.41
CA THR B 9 -0.16 -5.09 -1.57
C THR B 9 1.30 -4.64 -1.42
N VAL B 10 2.10 -5.57 -0.92
CA VAL B 10 3.52 -5.29 -0.73
C VAL B 10 4.33 -6.52 -1.14
N THR B 11 5.09 -6.35 -2.21
CA THR B 11 5.92 -7.43 -2.71
C THR B 11 7.39 -6.99 -2.77
N ASN B 12 8.24 -7.83 -2.21
CA ASN B 12 9.67 -7.56 -2.20
C ASN B 12 10.35 -8.31 -3.33
N ASN B 13 10.59 -7.59 -4.42
CA ASN B 13 11.23 -8.18 -5.59
C ASN B 13 12.61 -8.73 -5.19
N SER B 14 13.05 -8.31 -4.01
CA SER B 14 14.34 -8.75 -3.50
C SER B 14 14.22 -10.15 -2.90
N ASN B 15 13.07 -10.41 -2.30
CA ASN B 15 12.82 -11.70 -1.69
C ASN B 15 11.76 -12.45 -2.51
N GLY B 16 11.24 -11.76 -3.51
CA GLY B 16 10.23 -12.35 -4.38
C GLY B 16 8.98 -12.71 -3.59
N VAL B 17 8.92 -12.21 -2.37
CA VAL B 17 7.79 -12.47 -1.49
C VAL B 17 6.73 -11.37 -1.71
N SER B 18 5.47 -11.79 -1.61
CA SER B 18 4.37 -10.86 -1.79
C SER B 18 3.45 -10.90 -0.57
N VAL B 19 2.73 -9.80 -0.38
CA VAL B 19 1.82 -9.70 0.75
C VAL B 19 0.70 -8.70 0.41
N ASP B 20 -0.53 -9.17 0.55
CA ASP B 20 -1.68 -8.34 0.26
C ASP B 20 -2.48 -8.11 1.55
N TYR B 21 -3.01 -6.90 1.67
CA TYR B 21 -3.79 -6.54 2.84
C TYR B 21 -5.01 -5.70 2.45
N GLU B 22 -6.16 -6.13 2.93
CA GLU B 22 -7.40 -5.43 2.65
C GLU B 22 -7.84 -4.60 3.86
N THR B 23 -7.82 -3.28 3.67
CA THR B 23 -8.22 -2.38 4.73
C THR B 23 -9.09 -1.26 4.18
N GLU B 24 -10.08 -0.87 4.97
CA GLU B 24 -10.99 0.19 4.57
C GLU B 24 -10.57 1.52 5.20
N THR B 25 -9.80 2.28 4.43
CA THR B 25 -9.33 3.58 4.90
C THR B 25 -9.50 4.63 3.81
N PRO B 26 -10.46 5.57 4.07
CA PRO B 26 -10.73 6.64 3.13
C PRO B 26 -9.63 7.70 3.16
N MET B 27 -9.77 8.61 4.10
CA MET B 27 -8.80 9.69 4.26
C MET B 27 -7.51 9.18 4.91
N THR B 28 -7.68 8.14 5.71
CA THR B 28 -6.54 7.55 6.40
C THR B 28 -5.42 7.23 5.41
N LEU B 29 -5.83 6.78 4.23
CA LEU B 29 -4.87 6.44 3.19
C LEU B 29 -3.92 7.62 2.97
N LEU B 30 -4.48 8.81 3.07
CA LEU B 30 -3.70 10.03 2.88
C LEU B 30 -2.92 10.32 4.16
N VAL B 31 -3.44 9.81 5.27
CA VAL B 31 -2.80 10.01 6.56
C VAL B 31 -1.47 9.25 6.60
N PRO B 32 -0.43 9.93 7.12
CA PRO B 32 0.89 9.34 7.22
C PRO B 32 0.94 8.30 8.36
N GLU B 33 0.35 8.68 9.48
CA GLU B 33 0.32 7.80 10.64
C GLU B 33 -0.39 6.49 10.29
N VAL B 34 -1.39 6.60 9.44
CA VAL B 34 -2.15 5.44 9.02
C VAL B 34 -1.41 4.72 7.89
N ALA B 35 -0.96 5.51 6.93
CA ALA B 35 -0.24 4.97 5.80
C ALA B 35 1.08 4.36 6.27
N ALA B 36 1.74 5.09 7.17
CA ALA B 36 3.00 4.63 7.72
C ALA B 36 2.82 3.24 8.35
N GLU B 37 1.77 3.14 9.16
CA GLU B 37 1.47 1.89 9.82
C GLU B 37 1.07 0.82 8.80
N VAL B 38 0.37 1.28 7.76
CA VAL B 38 -0.08 0.38 6.72
C VAL B 38 1.14 -0.17 5.96
N ILE B 39 2.02 0.75 5.58
CA ILE B 39 3.22 0.37 4.86
C ILE B 39 4.10 -0.51 5.75
N LYS B 40 4.33 -0.01 6.97
CA LYS B 40 5.15 -0.72 7.92
C LYS B 40 4.47 -2.06 8.27
N ASP B 41 3.16 -1.98 8.45
CA ASP B 41 2.38 -3.17 8.78
C ASP B 41 2.57 -4.22 7.70
N LEU B 42 2.47 -3.77 6.45
CA LEU B 42 2.63 -4.66 5.32
C LEU B 42 4.03 -5.28 5.35
N VAL B 43 5.02 -4.41 5.50
CA VAL B 43 6.40 -4.86 5.56
C VAL B 43 6.60 -5.76 6.79
N ASN B 44 6.11 -5.26 7.92
CA ASN B 44 6.23 -5.99 9.17
C ASN B 44 5.62 -7.40 8.99
N THR B 45 4.54 -7.44 8.22
CA THR B 45 3.85 -8.69 7.96
C THR B 45 4.66 -9.55 6.99
N VAL B 46 5.23 -8.88 6.00
CA VAL B 46 6.03 -9.56 4.99
C VAL B 46 7.22 -10.23 5.66
N ARG B 47 7.86 -9.49 6.57
CA ARG B 47 9.01 -10.00 7.28
C ARG B 47 8.58 -11.03 8.32
N SER B 48 7.34 -10.90 8.77
CA SER B 48 6.80 -11.81 9.76
C SER B 48 6.96 -13.26 9.27
N TYR B 49 6.80 -13.42 7.96
CA TYR B 49 6.92 -14.75 7.36
C TYR B 49 8.38 -15.20 7.34
N ASP B 50 9.27 -14.23 7.16
CA ASP B 50 10.69 -14.51 7.12
C ASP B 50 11.18 -14.92 8.51
N THR B 51 10.78 -14.12 9.49
CA THR B 51 11.17 -14.38 10.87
C THR B 51 10.16 -15.31 11.54
N GLU B 52 10.58 -15.87 12.66
CA GLU B 52 9.72 -16.78 13.40
C GLU B 52 8.92 -16.01 14.47
N ASN B 53 8.22 -14.99 14.01
CA ASN B 53 7.42 -14.16 14.90
C ASN B 53 5.94 -14.35 14.57
N GLU B 54 5.10 -13.76 15.40
CA GLU B 54 3.67 -13.85 15.21
C GLU B 54 2.97 -12.63 15.82
N HIS B 55 1.93 -12.17 15.13
CA HIS B 55 1.17 -11.03 15.58
C HIS B 55 -0.09 -10.87 14.73
N ASP B 56 -1.15 -10.40 15.38
CA ASP B 56 -2.41 -10.20 14.70
C ASP B 56 -2.71 -8.70 14.60
N VAL B 57 -3.55 -8.36 13.64
CA VAL B 57 -3.92 -6.97 13.43
C VAL B 57 -4.67 -6.46 14.66
N CYS B 58 -4.60 -5.15 14.86
CA CYS B 58 -5.27 -4.52 15.99
C CYS B 58 -5.71 -3.12 15.56
N GLY B 59 -6.96 -2.82 15.86
CA GLY B 59 -7.52 -1.51 15.52
C GLY B 59 -8.26 -1.57 14.19
N TRP B 60 -8.48 -0.39 13.62
CA TRP B 60 -9.18 -0.30 12.34
C TRP B 60 -10.47 -1.10 12.45
N MET A 1 19.18 -10.81 -11.13
CA MET A 1 18.94 -12.01 -10.35
C MET A 1 19.13 -11.77 -8.86
N GLY A 2 18.15 -11.12 -8.26
CA GLY A 2 18.20 -10.81 -6.85
C GLY A 2 18.42 -9.31 -6.62
N LYS A 3 17.38 -8.54 -6.91
CA LYS A 3 17.45 -7.10 -6.74
C LYS A 3 16.64 -6.70 -5.50
N ALA A 4 16.79 -5.44 -5.11
CA ALA A 4 16.08 -4.92 -3.96
C ALA A 4 14.96 -4.00 -4.42
N THR A 5 13.78 -4.58 -4.56
CA THR A 5 12.61 -3.83 -4.99
C THR A 5 11.35 -4.34 -4.30
N TYR A 6 10.32 -3.51 -4.33
CA TYR A 6 9.06 -3.87 -3.70
C TYR A 6 7.88 -3.47 -4.58
N THR A 7 6.86 -4.31 -4.59
CA THR A 7 5.67 -4.05 -5.38
C THR A 7 4.47 -3.82 -4.48
N VAL A 8 4.04 -2.57 -4.44
CA VAL A 8 2.91 -2.18 -3.61
C VAL A 8 1.68 -1.99 -4.50
N THR A 9 0.70 -2.88 -4.34
CA THR A 9 -0.51 -2.81 -5.12
C THR A 9 -1.68 -2.35 -4.25
N VAL A 10 -2.31 -1.28 -4.69
CA VAL A 10 -3.44 -0.72 -3.97
C VAL A 10 -4.68 -0.71 -4.87
N THR A 11 -5.73 -1.37 -4.39
CA THR A 11 -6.96 -1.45 -5.14
C THR A 11 -8.15 -1.07 -4.25
N ASN A 12 -9.13 -0.42 -4.87
CA ASN A 12 -10.32 0.01 -4.16
C ASN A 12 -11.45 -1.00 -4.41
N ASN A 13 -11.95 -1.56 -3.32
CA ASN A 13 -13.03 -2.53 -3.41
C ASN A 13 -14.36 -1.79 -3.59
N SER A 14 -14.34 -0.50 -3.27
CA SER A 14 -15.53 0.32 -3.40
C SER A 14 -15.67 0.81 -4.84
N ASN A 15 -14.53 1.09 -5.47
CA ASN A 15 -14.52 1.57 -6.83
C ASN A 15 -13.94 0.49 -7.73
N GLY A 16 -13.51 -0.60 -7.11
CA GLY A 16 -12.92 -1.71 -7.84
C GLY A 16 -11.75 -1.24 -8.72
N VAL A 17 -11.18 -0.12 -8.31
CA VAL A 17 -10.05 0.46 -9.04
C VAL A 17 -8.75 -0.11 -8.49
N SER A 18 -8.00 -0.76 -9.35
CA SER A 18 -6.73 -1.35 -8.96
C SER A 18 -5.57 -0.51 -9.51
N VAL A 19 -4.54 -0.39 -8.70
CA VAL A 19 -3.37 0.37 -9.08
C VAL A 19 -2.14 -0.17 -8.35
N ASP A 20 -1.14 -0.54 -9.13
CA ASP A 20 0.10 -1.07 -8.57
C ASP A 20 1.26 -0.15 -8.93
N TYR A 21 2.21 -0.07 -8.01
CA TYR A 21 3.38 0.76 -8.22
C TYR A 21 4.65 0.09 -7.71
N GLU A 22 5.64 0.03 -8.58
CA GLU A 22 6.91 -0.60 -8.23
C GLU A 22 7.89 0.45 -7.71
N THR A 23 8.20 0.34 -6.43
CA THR A 23 9.12 1.27 -5.80
C THR A 23 10.08 0.53 -4.85
N GLU A 24 11.37 0.76 -5.06
CA GLU A 24 12.37 0.12 -4.25
C GLU A 24 12.68 0.97 -3.01
N THR A 25 12.04 0.62 -1.91
CA THR A 25 12.24 1.34 -0.66
C THR A 25 12.44 0.36 0.49
N PRO A 26 13.67 0.37 1.04
CA PRO A 26 14.02 -0.51 2.15
C PRO A 26 13.40 -0.01 3.45
N MET A 27 14.13 0.88 4.11
CA MET A 27 13.67 1.45 5.37
C MET A 27 12.54 2.47 5.13
N THR A 28 12.56 3.06 3.96
CA THR A 28 11.56 4.05 3.59
C THR A 28 10.15 3.47 3.81
N LEU A 29 10.05 2.16 3.64
CA LEU A 29 8.78 1.48 3.81
C LEU A 29 8.25 1.75 5.22
N LEU A 30 9.17 1.80 6.17
CA LEU A 30 8.81 2.05 7.56
C LEU A 30 8.54 3.54 7.75
N VAL A 31 9.20 4.34 6.93
CA VAL A 31 9.05 5.79 7.00
C VAL A 31 7.58 6.14 6.75
N PRO A 32 7.06 7.05 7.62
CA PRO A 32 5.67 7.48 7.50
C PRO A 32 5.50 8.45 6.31
N GLU A 33 6.44 9.38 6.22
CA GLU A 33 6.40 10.37 5.15
C GLU A 33 6.43 9.67 3.79
N VAL A 34 7.26 8.63 3.70
CA VAL A 34 7.39 7.88 2.46
C VAL A 34 6.17 6.96 2.30
N ALA A 35 5.81 6.31 3.40
CA ALA A 35 4.68 5.40 3.40
C ALA A 35 3.41 6.18 3.06
N ALA A 36 3.26 7.33 3.70
CA ALA A 36 2.10 8.17 3.47
C ALA A 36 2.05 8.57 1.99
N GLU A 37 3.18 9.03 1.50
CA GLU A 37 3.28 9.45 0.11
C GLU A 37 2.99 8.26 -0.82
N VAL A 38 3.42 7.09 -0.38
CA VAL A 38 3.21 5.88 -1.15
C VAL A 38 1.72 5.53 -1.16
N ILE A 39 1.16 5.46 0.03
CA ILE A 39 -0.25 5.13 0.18
C ILE A 39 -1.09 6.19 -0.54
N LYS A 40 -0.70 7.44 -0.35
CA LYS A 40 -1.40 8.56 -0.97
C LYS A 40 -1.13 8.55 -2.49
N ASP A 41 0.13 8.27 -2.82
CA ASP A 41 0.54 8.23 -4.21
C ASP A 41 -0.33 7.21 -4.96
N LEU A 42 -0.48 6.06 -4.33
CA LEU A 42 -1.28 4.99 -4.92
C LEU A 42 -2.73 5.46 -5.09
N VAL A 43 -3.28 5.93 -3.98
CA VAL A 43 -4.66 6.42 -3.98
C VAL A 43 -4.77 7.58 -4.97
N ASN A 44 -3.80 8.47 -4.92
CA ASN A 44 -3.78 9.62 -5.80
C ASN A 44 -3.85 9.16 -7.25
N THR A 45 -3.16 8.06 -7.51
CA THR A 45 -3.13 7.49 -8.86
C THR A 45 -4.48 6.86 -9.20
N VAL A 46 -5.05 6.18 -8.21
CA VAL A 46 -6.34 5.54 -8.40
C VAL A 46 -7.40 6.59 -8.74
N ARG A 47 -7.36 7.68 -7.99
CA ARG A 47 -8.30 8.77 -8.19
C ARG A 47 -7.94 9.55 -9.46
N SER A 48 -6.66 9.55 -9.76
CA SER A 48 -6.17 10.25 -10.94
C SER A 48 -6.92 9.77 -12.18
N TYR A 49 -7.20 8.48 -12.20
CA TYR A 49 -7.91 7.89 -13.32
C TYR A 49 -9.40 8.27 -13.29
N ASP A 50 -9.86 8.60 -12.10
CA ASP A 50 -11.25 8.98 -11.92
C ASP A 50 -11.52 10.27 -12.70
N THR A 51 -10.82 11.32 -12.31
CA THR A 51 -10.98 12.61 -12.96
C THR A 51 -10.29 12.61 -14.33
N GLU A 52 -10.48 13.70 -15.06
CA GLU A 52 -9.87 13.84 -16.37
C GLU A 52 -8.35 13.95 -16.24
N ASN A 53 -7.90 15.15 -15.94
CA ASN A 53 -6.48 15.41 -15.79
C ASN A 53 -5.95 14.61 -14.59
N GLU A 54 -4.82 13.96 -14.81
CA GLU A 54 -4.20 13.17 -13.76
C GLU A 54 -3.14 14.00 -13.02
N HIS A 55 -3.56 15.18 -12.59
CA HIS A 55 -2.67 16.07 -11.87
C HIS A 55 -3.46 16.85 -10.81
N ASP A 56 -4.44 17.60 -11.29
CA ASP A 56 -5.28 18.40 -10.41
C ASP A 56 -6.64 17.72 -10.26
N VAL A 57 -7.15 17.77 -9.04
CA VAL A 57 -8.44 17.16 -8.75
C VAL A 57 -9.55 18.15 -9.11
N CYS A 58 -10.72 17.61 -9.41
CA CYS A 58 -11.87 18.42 -9.77
C CYS A 58 -13.04 17.49 -10.09
N GLY A 59 -12.74 16.48 -10.89
CA GLY A 59 -13.76 15.52 -11.29
C GLY A 59 -14.71 15.23 -10.13
N TRP A 60 -14.12 14.87 -8.99
CA TRP A 60 -14.90 14.56 -7.81
C TRP A 60 -15.71 13.29 -8.09
N MET B 1 -21.40 -6.33 -4.25
CA MET B 1 -21.09 -5.85 -2.92
C MET B 1 -20.76 -4.35 -2.93
N GLY B 2 -21.62 -3.58 -2.27
CA GLY B 2 -21.43 -2.14 -2.21
C GLY B 2 -20.80 -1.73 -0.88
N LYS B 3 -19.54 -2.08 -0.72
CA LYS B 3 -18.81 -1.76 0.49
C LYS B 3 -17.57 -0.93 0.13
N ALA B 4 -17.11 -0.14 1.10
CA ALA B 4 -15.94 0.69 0.89
C ALA B 4 -14.74 0.05 1.58
N THR B 5 -13.85 -0.48 0.75
CA THR B 5 -12.65 -1.12 1.26
C THR B 5 -11.48 -0.92 0.28
N TYR B 6 -10.28 -1.22 0.77
CA TYR B 6 -9.09 -1.07 -0.03
C TYR B 6 -8.16 -2.27 0.15
N THR B 7 -7.53 -2.68 -0.94
CA THR B 7 -6.61 -3.80 -0.90
C THR B 7 -5.18 -3.33 -1.19
N VAL B 8 -4.38 -3.32 -0.14
CA VAL B 8 -3.00 -2.90 -0.26
C VAL B 8 -2.07 -4.11 -0.06
N THR B 9 -1.38 -4.46 -1.13
CA THR B 9 -0.46 -5.59 -1.09
C THR B 9 0.99 -5.11 -1.12
N VAL B 10 1.87 -5.94 -0.60
CA VAL B 10 3.29 -5.61 -0.56
C VAL B 10 4.11 -6.86 -0.89
N THR B 11 4.80 -6.79 -2.02
CA THR B 11 5.63 -7.91 -2.46
C THR B 11 7.10 -7.50 -2.48
N ASN B 12 7.92 -8.32 -1.82
CA ASN B 12 9.34 -8.05 -1.76
C ASN B 12 10.05 -8.86 -2.85
N ASN B 13 10.50 -8.16 -3.87
CA ASN B 13 11.20 -8.79 -4.98
C ASN B 13 12.58 -9.24 -4.51
N SER B 14 12.98 -8.73 -3.36
CA SER B 14 14.27 -9.08 -2.80
C SER B 14 14.30 -10.55 -2.39
N ASN B 15 13.19 -10.99 -1.81
CA ASN B 15 13.07 -12.37 -1.38
C ASN B 15 11.91 -13.04 -2.12
N GLY B 16 11.22 -12.23 -2.90
CA GLY B 16 10.09 -12.73 -3.67
C GLY B 16 8.89 -13.01 -2.77
N VAL B 17 8.91 -12.39 -1.60
CA VAL B 17 7.83 -12.56 -0.64
C VAL B 17 6.67 -11.63 -1.01
N SER B 18 5.47 -12.10 -0.74
CA SER B 18 4.28 -11.33 -1.04
C SER B 18 3.37 -11.26 0.20
N VAL B 19 2.61 -10.19 0.28
CA VAL B 19 1.70 -10.00 1.39
C VAL B 19 0.57 -9.05 0.97
N ASP B 20 -0.65 -9.46 1.28
CA ASP B 20 -1.82 -8.67 0.94
C ASP B 20 -2.59 -8.34 2.21
N TYR B 21 -3.13 -7.12 2.25
CA TYR B 21 -3.89 -6.67 3.39
C TYR B 21 -5.10 -5.85 2.96
N GLU B 22 -6.26 -6.24 3.48
CA GLU B 22 -7.50 -5.56 3.15
C GLU B 22 -7.97 -4.72 4.35
N THR B 23 -7.98 -3.42 4.15
CA THR B 23 -8.42 -2.51 5.20
C THR B 23 -9.29 -1.40 4.61
N GLU B 24 -10.36 -1.09 5.33
CA GLU B 24 -11.28 -0.05 4.89
C GLU B 24 -10.85 1.31 5.43
N THR B 25 -10.09 2.02 4.62
CA THR B 25 -9.60 3.34 5.01
C THR B 25 -9.78 4.33 3.86
N PRO B 26 -10.76 5.26 4.05
CA PRO B 26 -11.04 6.27 3.05
C PRO B 26 -9.96 7.36 3.04
N MET B 27 -10.12 8.31 3.95
CA MET B 27 -9.16 9.40 4.06
C MET B 27 -7.86 8.93 4.72
N THR B 28 -8.00 7.92 5.57
CA THR B 28 -6.84 7.38 6.26
C THR B 28 -5.73 7.05 5.27
N LEU B 29 -6.14 6.55 4.12
CA LEU B 29 -5.18 6.19 3.07
C LEU B 29 -4.25 7.37 2.81
N LEU B 30 -4.82 8.56 2.89
CA LEU B 30 -4.05 9.78 2.67
C LEU B 30 -3.28 10.13 3.95
N VAL B 31 -3.80 9.65 5.06
CA VAL B 31 -3.16 9.90 6.35
C VAL B 31 -1.82 9.18 6.41
N PRO B 32 -0.80 9.91 6.93
CA PRO B 32 0.53 9.35 7.05
C PRO B 32 0.62 8.34 8.21
N GLU B 33 0.01 8.74 9.32
CA GLU B 33 -0.01 7.88 10.50
C GLU B 33 -0.67 6.55 10.19
N VAL B 34 -1.67 6.62 9.33
CA VAL B 34 -2.41 5.42 8.94
C VAL B 34 -1.64 4.70 7.83
N ALA B 35 -1.21 5.47 6.85
CA ALA B 35 -0.47 4.92 5.73
C ALA B 35 0.87 4.37 6.23
N ALA B 36 1.51 5.14 7.11
CA ALA B 36 2.78 4.74 7.67
C ALA B 36 2.63 3.36 8.33
N GLU B 37 1.60 3.24 9.14
CA GLU B 37 1.33 1.99 9.83
C GLU B 37 0.93 0.90 8.83
N VAL B 38 0.22 1.31 7.81
CA VAL B 38 -0.23 0.39 6.78
C VAL B 38 0.99 -0.14 6.02
N ILE B 39 1.86 0.79 5.63
CA ILE B 39 3.06 0.42 4.90
C ILE B 39 3.97 -0.42 5.80
N LYS B 40 4.22 0.11 6.99
CA LYS B 40 5.06 -0.58 7.94
C LYS B 40 4.42 -1.91 8.32
N ASP B 41 3.11 -1.87 8.52
CA ASP B 41 2.36 -3.06 8.88
C ASP B 41 2.56 -4.13 7.80
N LEU B 42 2.45 -3.69 6.56
CA LEU B 42 2.61 -4.59 5.43
C LEU B 42 4.05 -5.11 5.40
N VAL B 43 4.99 -4.19 5.44
CA VAL B 43 6.40 -4.54 5.43
C VAL B 43 6.71 -5.44 6.63
N ASN B 44 6.16 -5.04 7.77
CA ASN B 44 6.36 -5.81 9.00
C ASN B 44 5.92 -7.25 8.78
N THR B 45 4.84 -7.39 8.01
CA THR B 45 4.31 -8.71 7.72
C THR B 45 5.22 -9.46 6.75
N VAL B 46 5.66 -8.76 5.73
CA VAL B 46 6.53 -9.33 4.74
C VAL B 46 7.84 -9.78 5.41
N ARG B 47 8.32 -8.95 6.31
CA ARG B 47 9.55 -9.25 7.02
C ARG B 47 9.30 -10.34 8.06
N SER B 48 8.06 -10.42 8.52
CA SER B 48 7.68 -11.41 9.50
C SER B 48 8.07 -12.81 9.02
N TYR B 49 7.79 -13.06 7.75
CA TYR B 49 8.10 -14.34 7.15
C TYR B 49 9.61 -14.48 6.90
N ASP B 50 10.26 -13.33 6.80
CA ASP B 50 11.70 -13.31 6.56
C ASP B 50 12.42 -13.84 7.80
N THR B 51 11.81 -13.59 8.95
CA THR B 51 12.39 -14.03 10.21
C THR B 51 11.64 -15.27 10.73
N GLU B 52 12.41 -16.19 11.29
CA GLU B 52 11.84 -17.41 11.82
C GLU B 52 10.65 -17.08 12.74
N ASN B 53 10.84 -16.05 13.54
CA ASN B 53 9.79 -15.63 14.46
C ASN B 53 8.72 -14.86 13.68
N GLU B 54 7.47 -15.21 13.97
CA GLU B 54 6.34 -14.56 13.30
C GLU B 54 5.65 -13.61 14.27
N HIS B 55 5.61 -12.34 13.88
CA HIS B 55 4.97 -11.32 14.70
C HIS B 55 3.90 -10.60 13.88
N ASP B 56 2.73 -11.22 13.83
CA ASP B 56 1.62 -10.66 13.08
C ASP B 56 0.54 -10.20 14.07
N VAL B 57 -0.18 -9.15 13.67
CA VAL B 57 -1.24 -8.61 14.50
C VAL B 57 -2.34 -9.67 14.67
N CYS B 58 -3.08 -9.51 15.76
CA CYS B 58 -4.17 -10.44 16.04
C CYS B 58 -5.37 -9.64 16.54
N GLY B 59 -5.18 -9.00 17.68
CA GLY B 59 -6.24 -8.19 18.27
C GLY B 59 -5.89 -6.71 18.22
N TRP B 60 -6.26 -6.00 19.29
CA TRP B 60 -5.99 -4.57 19.37
C TRP B 60 -6.45 -3.93 18.07
N MET A 1 18.22 -11.54 -11.46
CA MET A 1 18.94 -12.44 -10.56
C MET A 1 18.51 -12.22 -9.11
N GLY A 2 18.82 -11.04 -8.61
CA GLY A 2 18.47 -10.68 -7.24
C GLY A 2 18.72 -9.20 -6.97
N LYS A 3 17.70 -8.40 -7.25
CA LYS A 3 17.80 -6.97 -7.05
C LYS A 3 17.02 -6.58 -5.79
N ALA A 4 17.19 -5.34 -5.38
CA ALA A 4 16.52 -4.83 -4.20
C ALA A 4 15.42 -3.87 -4.61
N THR A 5 14.21 -4.42 -4.75
CA THR A 5 13.07 -3.62 -5.15
C THR A 5 11.80 -4.12 -4.45
N TYR A 6 10.77 -3.28 -4.49
CA TYR A 6 9.50 -3.62 -3.87
C TYR A 6 8.33 -3.24 -4.77
N THR A 7 7.32 -4.10 -4.76
CA THR A 7 6.14 -3.86 -5.58
C THR A 7 4.90 -3.66 -4.68
N VAL A 8 4.38 -2.45 -4.71
CA VAL A 8 3.21 -2.11 -3.92
C VAL A 8 1.99 -2.02 -4.82
N THR A 9 0.96 -2.77 -4.46
CA THR A 9 -0.27 -2.77 -5.24
C THR A 9 -1.44 -2.31 -4.37
N VAL A 10 -2.13 -1.28 -4.85
CA VAL A 10 -3.27 -0.74 -4.14
C VAL A 10 -4.50 -0.78 -5.05
N THR A 11 -5.55 -1.42 -4.55
CA THR A 11 -6.78 -1.54 -5.31
C THR A 11 -7.97 -1.11 -4.45
N ASN A 12 -8.91 -0.43 -5.09
CA ASN A 12 -10.09 0.05 -4.40
C ASN A 12 -11.26 -0.89 -4.69
N ASN A 13 -11.51 -1.78 -3.75
CA ASN A 13 -12.59 -2.75 -3.88
C ASN A 13 -13.91 -2.00 -4.10
N SER A 14 -13.88 -0.71 -3.77
CA SER A 14 -15.06 0.12 -3.93
C SER A 14 -15.27 0.47 -5.40
N ASN A 15 -14.16 0.64 -6.11
CA ASN A 15 -14.20 0.96 -7.52
C ASN A 15 -13.71 -0.23 -8.34
N GLY A 16 -13.25 -1.25 -7.62
CA GLY A 16 -12.75 -2.45 -8.26
C GLY A 16 -11.53 -2.13 -9.14
N VAL A 17 -11.01 -0.93 -8.96
CA VAL A 17 -9.85 -0.49 -9.72
C VAL A 17 -8.57 -0.88 -8.97
N SER A 18 -7.58 -1.32 -9.74
CA SER A 18 -6.31 -1.71 -9.16
C SER A 18 -5.20 -0.78 -9.65
N VAL A 19 -4.18 -0.64 -8.83
CA VAL A 19 -3.04 0.21 -9.16
C VAL A 19 -1.79 -0.31 -8.45
N ASP A 20 -0.77 -0.58 -9.24
CA ASP A 20 0.49 -1.07 -8.71
C ASP A 20 1.62 -0.13 -9.12
N TYR A 21 2.58 0.01 -8.22
CA TYR A 21 3.72 0.88 -8.47
C TYR A 21 5.01 0.25 -7.94
N GLU A 22 6.00 0.18 -8.83
CA GLU A 22 7.29 -0.40 -8.47
C GLU A 22 8.22 0.69 -7.93
N THR A 23 8.54 0.58 -6.65
CA THR A 23 9.43 1.53 -6.01
C THR A 23 10.45 0.81 -5.13
N GLU A 24 11.71 1.12 -5.37
CA GLU A 24 12.78 0.51 -4.60
C GLU A 24 13.08 1.34 -3.35
N THR A 25 12.48 0.91 -2.25
CA THR A 25 12.67 1.60 -0.98
C THR A 25 12.94 0.60 0.14
N PRO A 26 14.18 0.67 0.69
CA PRO A 26 14.57 -0.23 1.77
C PRO A 26 13.92 0.19 3.09
N MET A 27 14.63 1.05 3.81
CA MET A 27 14.14 1.53 5.09
C MET A 27 12.98 2.52 4.90
N THR A 28 13.00 3.19 3.76
CA THR A 28 11.98 4.16 3.44
C THR A 28 10.59 3.55 3.60
N LEU A 29 10.55 2.23 3.56
CA LEU A 29 9.30 1.51 3.70
C LEU A 29 8.72 1.78 5.08
N LEU A 30 9.61 1.88 6.06
CA LEU A 30 9.19 2.14 7.43
C LEU A 30 8.91 3.64 7.61
N VAL A 31 9.53 4.42 6.73
CA VAL A 31 9.35 5.87 6.77
C VAL A 31 7.88 6.20 6.53
N PRO A 32 7.34 7.12 7.38
CA PRO A 32 5.96 7.54 7.25
C PRO A 32 5.77 8.48 6.06
N GLU A 33 6.71 9.40 5.91
CA GLU A 33 6.65 10.35 4.81
C GLU A 33 6.66 9.62 3.47
N VAL A 34 7.51 8.61 3.39
CA VAL A 34 7.63 7.81 2.18
C VAL A 34 6.41 6.91 2.05
N ALA A 35 6.06 6.27 3.16
CA ALA A 35 4.92 5.38 3.19
C ALA A 35 3.64 6.16 2.87
N ALA A 36 3.50 7.29 3.54
CA ALA A 36 2.33 8.15 3.33
C ALA A 36 2.26 8.56 1.86
N GLU A 37 3.40 9.02 1.35
CA GLU A 37 3.47 9.45 -0.03
C GLU A 37 3.16 8.28 -0.97
N VAL A 38 3.57 7.09 -0.54
CA VAL A 38 3.34 5.89 -1.32
C VAL A 38 1.85 5.55 -1.31
N ILE A 39 1.30 5.48 -0.10
CA ILE A 39 -0.11 5.16 0.06
C ILE A 39 -0.95 6.22 -0.66
N LYS A 40 -0.54 7.47 -0.48
CA LYS A 40 -1.25 8.59 -1.10
C LYS A 40 -0.99 8.57 -2.61
N ASP A 41 0.26 8.28 -2.96
CA ASP A 41 0.65 8.23 -4.36
C ASP A 41 -0.18 7.17 -5.08
N LEU A 42 -0.29 6.02 -4.43
CA LEU A 42 -1.05 4.91 -4.99
C LEU A 42 -2.52 5.34 -5.16
N VAL A 43 -3.06 5.90 -4.08
CA VAL A 43 -4.44 6.35 -4.10
C VAL A 43 -4.60 7.48 -5.11
N ASN A 44 -3.66 8.42 -5.05
CA ASN A 44 -3.68 9.56 -5.95
C ASN A 44 -3.69 9.06 -7.39
N THR A 45 -2.98 7.96 -7.61
CA THR A 45 -2.89 7.37 -8.94
C THR A 45 -4.22 6.70 -9.31
N VAL A 46 -4.78 6.01 -8.32
CA VAL A 46 -6.04 5.31 -8.54
C VAL A 46 -7.12 6.33 -8.90
N ARG A 47 -7.15 7.43 -8.13
CA ARG A 47 -8.12 8.48 -8.36
C ARG A 47 -7.76 9.27 -9.62
N SER A 48 -6.47 9.33 -9.89
CA SER A 48 -5.98 10.05 -11.05
C SER A 48 -6.67 9.53 -12.32
N TYR A 49 -6.99 8.24 -12.31
CA TYR A 49 -7.65 7.62 -13.44
C TYR A 49 -9.05 8.22 -13.64
N ASP A 50 -9.64 8.65 -12.54
CA ASP A 50 -10.97 9.23 -12.59
C ASP A 50 -11.10 10.28 -11.48
N THR A 51 -11.10 11.54 -11.89
CA THR A 51 -11.22 12.64 -10.95
C THR A 51 -12.58 13.32 -11.09
N GLU A 52 -12.83 14.26 -10.20
CA GLU A 52 -14.09 15.00 -10.20
C GLU A 52 -14.41 15.47 -11.63
N ASN A 53 -13.36 15.93 -12.31
CA ASN A 53 -13.52 16.42 -13.67
C ASN A 53 -13.48 15.23 -14.64
N GLU A 54 -13.74 15.54 -15.90
CA GLU A 54 -13.73 14.52 -16.93
C GLU A 54 -14.22 13.18 -16.36
N HIS A 55 -15.21 13.27 -15.49
CA HIS A 55 -15.77 12.09 -14.86
C HIS A 55 -16.98 12.49 -14.00
N ASP A 56 -17.43 11.53 -13.20
CA ASP A 56 -18.56 11.77 -12.33
C ASP A 56 -18.10 11.74 -10.87
N VAL A 57 -18.87 12.41 -10.02
CA VAL A 57 -18.54 12.46 -8.60
C VAL A 57 -18.68 11.05 -8.00
N CYS A 58 -17.63 10.64 -7.31
CA CYS A 58 -17.63 9.33 -6.68
C CYS A 58 -16.95 9.46 -5.31
N GLY A 59 -15.76 10.04 -5.32
CA GLY A 59 -15.00 10.23 -4.11
C GLY A 59 -13.80 11.15 -4.33
N TRP A 60 -13.19 11.58 -3.23
CA TRP A 60 -12.04 12.46 -3.30
C TRP A 60 -11.31 12.39 -1.96
N MET B 1 -24.21 -5.57 -3.39
CA MET B 1 -22.81 -5.20 -3.56
C MET B 1 -22.64 -3.68 -3.55
N GLY B 2 -21.47 -3.25 -3.10
CA GLY B 2 -21.18 -1.83 -3.03
C GLY B 2 -20.58 -1.46 -1.67
N LYS B 3 -19.37 -1.93 -1.44
CA LYS B 3 -18.69 -1.65 -0.18
C LYS B 3 -17.41 -0.87 -0.47
N ALA B 4 -16.96 -0.14 0.55
CA ALA B 4 -15.76 0.66 0.42
C ALA B 4 -14.60 -0.05 1.14
N THR B 5 -13.68 -0.57 0.33
CA THR B 5 -12.54 -1.28 0.87
C THR B 5 -11.32 -1.09 -0.04
N TYR B 6 -10.15 -1.33 0.54
CA TYR B 6 -8.91 -1.19 -0.21
C TYR B 6 -7.98 -2.37 0.05
N THR B 7 -7.24 -2.75 -1.00
CA THR B 7 -6.31 -3.85 -0.90
C THR B 7 -4.89 -3.40 -1.22
N VAL B 8 -4.07 -3.35 -0.17
CA VAL B 8 -2.69 -2.93 -0.32
C VAL B 8 -1.79 -4.15 -0.28
N THR B 9 -0.95 -4.28 -1.31
CA THR B 9 -0.04 -5.40 -1.40
C THR B 9 1.41 -4.91 -1.33
N VAL B 10 2.28 -5.75 -0.79
CA VAL B 10 3.69 -5.42 -0.66
C VAL B 10 4.53 -6.66 -0.99
N THR B 11 5.28 -6.55 -2.08
CA THR B 11 6.13 -7.64 -2.52
C THR B 11 7.59 -7.19 -2.54
N ASN B 12 8.44 -8.01 -1.94
CA ASN B 12 9.86 -7.71 -1.89
C ASN B 12 10.58 -8.46 -3.01
N ASN B 13 10.82 -7.74 -4.09
CA ASN B 13 11.50 -8.32 -5.24
C ASN B 13 12.87 -8.84 -4.82
N SER B 14 13.30 -8.39 -3.64
CA SER B 14 14.59 -8.79 -3.11
C SER B 14 14.49 -10.19 -2.50
N ASN B 15 13.34 -10.46 -1.90
CA ASN B 15 13.10 -11.75 -1.27
C ASN B 15 12.07 -12.53 -2.08
N GLY B 16 11.59 -11.88 -3.14
CA GLY B 16 10.59 -12.50 -4.00
C GLY B 16 9.34 -12.86 -3.21
N VAL B 17 9.24 -12.30 -2.01
CA VAL B 17 8.09 -12.56 -1.16
C VAL B 17 7.02 -11.52 -1.44
N SER B 18 5.77 -11.95 -1.36
CA SER B 18 4.65 -11.07 -1.59
C SER B 18 3.61 -11.22 -0.48
N VAL B 19 2.91 -10.13 -0.21
CA VAL B 19 1.89 -10.12 0.82
C VAL B 19 0.84 -9.06 0.50
N ASP B 20 -0.41 -9.49 0.58
CA ASP B 20 -1.53 -8.58 0.30
C ASP B 20 -2.28 -8.29 1.59
N TYR B 21 -2.82 -7.09 1.66
CA TYR B 21 -3.57 -6.66 2.83
C TYR B 21 -4.84 -5.91 2.43
N GLU B 22 -5.97 -6.40 2.95
CA GLU B 22 -7.25 -5.79 2.65
C GLU B 22 -7.69 -4.90 3.81
N THR B 23 -7.74 -3.61 3.55
CA THR B 23 -8.15 -2.64 4.55
C THR B 23 -9.04 -1.56 3.94
N GLU B 24 -9.99 -1.11 4.73
CA GLU B 24 -10.92 -0.09 4.29
C GLU B 24 -10.56 1.26 4.88
N THR B 25 -9.79 2.03 4.11
CA THR B 25 -9.37 3.35 4.55
C THR B 25 -9.56 4.38 3.44
N PRO B 26 -10.54 5.29 3.67
CA PRO B 26 -10.84 6.32 2.69
C PRO B 26 -9.77 7.42 2.71
N MET B 27 -9.95 8.35 3.63
CA MET B 27 -9.02 9.46 3.76
C MET B 27 -7.73 9.01 4.45
N THR B 28 -7.86 7.99 5.29
CA THR B 28 -6.73 7.45 6.00
C THR B 28 -5.60 7.10 5.03
N LEU B 29 -6.00 6.65 3.85
CA LEU B 29 -5.03 6.29 2.82
C LEU B 29 -4.06 7.45 2.61
N LEU B 30 -4.58 8.66 2.77
CA LEU B 30 -3.78 9.85 2.59
C LEU B 30 -3.02 10.14 3.88
N VAL B 31 -3.57 9.64 4.98
CA VAL B 31 -2.96 9.85 6.28
C VAL B 31 -1.61 9.14 6.32
N PRO B 32 -0.58 9.88 6.81
CA PRO B 32 0.76 9.33 6.91
C PRO B 32 0.86 8.33 8.08
N GLU B 33 0.24 8.71 9.19
CA GLU B 33 0.25 7.87 10.37
C GLU B 33 -0.37 6.50 10.07
N VAL B 34 -1.41 6.53 9.23
CA VAL B 34 -2.09 5.32 8.85
C VAL B 34 -1.31 4.62 7.73
N ALA B 35 -0.94 5.42 6.74
CA ALA B 35 -0.18 4.89 5.60
C ALA B 35 1.16 4.36 6.09
N ALA B 36 1.80 5.15 6.94
CA ALA B 36 3.09 4.77 7.49
C ALA B 36 2.97 3.40 8.18
N GLU B 37 1.92 3.28 8.99
CA GLU B 37 1.68 2.04 9.71
C GLU B 37 1.32 0.93 8.73
N VAL B 38 0.59 1.30 7.69
CA VAL B 38 0.16 0.34 6.68
C VAL B 38 1.39 -0.18 5.95
N ILE B 39 2.17 0.74 5.41
CA ILE B 39 3.37 0.38 4.69
C ILE B 39 4.29 -0.45 5.59
N LYS B 40 4.53 0.09 6.78
CA LYS B 40 5.38 -0.59 7.75
C LYS B 40 4.74 -1.92 8.14
N ASP B 41 3.44 -1.85 8.39
CA ASP B 41 2.70 -3.05 8.78
C ASP B 41 2.84 -4.11 7.69
N LEU B 42 2.70 -3.66 6.45
CA LEU B 42 2.81 -4.56 5.32
C LEU B 42 4.18 -5.24 5.34
N VAL B 43 5.21 -4.41 5.48
CA VAL B 43 6.57 -4.92 5.51
C VAL B 43 6.78 -5.72 6.80
N ASN B 44 6.35 -5.13 7.90
CA ASN B 44 6.47 -5.78 9.19
C ASN B 44 5.81 -7.16 9.15
N THR B 45 4.71 -7.23 8.40
CA THR B 45 3.98 -8.48 8.25
C THR B 45 4.74 -9.44 7.34
N VAL B 46 5.27 -8.88 6.26
CA VAL B 46 6.01 -9.67 5.30
C VAL B 46 7.23 -10.30 6.00
N ARG B 47 7.87 -9.49 6.83
CA ARG B 47 9.05 -9.96 7.56
C ARG B 47 8.63 -10.94 8.67
N SER B 48 7.42 -10.72 9.17
CA SER B 48 6.90 -11.57 10.22
C SER B 48 6.97 -13.03 9.81
N TYR B 49 6.78 -13.26 8.51
CA TYR B 49 6.82 -14.61 7.97
C TYR B 49 8.21 -15.23 8.17
N ASP B 50 9.21 -14.37 8.22
CA ASP B 50 10.58 -14.83 8.40
C ASP B 50 10.79 -15.22 9.86
N THR B 51 10.25 -14.40 10.75
CA THR B 51 10.36 -14.66 12.17
C THR B 51 9.24 -15.59 12.65
N GLU B 52 9.54 -16.35 13.69
CA GLU B 52 8.57 -17.28 14.24
C GLU B 52 7.36 -16.52 14.79
N ASN B 53 7.64 -15.37 15.38
CA ASN B 53 6.59 -14.55 15.96
C ASN B 53 5.77 -13.94 14.82
N GLU B 54 4.62 -13.38 15.21
CA GLU B 54 3.73 -12.77 14.24
C GLU B 54 3.13 -11.49 14.82
N HIS B 55 2.53 -10.70 13.93
CA HIS B 55 1.91 -9.45 14.34
C HIS B 55 0.77 -9.10 13.38
N ASP B 56 -0.32 -8.61 13.96
CA ASP B 56 -1.47 -8.24 13.17
C ASP B 56 -1.73 -6.73 13.32
N VAL B 57 -2.44 -6.19 12.34
CA VAL B 57 -2.75 -4.76 12.35
C VAL B 57 -3.68 -4.46 13.52
N CYS B 58 -3.51 -3.27 14.09
CA CYS B 58 -4.33 -2.85 15.21
C CYS B 58 -5.31 -1.78 14.72
N GLY B 59 -4.77 -0.59 14.51
CA GLY B 59 -5.58 0.53 14.05
C GLY B 59 -5.56 0.62 12.52
N TRP B 60 -6.73 0.85 11.95
CA TRP B 60 -6.85 0.97 10.51
C TRP B 60 -7.21 2.42 10.17
N MET A 1 18.50 -12.18 -11.04
CA MET A 1 18.04 -10.84 -10.72
C MET A 1 17.84 -10.66 -9.22
N GLY A 2 18.89 -10.21 -8.55
CA GLY A 2 18.85 -10.00 -7.12
C GLY A 2 18.99 -8.51 -6.78
N LYS A 3 17.93 -7.77 -7.08
CA LYS A 3 17.93 -6.35 -6.81
C LYS A 3 17.05 -6.06 -5.60
N ALA A 4 17.14 -4.83 -5.11
CA ALA A 4 16.36 -4.43 -3.95
C ALA A 4 15.23 -3.51 -4.41
N THR A 5 14.08 -4.10 -4.64
CA THR A 5 12.91 -3.36 -5.07
C THR A 5 11.65 -3.88 -4.40
N TYR A 6 10.62 -3.05 -4.38
CA TYR A 6 9.35 -3.42 -3.77
C TYR A 6 8.18 -2.98 -4.64
N THR A 7 7.17 -3.83 -4.67
CA THR A 7 5.97 -3.55 -5.46
C THR A 7 4.77 -3.33 -4.54
N VAL A 8 4.33 -2.08 -4.49
CA VAL A 8 3.19 -1.73 -3.66
C VAL A 8 1.98 -1.44 -4.55
N THR A 9 0.97 -2.28 -4.40
CA THR A 9 -0.24 -2.14 -5.19
C THR A 9 -1.43 -1.81 -4.28
N VAL A 10 -2.26 -0.89 -4.75
CA VAL A 10 -3.42 -0.46 -3.99
C VAL A 10 -4.66 -0.56 -4.88
N THR A 11 -5.69 -1.19 -4.35
CA THR A 11 -6.94 -1.34 -5.08
C THR A 11 -8.13 -0.99 -4.20
N ASN A 12 -9.12 -0.35 -4.81
CA ASN A 12 -10.31 0.06 -4.10
C ASN A 12 -11.43 -0.94 -4.38
N ASN A 13 -11.77 -1.72 -3.36
CA ASN A 13 -12.83 -2.71 -3.49
C ASN A 13 -14.17 -2.00 -3.64
N SER A 14 -14.16 -0.71 -3.36
CA SER A 14 -15.37 0.09 -3.46
C SER A 14 -15.59 0.54 -4.91
N ASN A 15 -14.47 0.79 -5.58
CA ASN A 15 -14.52 1.23 -6.96
C ASN A 15 -13.98 0.12 -7.86
N GLY A 16 -13.55 -0.97 -7.22
CA GLY A 16 -13.01 -2.10 -7.95
C GLY A 16 -11.81 -1.69 -8.80
N VAL A 17 -11.29 -0.51 -8.51
CA VAL A 17 -10.15 0.02 -9.24
C VAL A 17 -8.87 -0.46 -8.55
N SER A 18 -7.88 -0.80 -9.37
CA SER A 18 -6.61 -1.28 -8.87
C SER A 18 -5.48 -0.36 -9.35
N VAL A 19 -4.39 -0.38 -8.61
CA VAL A 19 -3.23 0.44 -8.95
C VAL A 19 -1.97 -0.20 -8.37
N ASP A 20 -1.00 -0.42 -9.25
CA ASP A 20 0.25 -1.01 -8.84
C ASP A 20 1.40 -0.03 -9.10
N TYR A 21 2.34 0.01 -8.17
CA TYR A 21 3.48 0.90 -8.30
C TYR A 21 4.76 0.22 -7.81
N GLU A 22 5.77 0.26 -8.65
CA GLU A 22 7.05 -0.35 -8.32
C GLU A 22 8.02 0.71 -7.77
N THR A 23 8.32 0.57 -6.50
CA THR A 23 9.23 1.50 -5.84
C THR A 23 10.20 0.74 -4.93
N GLU A 24 11.48 0.97 -5.18
CA GLU A 24 12.52 0.32 -4.39
C GLU A 24 12.87 1.17 -3.17
N THR A 25 12.25 0.83 -2.05
CA THR A 25 12.48 1.55 -0.81
C THR A 25 12.71 0.57 0.34
N PRO A 26 13.97 0.59 0.87
CA PRO A 26 14.33 -0.28 1.97
C PRO A 26 13.72 0.21 3.29
N MET A 27 14.44 1.12 3.94
CA MET A 27 13.98 1.67 5.20
C MET A 27 12.84 2.66 4.98
N THR A 28 12.85 3.28 3.81
CA THR A 28 11.82 4.24 3.47
C THR A 28 10.43 3.64 3.69
N LEU A 29 10.32 2.36 3.39
CA LEU A 29 9.05 1.66 3.55
C LEU A 29 8.53 1.89 4.97
N LEU A 30 9.46 2.03 5.89
CA LEU A 30 9.10 2.25 7.29
C LEU A 30 8.83 3.74 7.50
N VAL A 31 9.46 4.55 6.66
CA VAL A 31 9.30 5.99 6.76
C VAL A 31 7.84 6.36 6.49
N PRO A 32 7.31 7.28 7.34
CA PRO A 32 5.94 7.73 7.20
C PRO A 32 5.77 8.67 6.02
N GLU A 33 6.74 9.57 5.88
CA GLU A 33 6.72 10.54 4.79
C GLU A 33 6.72 9.81 3.45
N VAL A 34 7.44 8.70 3.40
CA VAL A 34 7.54 7.92 2.18
C VAL A 34 6.31 7.01 2.07
N ALA A 35 5.98 6.37 3.19
CA ALA A 35 4.84 5.48 3.24
C ALA A 35 3.56 6.27 2.97
N ALA A 36 3.46 7.40 3.64
CA ALA A 36 2.29 8.26 3.48
C ALA A 36 2.18 8.69 2.02
N GLU A 37 3.30 9.18 1.49
CA GLU A 37 3.34 9.63 0.11
C GLU A 37 3.05 8.46 -0.84
N VAL A 38 3.53 7.29 -0.44
CA VAL A 38 3.34 6.10 -1.25
C VAL A 38 1.85 5.72 -1.24
N ILE A 39 1.30 5.64 -0.04
CA ILE A 39 -0.11 5.29 0.11
C ILE A 39 -0.96 6.34 -0.58
N LYS A 40 -0.66 7.61 -0.30
CA LYS A 40 -1.39 8.71 -0.88
C LYS A 40 -1.16 8.73 -2.40
N ASP A 41 0.10 8.52 -2.77
CA ASP A 41 0.46 8.52 -4.18
C ASP A 41 -0.34 7.43 -4.90
N LEU A 42 -0.42 6.27 -4.27
CA LEU A 42 -1.15 5.16 -4.84
C LEU A 42 -2.63 5.53 -4.94
N VAL A 43 -3.19 5.94 -3.81
CA VAL A 43 -4.59 6.32 -3.76
C VAL A 43 -4.84 7.46 -4.75
N ASN A 44 -3.95 8.43 -4.71
CA ASN A 44 -4.06 9.58 -5.60
C ASN A 44 -4.12 9.10 -7.05
N THR A 45 -3.36 8.04 -7.32
CA THR A 45 -3.31 7.47 -8.66
C THR A 45 -4.61 6.71 -8.96
N VAL A 46 -5.07 5.97 -7.95
CA VAL A 46 -6.29 5.19 -8.10
C VAL A 46 -7.46 6.14 -8.39
N ARG A 47 -7.49 7.24 -7.65
CA ARG A 47 -8.53 8.23 -7.82
C ARG A 47 -8.34 8.99 -9.13
N SER A 48 -7.09 9.08 -9.56
CA SER A 48 -6.75 9.77 -10.79
C SER A 48 -7.59 9.21 -11.94
N TYR A 49 -7.76 7.90 -11.93
CA TYR A 49 -8.53 7.23 -12.97
C TYR A 49 -10.03 7.48 -12.78
N ASP A 50 -10.40 7.81 -11.55
CA ASP A 50 -11.79 8.07 -11.22
C ASP A 50 -12.17 9.47 -11.70
N THR A 51 -11.23 10.40 -11.53
CA THR A 51 -11.45 11.77 -11.94
C THR A 51 -10.89 12.01 -13.34
N GLU A 52 -11.13 13.21 -13.85
CA GLU A 52 -10.65 13.57 -15.18
C GLU A 52 -9.17 13.21 -15.33
N ASN A 53 -8.65 13.45 -16.51
CA ASN A 53 -7.26 13.17 -16.80
C ASN A 53 -6.37 13.94 -15.82
N GLU A 54 -5.22 13.35 -15.53
CA GLU A 54 -4.28 13.96 -14.61
C GLU A 54 -3.38 14.95 -15.35
N HIS A 55 -3.11 16.07 -14.70
CA HIS A 55 -2.27 17.10 -15.28
C HIS A 55 -1.80 18.06 -14.19
N ASP A 56 -2.73 18.89 -13.74
CA ASP A 56 -2.43 19.86 -12.71
C ASP A 56 -3.26 19.55 -11.46
N VAL A 57 -2.72 19.92 -10.31
CA VAL A 57 -3.39 19.68 -9.05
C VAL A 57 -4.64 20.56 -8.97
N CYS A 58 -5.63 20.08 -8.24
CA CYS A 58 -6.87 20.80 -8.07
C CYS A 58 -7.61 20.25 -6.85
N GLY A 59 -6.84 20.04 -5.78
CA GLY A 59 -7.40 19.51 -4.54
C GLY A 59 -6.98 18.06 -4.34
N TRP A 60 -7.89 17.30 -3.75
CA TRP A 60 -7.63 15.89 -3.48
C TRP A 60 -6.26 15.77 -2.81
N MET B 1 -21.50 -6.80 -0.95
CA MET B 1 -22.09 -6.05 -2.04
C MET B 1 -22.03 -4.55 -1.77
N GLY B 2 -21.46 -3.82 -2.71
CA GLY B 2 -21.33 -2.37 -2.59
C GLY B 2 -20.75 -2.00 -1.22
N LYS B 3 -19.48 -2.35 -1.04
CA LYS B 3 -18.80 -2.06 0.21
C LYS B 3 -17.56 -1.21 -0.08
N ALA B 4 -17.16 -0.44 0.91
CA ALA B 4 -15.99 0.42 0.78
C ALA B 4 -14.80 -0.22 1.50
N THR B 5 -13.86 -0.72 0.71
CA THR B 5 -12.68 -1.35 1.26
C THR B 5 -11.47 -1.12 0.33
N TYR B 6 -10.30 -1.40 0.87
CA TYR B 6 -9.07 -1.23 0.12
C TYR B 6 -8.13 -2.41 0.33
N THR B 7 -7.38 -2.73 -0.72
CA THR B 7 -6.44 -3.84 -0.65
C THR B 7 -5.03 -3.35 -1.02
N VAL B 8 -4.17 -3.31 -0.02
CA VAL B 8 -2.80 -2.87 -0.23
C VAL B 8 -1.88 -4.09 -0.24
N THR B 9 -1.10 -4.19 -1.30
CA THR B 9 -0.17 -5.29 -1.45
C THR B 9 1.27 -4.80 -1.38
N VAL B 10 2.14 -5.66 -0.86
CA VAL B 10 3.55 -5.32 -0.73
C VAL B 10 4.40 -6.54 -1.08
N THR B 11 5.15 -6.41 -2.17
CA THR B 11 6.00 -7.49 -2.62
C THR B 11 7.47 -7.05 -2.64
N ASN B 12 8.32 -7.88 -2.06
CA ASN B 12 9.74 -7.59 -1.99
C ASN B 12 10.46 -8.31 -3.13
N ASN B 13 10.72 -7.56 -4.20
CA ASN B 13 11.39 -8.12 -5.36
C ASN B 13 12.79 -8.60 -4.94
N SER B 14 13.19 -8.19 -3.75
CA SER B 14 14.50 -8.56 -3.23
C SER B 14 14.49 -10.03 -2.81
N ASN B 15 13.38 -10.44 -2.21
CA ASN B 15 13.23 -11.81 -1.76
C ASN B 15 12.14 -12.50 -2.58
N GLY B 16 11.48 -11.71 -3.41
CA GLY B 16 10.41 -12.23 -4.25
C GLY B 16 9.17 -12.57 -3.43
N VAL B 17 9.19 -12.11 -2.18
CA VAL B 17 8.08 -12.35 -1.28
C VAL B 17 6.98 -11.33 -1.56
N SER B 18 5.73 -11.80 -1.45
CA SER B 18 4.59 -10.94 -1.69
C SER B 18 3.57 -11.11 -0.57
N VAL B 19 2.84 -10.03 -0.29
CA VAL B 19 1.83 -10.05 0.75
C VAL B 19 0.76 -9.01 0.43
N ASP B 20 -0.49 -9.40 0.65
CA ASP B 20 -1.61 -8.51 0.40
C ASP B 20 -2.33 -8.22 1.71
N TYR B 21 -2.90 -7.02 1.79
CA TYR B 21 -3.63 -6.62 2.98
C TYR B 21 -4.92 -5.89 2.61
N GLU B 22 -6.02 -6.39 3.15
CA GLU B 22 -7.32 -5.80 2.89
C GLU B 22 -7.76 -4.94 4.08
N THR B 23 -7.81 -3.64 3.83
CA THR B 23 -8.22 -2.70 4.87
C THR B 23 -9.15 -1.63 4.29
N GLU B 24 -10.01 -1.12 5.16
CA GLU B 24 -10.97 -0.10 4.74
C GLU B 24 -10.58 1.26 5.36
N THR B 25 -9.82 2.02 4.59
CA THR B 25 -9.38 3.33 5.05
C THR B 25 -9.55 4.36 3.92
N PRO B 26 -10.55 5.26 4.12
CA PRO B 26 -10.82 6.30 3.15
C PRO B 26 -9.77 7.41 3.21
N MET B 27 -9.98 8.33 4.14
CA MET B 27 -9.05 9.44 4.31
C MET B 27 -7.76 8.98 4.98
N THR B 28 -7.90 7.96 5.80
CA THR B 28 -6.76 7.41 6.51
C THR B 28 -5.62 7.10 5.53
N LEU B 29 -6.01 6.70 4.34
CA LEU B 29 -5.04 6.36 3.30
C LEU B 29 -4.10 7.56 3.08
N LEU B 30 -4.70 8.75 3.08
CA LEU B 30 -3.94 9.97 2.88
C LEU B 30 -3.14 10.27 4.15
N VAL B 31 -3.63 9.75 5.27
CA VAL B 31 -2.97 9.95 6.54
C VAL B 31 -1.61 9.24 6.54
N PRO B 32 -0.58 9.96 7.04
CA PRO B 32 0.77 9.41 7.09
C PRO B 32 0.89 8.39 8.22
N GLU B 33 0.32 8.74 9.35
CA GLU B 33 0.36 7.87 10.51
C GLU B 33 -0.31 6.53 10.20
N VAL B 34 -1.34 6.60 9.36
CA VAL B 34 -2.07 5.41 8.98
C VAL B 34 -1.33 4.71 7.84
N ALA B 35 -0.92 5.49 6.86
CA ALA B 35 -0.20 4.96 5.72
C ALA B 35 1.15 4.43 6.19
N ALA B 36 1.81 5.21 7.04
CA ALA B 36 3.10 4.82 7.56
C ALA B 36 2.99 3.46 8.25
N GLU B 37 1.96 3.34 9.07
CA GLU B 37 1.73 2.10 9.80
C GLU B 37 1.35 0.98 8.82
N VAL B 38 0.62 1.36 7.78
CA VAL B 38 0.18 0.41 6.78
C VAL B 38 1.41 -0.11 6.02
N ILE B 39 2.16 0.82 5.48
CA ILE B 39 3.36 0.48 4.73
C ILE B 39 4.29 -0.36 5.61
N LYS B 40 4.55 0.17 6.80
CA LYS B 40 5.43 -0.51 7.74
C LYS B 40 4.79 -1.84 8.15
N ASP B 41 3.50 -1.78 8.42
CA ASP B 41 2.76 -2.97 8.81
C ASP B 41 2.90 -4.04 7.72
N LEU B 42 2.73 -3.59 6.48
CA LEU B 42 2.84 -4.48 5.34
C LEU B 42 4.22 -5.14 5.33
N VAL B 43 5.24 -4.30 5.42
CA VAL B 43 6.60 -4.79 5.42
C VAL B 43 6.85 -5.61 6.69
N ASN B 44 6.39 -5.06 7.81
CA ASN B 44 6.55 -5.72 9.09
C ASN B 44 5.93 -7.12 9.02
N THR B 45 4.82 -7.20 8.31
CA THR B 45 4.13 -8.47 8.14
C THR B 45 4.89 -9.39 7.19
N VAL B 46 5.36 -8.79 6.10
CA VAL B 46 6.10 -9.53 5.10
C VAL B 46 7.36 -10.12 5.75
N ARG B 47 7.97 -9.32 6.62
CA ARG B 47 9.17 -9.74 7.30
C ARG B 47 8.84 -10.79 8.37
N SER B 48 7.66 -10.64 8.96
CA SER B 48 7.22 -11.56 9.99
C SER B 48 7.27 -12.99 9.47
N TYR B 49 7.04 -13.13 8.17
CA TYR B 49 7.07 -14.43 7.54
C TYR B 49 8.46 -15.07 7.64
N ASP B 50 9.47 -14.23 7.51
CA ASP B 50 10.84 -14.70 7.59
C ASP B 50 11.03 -15.50 8.89
N THR B 51 10.69 -14.86 9.99
CA THR B 51 10.81 -15.50 11.30
C THR B 51 9.66 -16.48 11.52
N GLU B 52 9.75 -17.20 12.63
CA GLU B 52 8.73 -18.18 12.97
C GLU B 52 7.45 -17.47 13.43
N ASN B 53 7.64 -16.26 13.94
CA ASN B 53 6.52 -15.47 14.42
C ASN B 53 5.77 -14.88 13.23
N GLU B 54 4.45 -14.99 13.28
CA GLU B 54 3.60 -14.47 12.21
C GLU B 54 2.80 -13.27 12.71
N HIS B 55 2.00 -12.73 11.80
CA HIS B 55 1.17 -11.58 12.14
C HIS B 55 -0.01 -11.50 11.17
N ASP B 56 -1.16 -11.95 11.64
CA ASP B 56 -2.37 -11.93 10.83
C ASP B 56 -3.22 -10.72 11.22
N VAL B 57 -3.82 -10.11 10.21
CA VAL B 57 -4.66 -8.95 10.42
C VAL B 57 -6.13 -9.37 10.41
N CYS B 58 -6.95 -8.58 11.07
CA CYS B 58 -8.38 -8.86 11.15
C CYS B 58 -9.13 -7.53 11.18
N GLY B 59 -8.91 -6.74 10.14
CA GLY B 59 -9.56 -5.45 10.04
C GLY B 59 -9.58 -4.73 11.39
N TRP B 60 -8.55 -5.01 12.18
CA TRP B 60 -8.44 -4.40 13.49
C TRP B 60 -9.61 -4.90 14.35
N MET A 1 19.07 -12.06 -11.92
CA MET A 1 19.77 -11.33 -10.89
C MET A 1 18.88 -11.10 -9.67
N GLY A 2 19.40 -10.32 -8.73
CA GLY A 2 18.65 -10.03 -7.52
C GLY A 2 18.84 -8.56 -7.11
N LYS A 3 17.80 -7.78 -7.35
CA LYS A 3 17.83 -6.36 -7.03
C LYS A 3 16.95 -6.11 -5.80
N ALA A 4 17.08 -4.91 -5.26
CA ALA A 4 16.31 -4.53 -4.08
C ALA A 4 15.20 -3.55 -4.50
N THR A 5 14.04 -4.11 -4.77
CA THR A 5 12.90 -3.31 -5.18
C THR A 5 11.62 -3.83 -4.53
N TYR A 6 10.63 -2.95 -4.45
CA TYR A 6 9.35 -3.31 -3.86
C TYR A 6 8.19 -2.78 -4.70
N THR A 7 7.17 -3.61 -4.83
CA THR A 7 5.99 -3.23 -5.60
C THR A 7 4.77 -3.11 -4.68
N VAL A 8 4.28 -1.88 -4.57
CA VAL A 8 3.12 -1.62 -3.74
C VAL A 8 1.89 -1.42 -4.62
N THR A 9 0.90 -2.26 -4.40
CA THR A 9 -0.34 -2.19 -5.18
C THR A 9 -1.50 -1.76 -4.27
N VAL A 10 -2.24 -0.77 -4.76
CA VAL A 10 -3.38 -0.26 -4.01
C VAL A 10 -4.62 -0.30 -4.90
N THR A 11 -5.61 -1.06 -4.45
CA THR A 11 -6.85 -1.20 -5.19
C THR A 11 -8.04 -0.80 -4.32
N ASN A 12 -9.01 -0.14 -4.94
CA ASN A 12 -10.20 0.29 -4.22
C ASN A 12 -11.33 -0.70 -4.50
N ASN A 13 -11.54 -1.59 -3.55
CA ASN A 13 -12.59 -2.59 -3.67
C ASN A 13 -13.95 -1.90 -3.77
N SER A 14 -13.94 -0.61 -3.43
CA SER A 14 -15.16 0.18 -3.47
C SER A 14 -15.41 0.67 -4.90
N ASN A 15 -14.32 0.99 -5.59
CA ASN A 15 -14.42 1.46 -6.95
C ASN A 15 -13.85 0.41 -7.91
N GLY A 16 -13.43 -0.70 -7.32
CA GLY A 16 -12.87 -1.80 -8.09
C GLY A 16 -11.70 -1.32 -8.94
N VAL A 17 -11.18 -0.15 -8.57
CA VAL A 17 -10.06 0.43 -9.29
C VAL A 17 -8.75 -0.04 -8.65
N SER A 18 -7.95 -0.71 -9.46
CA SER A 18 -6.67 -1.21 -9.00
C SER A 18 -5.53 -0.31 -9.49
N VAL A 19 -4.46 -0.30 -8.71
CA VAL A 19 -3.30 0.52 -9.05
C VAL A 19 -2.04 -0.10 -8.43
N ASP A 20 -1.06 -0.33 -9.29
CA ASP A 20 0.19 -0.92 -8.84
C ASP A 20 1.34 0.03 -9.18
N TYR A 21 2.29 0.11 -8.26
CA TYR A 21 3.45 0.98 -8.45
C TYR A 21 4.72 0.31 -7.92
N GLU A 22 5.74 0.29 -8.78
CA GLU A 22 7.00 -0.31 -8.40
C GLU A 22 7.93 0.74 -7.78
N THR A 23 8.21 0.54 -6.50
CA THR A 23 9.07 1.47 -5.77
C THR A 23 10.06 0.70 -4.89
N GLU A 24 11.33 0.93 -5.15
CA GLU A 24 12.37 0.26 -4.39
C GLU A 24 12.75 1.09 -3.15
N THR A 25 12.14 0.72 -2.03
CA THR A 25 12.40 1.41 -0.78
C THR A 25 12.68 0.40 0.34
N PRO A 26 13.95 0.44 0.84
CA PRO A 26 14.36 -0.46 1.89
C PRO A 26 13.78 -0.01 3.25
N MET A 27 14.53 0.85 3.92
CA MET A 27 14.10 1.37 5.20
C MET A 27 12.95 2.37 5.05
N THR A 28 12.94 3.03 3.90
CA THR A 28 11.91 4.01 3.62
C THR A 28 10.52 3.41 3.84
N LEU A 29 10.42 2.10 3.57
CA LEU A 29 9.17 1.40 3.72
C LEU A 29 8.63 1.64 5.14
N LEU A 30 9.56 1.80 6.08
CA LEU A 30 9.19 2.04 7.46
C LEU A 30 8.92 3.53 7.67
N VAL A 31 9.60 4.33 6.86
CA VAL A 31 9.45 5.78 6.95
C VAL A 31 7.98 6.14 6.73
N PRO A 32 7.48 7.05 7.60
CA PRO A 32 6.10 7.49 7.51
C PRO A 32 5.90 8.46 6.34
N GLU A 33 6.86 9.39 6.22
CA GLU A 33 6.81 10.37 5.15
C GLU A 33 6.80 9.68 3.79
N VAL A 34 7.56 8.60 3.71
CA VAL A 34 7.66 7.84 2.46
C VAL A 34 6.43 6.95 2.33
N ALA A 35 6.09 6.31 3.44
CA ALA A 35 4.94 5.41 3.46
C ALA A 35 3.67 6.22 3.18
N ALA A 36 3.57 7.35 3.86
CA ALA A 36 2.42 8.23 3.69
C ALA A 36 2.32 8.67 2.24
N GLU A 37 3.44 9.15 1.72
CA GLU A 37 3.50 9.62 0.35
C GLU A 37 3.22 8.46 -0.62
N VAL A 38 3.66 7.28 -0.21
CA VAL A 38 3.47 6.09 -1.02
C VAL A 38 1.98 5.71 -1.01
N ILE A 39 1.41 5.69 0.18
CA ILE A 39 0.01 5.35 0.33
C ILE A 39 -0.85 6.43 -0.32
N LYS A 40 -0.46 7.67 -0.10
CA LYS A 40 -1.18 8.80 -0.66
C LYS A 40 -0.96 8.84 -2.17
N ASP A 41 0.29 8.66 -2.56
CA ASP A 41 0.65 8.66 -3.96
C ASP A 41 -0.17 7.62 -4.71
N LEU A 42 -0.25 6.44 -4.10
CA LEU A 42 -1.01 5.34 -4.70
C LEU A 42 -2.48 5.73 -4.78
N VAL A 43 -3.02 6.14 -3.64
CA VAL A 43 -4.41 6.54 -3.57
C VAL A 43 -4.65 7.68 -4.55
N ASN A 44 -3.77 8.67 -4.51
CA ASN A 44 -3.88 9.81 -5.39
C ASN A 44 -3.91 9.34 -6.84
N THR A 45 -3.16 8.28 -7.10
CA THR A 45 -3.08 7.72 -8.44
C THR A 45 -4.36 6.95 -8.76
N VAL A 46 -4.82 6.19 -7.78
CA VAL A 46 -6.03 5.40 -7.95
C VAL A 46 -7.20 6.34 -8.24
N ARG A 47 -7.21 7.46 -7.53
CA ARG A 47 -8.27 8.44 -7.69
C ARG A 47 -8.09 9.19 -9.02
N SER A 48 -6.84 9.34 -9.41
CA SER A 48 -6.53 10.04 -10.65
C SER A 48 -7.30 9.41 -11.81
N TYR A 49 -7.30 8.09 -11.84
CA TYR A 49 -8.00 7.36 -12.89
C TYR A 49 -9.50 7.67 -12.86
N ASP A 50 -9.98 8.01 -11.68
CA ASP A 50 -11.39 8.33 -11.50
C ASP A 50 -11.60 9.83 -11.72
N THR A 51 -11.27 10.27 -12.93
CA THR A 51 -11.42 11.67 -13.28
C THR A 51 -12.26 11.82 -14.55
N GLU A 52 -12.44 13.07 -14.95
CA GLU A 52 -13.22 13.36 -16.14
C GLU A 52 -12.83 12.41 -17.28
N ASN A 53 -11.57 12.49 -17.66
CA ASN A 53 -11.06 11.65 -18.73
C ASN A 53 -10.09 10.62 -18.15
N GLU A 54 -10.25 9.38 -18.59
CA GLU A 54 -9.41 8.29 -18.12
C GLU A 54 -8.06 8.33 -18.83
N HIS A 55 -7.23 7.34 -18.53
CA HIS A 55 -5.92 7.25 -19.13
C HIS A 55 -5.03 8.36 -18.59
N ASP A 56 -5.28 9.57 -19.07
CA ASP A 56 -4.51 10.73 -18.64
C ASP A 56 -5.35 11.57 -17.70
N VAL A 57 -4.66 12.22 -16.76
CA VAL A 57 -5.33 13.06 -15.79
C VAL A 57 -5.24 14.52 -16.23
N CYS A 58 -6.23 15.30 -15.80
CA CYS A 58 -6.27 16.70 -16.14
C CYS A 58 -6.18 17.53 -14.85
N GLY A 59 -4.97 17.93 -14.54
CA GLY A 59 -4.73 18.72 -13.33
C GLY A 59 -4.38 17.81 -12.15
N TRP A 60 -5.27 17.79 -11.18
CA TRP A 60 -5.07 16.99 -9.99
C TRP A 60 -3.67 17.28 -9.45
N MET B 1 -21.58 -7.05 -2.13
CA MET B 1 -22.32 -5.81 -1.97
C MET B 1 -21.36 -4.60 -2.03
N GLY B 2 -21.91 -3.48 -2.49
CA GLY B 2 -21.13 -2.27 -2.60
C GLY B 2 -20.57 -1.85 -1.24
N LYS B 3 -19.31 -2.20 -1.02
CA LYS B 3 -18.65 -1.86 0.23
C LYS B 3 -17.42 -1.01 -0.06
N ALA B 4 -17.01 -0.26 0.96
CA ALA B 4 -15.85 0.60 0.83
C ALA B 4 -14.63 -0.07 1.49
N THR B 5 -13.72 -0.53 0.65
CA THR B 5 -12.52 -1.18 1.14
C THR B 5 -11.35 -0.92 0.20
N TYR B 6 -10.15 -1.21 0.70
CA TYR B 6 -8.95 -1.00 -0.08
C TYR B 6 -8.01 -2.21 0.03
N THR B 7 -7.31 -2.49 -1.06
CA THR B 7 -6.39 -3.60 -1.10
C THR B 7 -4.96 -3.10 -1.31
N VAL B 8 -4.17 -3.16 -0.25
CA VAL B 8 -2.79 -2.72 -0.32
C VAL B 8 -1.86 -3.94 -0.33
N THR B 9 -1.12 -4.06 -1.42
CA THR B 9 -0.20 -5.18 -1.57
C THR B 9 1.24 -4.69 -1.47
N VAL B 10 2.09 -5.55 -0.92
CA VAL B 10 3.49 -5.22 -0.75
C VAL B 10 4.34 -6.45 -1.06
N THR B 11 5.10 -6.36 -2.13
CA THR B 11 5.96 -7.46 -2.54
C THR B 11 7.41 -6.98 -2.68
N ASN B 12 8.31 -7.76 -2.09
CA ASN B 12 9.73 -7.43 -2.15
C ASN B 12 10.38 -8.21 -3.29
N ASN B 13 10.82 -7.46 -4.29
CA ASN B 13 11.47 -8.06 -5.45
C ASN B 13 12.85 -8.56 -5.05
N SER B 14 13.30 -8.10 -3.89
CA SER B 14 14.60 -8.48 -3.38
C SER B 14 14.51 -9.84 -2.68
N ASN B 15 13.38 -10.04 -2.00
CA ASN B 15 13.16 -11.28 -1.28
C ASN B 15 12.06 -12.09 -2.00
N GLY B 16 11.58 -11.52 -3.10
CA GLY B 16 10.53 -12.17 -3.86
C GLY B 16 9.34 -12.54 -2.98
N VAL B 17 9.27 -11.88 -1.84
CA VAL B 17 8.19 -12.12 -0.89
C VAL B 17 7.01 -11.18 -1.21
N SER B 18 5.87 -11.78 -1.50
CA SER B 18 4.68 -11.02 -1.83
C SER B 18 3.64 -11.18 -0.72
N VAL B 19 3.00 -10.08 -0.38
CA VAL B 19 1.99 -10.09 0.65
C VAL B 19 0.94 -9.01 0.34
N ASP B 20 -0.32 -9.39 0.54
CA ASP B 20 -1.42 -8.48 0.29
C ASP B 20 -2.18 -8.22 1.58
N TYR B 21 -2.74 -7.02 1.68
CA TYR B 21 -3.50 -6.65 2.87
C TYR B 21 -4.76 -5.89 2.49
N GLU B 22 -5.88 -6.39 3.00
CA GLU B 22 -7.17 -5.77 2.72
C GLU B 22 -7.62 -4.93 3.92
N THR B 23 -7.66 -3.62 3.69
CA THR B 23 -8.08 -2.70 4.73
C THR B 23 -8.99 -1.61 4.15
N GLU B 24 -9.91 -1.14 4.99
CA GLU B 24 -10.85 -0.11 4.58
C GLU B 24 -10.49 1.21 5.24
N THR B 25 -9.72 2.02 4.51
CA THR B 25 -9.30 3.32 5.01
C THR B 25 -9.47 4.38 3.92
N PRO B 26 -10.45 5.30 4.18
CA PRO B 26 -10.72 6.37 3.23
C PRO B 26 -9.64 7.45 3.30
N MET B 27 -9.82 8.37 4.24
CA MET B 27 -8.88 9.46 4.41
C MET B 27 -7.59 8.96 5.07
N THR B 28 -7.74 7.91 5.86
CA THR B 28 -6.60 7.33 6.55
C THR B 28 -5.46 7.05 5.57
N LEU B 29 -5.85 6.64 4.36
CA LEU B 29 -4.87 6.34 3.33
C LEU B 29 -3.95 7.55 3.14
N LEU B 30 -4.54 8.73 3.24
CA LEU B 30 -3.79 9.96 3.09
C LEU B 30 -2.99 10.23 4.36
N VAL B 31 -3.51 9.71 5.47
CA VAL B 31 -2.85 9.89 6.76
C VAL B 31 -1.51 9.18 6.74
N PRO B 32 -0.48 9.90 7.25
CA PRO B 32 0.88 9.35 7.30
C PRO B 32 1.00 8.32 8.42
N GLU B 33 0.43 8.66 9.56
CA GLU B 33 0.47 7.78 10.72
C GLU B 33 -0.20 6.45 10.39
N VAL B 34 -1.24 6.53 9.58
CA VAL B 34 -1.98 5.34 9.18
C VAL B 34 -1.24 4.65 8.03
N ALA B 35 -0.82 5.46 7.07
CA ALA B 35 -0.10 4.94 5.92
C ALA B 35 1.25 4.38 6.37
N ALA B 36 1.89 5.13 7.26
CA ALA B 36 3.19 4.72 7.77
C ALA B 36 3.06 3.34 8.42
N GLU B 37 2.05 3.21 9.26
CA GLU B 37 1.80 1.95 9.96
C GLU B 37 1.40 0.87 8.96
N VAL B 38 0.66 1.29 7.94
CA VAL B 38 0.20 0.36 6.92
C VAL B 38 1.41 -0.17 6.14
N ILE B 39 2.19 0.77 5.61
CA ILE B 39 3.37 0.42 4.83
C ILE B 39 4.30 -0.44 5.70
N LYS B 40 4.58 0.07 6.90
CA LYS B 40 5.44 -0.64 7.82
C LYS B 40 4.79 -1.98 8.20
N ASP B 41 3.50 -1.92 8.47
CA ASP B 41 2.76 -3.11 8.84
C ASP B 41 2.90 -4.15 7.74
N LEU B 42 2.75 -3.69 6.51
CA LEU B 42 2.86 -4.58 5.35
C LEU B 42 4.24 -5.24 5.35
N VAL B 43 5.26 -4.39 5.43
CA VAL B 43 6.63 -4.88 5.43
C VAL B 43 6.86 -5.72 6.69
N ASN B 44 6.39 -5.20 7.81
CA ASN B 44 6.55 -5.88 9.08
C ASN B 44 5.94 -7.29 8.97
N THR B 45 4.82 -7.35 8.27
CA THR B 45 4.14 -8.62 8.08
C THR B 45 4.88 -9.49 7.07
N VAL B 46 5.43 -8.83 6.06
CA VAL B 46 6.19 -9.53 5.03
C VAL B 46 7.38 -10.24 5.67
N ARG B 47 8.07 -9.52 6.53
CA ARG B 47 9.23 -10.07 7.21
C ARG B 47 8.80 -11.06 8.28
N SER B 48 7.62 -10.80 8.85
CA SER B 48 7.09 -11.65 9.89
C SER B 48 7.03 -13.11 9.40
N TYR B 49 6.68 -13.26 8.14
CA TYR B 49 6.59 -14.58 7.53
C TYR B 49 7.97 -15.23 7.46
N ASP B 50 8.99 -14.39 7.40
CA ASP B 50 10.36 -14.87 7.33
C ASP B 50 10.69 -15.65 8.60
N THR B 51 10.16 -15.17 9.71
CA THR B 51 10.40 -15.80 11.00
C THR B 51 9.16 -16.59 11.44
N GLU B 52 9.34 -17.34 12.52
CA GLU B 52 8.25 -18.15 13.04
C GLU B 52 7.62 -17.44 14.26
N ASN B 53 7.78 -16.13 14.30
CA ASN B 53 7.23 -15.34 15.38
C ASN B 53 5.91 -14.72 14.94
N GLU B 54 5.13 -14.31 15.93
CA GLU B 54 3.84 -13.69 15.66
C GLU B 54 3.25 -13.09 16.94
N HIS B 55 2.34 -12.15 16.75
CA HIS B 55 1.70 -11.49 17.88
C HIS B 55 0.55 -10.62 17.37
N ASP B 56 0.90 -9.64 16.57
CA ASP B 56 -0.09 -8.72 16.02
C ASP B 56 -0.81 -9.40 14.86
N VAL B 57 -2.05 -8.97 14.63
CA VAL B 57 -2.85 -9.54 13.57
C VAL B 57 -2.79 -8.61 12.34
N CYS B 58 -3.06 -9.19 11.18
CA CYS B 58 -3.03 -8.44 9.94
C CYS B 58 -4.48 -8.16 9.52
N GLY B 59 -5.30 -9.19 9.65
CA GLY B 59 -6.71 -9.08 9.30
C GLY B 59 -7.55 -10.12 10.02
N TRP B 60 -8.68 -9.68 10.54
CA TRP B 60 -9.58 -10.57 11.26
C TRP B 60 -10.69 -10.99 10.30
N MET A 1 17.86 -12.88 -11.27
CA MET A 1 17.87 -11.48 -10.88
C MET A 1 17.50 -11.31 -9.41
N GLY A 2 18.52 -11.07 -8.60
CA GLY A 2 18.31 -10.89 -7.17
C GLY A 2 18.54 -9.43 -6.77
N LYS A 3 17.53 -8.61 -7.03
CA LYS A 3 17.61 -7.19 -6.71
C LYS A 3 16.73 -6.91 -5.49
N ALA A 4 16.90 -5.73 -4.94
CA ALA A 4 16.13 -5.32 -3.77
C ALA A 4 15.08 -4.28 -4.20
N THR A 5 13.89 -4.78 -4.50
CA THR A 5 12.80 -3.92 -4.93
C THR A 5 11.48 -4.35 -4.28
N TYR A 6 10.58 -3.40 -4.17
CA TYR A 6 9.28 -3.68 -3.57
C TYR A 6 8.15 -3.10 -4.42
N THR A 7 7.10 -3.90 -4.58
CA THR A 7 5.95 -3.48 -5.37
C THR A 7 4.73 -3.33 -4.47
N VAL A 8 4.25 -2.09 -4.39
CA VAL A 8 3.09 -1.79 -3.57
C VAL A 8 1.86 -1.66 -4.47
N THR A 9 0.84 -2.47 -4.15
CA THR A 9 -0.39 -2.46 -4.93
C THR A 9 -1.55 -1.95 -4.07
N VAL A 10 -2.31 -1.03 -4.65
CA VAL A 10 -3.45 -0.46 -3.96
C VAL A 10 -4.68 -0.55 -4.86
N THR A 11 -5.71 -1.20 -4.33
CA THR A 11 -6.96 -1.35 -5.07
C THR A 11 -8.15 -0.89 -4.23
N ASN A 12 -9.09 -0.26 -4.91
CA ASN A 12 -10.28 0.24 -4.23
C ASN A 12 -11.44 -0.73 -4.47
N ASN A 13 -11.71 -1.54 -3.45
CA ASN A 13 -12.78 -2.52 -3.54
C ASN A 13 -14.11 -1.78 -3.77
N SER A 14 -14.07 -0.48 -3.56
CA SER A 14 -15.26 0.35 -3.75
C SER A 14 -15.45 0.67 -5.23
N ASN A 15 -14.33 0.86 -5.91
CA ASN A 15 -14.36 1.18 -7.32
C ASN A 15 -13.83 -0.01 -8.12
N GLY A 16 -13.42 -1.04 -7.39
CA GLY A 16 -12.89 -2.25 -8.01
C GLY A 16 -11.66 -1.92 -8.87
N VAL A 17 -11.13 -0.72 -8.65
CA VAL A 17 -9.97 -0.28 -9.40
C VAL A 17 -8.70 -0.68 -8.64
N SER A 18 -7.72 -1.16 -9.40
CA SER A 18 -6.46 -1.58 -8.81
C SER A 18 -5.31 -0.75 -9.38
N VAL A 19 -4.23 -0.67 -8.62
CA VAL A 19 -3.07 0.09 -9.03
C VAL A 19 -1.83 -0.45 -8.31
N ASP A 20 -0.78 -0.66 -9.09
CA ASP A 20 0.46 -1.18 -8.54
C ASP A 20 1.60 -0.22 -8.91
N TYR A 21 2.54 -0.10 -7.98
CA TYR A 21 3.69 0.77 -8.18
C TYR A 21 4.97 0.13 -7.65
N GLU A 22 5.97 0.09 -8.53
CA GLU A 22 7.25 -0.50 -8.17
C GLU A 22 8.22 0.59 -7.66
N THR A 23 8.54 0.50 -6.38
CA THR A 23 9.44 1.46 -5.77
C THR A 23 10.45 0.75 -4.87
N GLU A 24 11.72 1.03 -5.12
CA GLU A 24 12.79 0.43 -4.34
C GLU A 24 13.09 1.28 -3.11
N THR A 25 12.48 0.90 -2.00
CA THR A 25 12.66 1.61 -0.74
C THR A 25 12.88 0.63 0.40
N PRO A 26 14.10 0.70 1.00
CA PRO A 26 14.45 -0.17 2.10
C PRO A 26 13.75 0.27 3.40
N MET A 27 14.44 1.13 4.13
CA MET A 27 13.90 1.63 5.39
C MET A 27 12.80 2.67 5.13
N THR A 28 12.91 3.33 3.99
CA THR A 28 11.93 4.34 3.61
C THR A 28 10.52 3.77 3.70
N LEU A 29 10.44 2.46 3.71
CA LEU A 29 9.16 1.78 3.78
C LEU A 29 8.50 2.08 5.14
N LEU A 30 9.34 2.06 6.17
CA LEU A 30 8.86 2.32 7.52
C LEU A 30 8.59 3.82 7.67
N VAL A 31 9.30 4.60 6.88
CA VAL A 31 9.15 6.04 6.92
C VAL A 31 7.69 6.40 6.62
N PRO A 32 7.16 7.35 7.45
CA PRO A 32 5.77 7.78 7.29
C PRO A 32 5.64 8.71 6.08
N GLU A 33 6.59 9.63 5.96
CA GLU A 33 6.59 10.57 4.86
C GLU A 33 6.61 9.83 3.52
N VAL A 34 7.33 8.72 3.51
CA VAL A 34 7.44 7.91 2.30
C VAL A 34 6.20 7.01 2.18
N ALA A 35 5.85 6.40 3.29
CA ALA A 35 4.69 5.52 3.32
C ALA A 35 3.42 6.33 3.01
N ALA A 36 3.32 7.47 3.66
CA ALA A 36 2.17 8.33 3.47
C ALA A 36 2.08 8.74 1.99
N GLU A 37 3.22 9.18 1.47
CA GLU A 37 3.29 9.60 0.08
C GLU A 37 3.03 8.40 -0.84
N VAL A 38 3.50 7.24 -0.41
CA VAL A 38 3.32 6.02 -1.18
C VAL A 38 1.84 5.64 -1.20
N ILE A 39 1.25 5.66 -0.01
CA ILE A 39 -0.16 5.32 0.13
C ILE A 39 -1.00 6.36 -0.60
N LYS A 40 -0.67 7.62 -0.38
CA LYS A 40 -1.39 8.71 -1.01
C LYS A 40 -1.13 8.69 -2.51
N ASP A 41 0.14 8.50 -2.85
CA ASP A 41 0.54 8.46 -4.25
C ASP A 41 -0.24 7.35 -4.96
N LEU A 42 -0.30 6.20 -4.31
CA LEU A 42 -1.01 5.05 -4.86
C LEU A 42 -2.49 5.39 -5.00
N VAL A 43 -3.07 5.85 -3.90
CA VAL A 43 -4.48 6.21 -3.89
C VAL A 43 -4.73 7.29 -4.95
N ASN A 44 -3.88 8.31 -4.92
CA ASN A 44 -4.01 9.41 -5.87
C ASN A 44 -3.97 8.85 -7.29
N THR A 45 -3.18 7.80 -7.45
CA THR A 45 -3.03 7.17 -8.76
C THR A 45 -4.32 6.41 -9.12
N VAL A 46 -4.81 5.66 -8.17
CA VAL A 46 -6.03 4.88 -8.37
C VAL A 46 -7.19 5.83 -8.69
N ARG A 47 -7.22 6.94 -7.95
CA ARG A 47 -8.26 7.93 -8.14
C ARG A 47 -8.02 8.70 -9.44
N SER A 48 -6.75 8.84 -9.79
CA SER A 48 -6.38 9.55 -11.00
C SER A 48 -7.13 8.98 -12.19
N TYR A 49 -7.25 7.66 -12.21
CA TYR A 49 -7.93 6.98 -13.29
C TYR A 49 -9.45 7.18 -13.19
N ASP A 50 -9.90 7.39 -11.96
CA ASP A 50 -11.31 7.61 -11.70
C ASP A 50 -11.69 9.02 -12.10
N THR A 51 -10.82 9.96 -11.75
CA THR A 51 -11.05 11.36 -12.05
C THR A 51 -10.43 11.72 -13.40
N GLU A 52 -10.97 12.76 -14.02
CA GLU A 52 -10.48 13.22 -15.31
C GLU A 52 -9.11 13.86 -15.15
N ASN A 53 -8.98 14.69 -14.12
CA ASN A 53 -7.73 15.37 -13.83
C ASN A 53 -6.68 14.35 -13.40
N GLU A 54 -5.45 14.82 -13.29
CA GLU A 54 -4.35 13.96 -12.88
C GLU A 54 -3.32 14.77 -12.08
N HIS A 55 -2.45 14.04 -11.40
CA HIS A 55 -1.42 14.66 -10.60
C HIS A 55 -2.06 15.47 -9.47
N ASP A 56 -2.45 16.69 -9.81
CA ASP A 56 -3.09 17.56 -8.85
C ASP A 56 -4.60 17.52 -9.03
N VAL A 57 -5.31 17.49 -7.90
CA VAL A 57 -6.76 17.44 -7.93
C VAL A 57 -7.30 18.73 -8.55
N CYS A 58 -8.52 18.64 -9.05
CA CYS A 58 -9.16 19.79 -9.68
C CYS A 58 -9.91 20.57 -8.59
N GLY A 59 -10.97 19.95 -8.10
CA GLY A 59 -11.78 20.58 -7.06
C GLY A 59 -12.93 19.67 -6.64
N TRP A 60 -12.57 18.45 -6.26
CA TRP A 60 -13.57 17.48 -5.84
C TRP A 60 -12.83 16.23 -5.35
N MET B 1 -21.91 -5.96 -1.03
CA MET B 1 -21.80 -5.22 -2.27
C MET B 1 -21.93 -3.71 -2.02
N GLY B 2 -21.29 -2.95 -2.89
CA GLY B 2 -21.32 -1.50 -2.76
C GLY B 2 -20.72 -1.04 -1.43
N LYS B 3 -19.52 -1.54 -1.16
CA LYS B 3 -18.83 -1.19 0.07
C LYS B 3 -17.54 -0.44 -0.27
N ALA B 4 -17.11 0.39 0.68
CA ALA B 4 -15.91 1.17 0.48
C ALA B 4 -14.75 0.53 1.26
N THR B 5 -13.84 -0.09 0.51
CA THR B 5 -12.70 -0.74 1.11
C THR B 5 -11.48 -0.61 0.21
N TYR B 6 -10.32 -0.88 0.78
CA TYR B 6 -9.07 -0.81 0.05
C TYR B 6 -8.15 -1.98 0.39
N THR B 7 -7.44 -2.44 -0.63
CA THR B 7 -6.53 -3.56 -0.46
C THR B 7 -5.10 -3.17 -0.86
N VAL B 8 -4.26 -3.02 0.15
CA VAL B 8 -2.88 -2.65 -0.08
C VAL B 8 -2.00 -3.89 -0.05
N THR B 9 -1.28 -4.11 -1.15
CA THR B 9 -0.40 -5.26 -1.25
C THR B 9 1.07 -4.82 -1.16
N VAL B 10 1.87 -5.68 -0.57
CA VAL B 10 3.28 -5.40 -0.42
C VAL B 10 4.09 -6.67 -0.68
N THR B 11 4.85 -6.64 -1.76
CA THR B 11 5.68 -7.78 -2.13
C THR B 11 7.13 -7.35 -2.31
N ASN B 12 8.03 -8.15 -1.74
CA ASN B 12 9.45 -7.87 -1.84
C ASN B 12 10.06 -8.69 -2.97
N ASN B 13 10.53 -7.98 -3.99
CA ASN B 13 11.14 -8.62 -5.14
C ASN B 13 12.51 -9.19 -4.75
N SER B 14 12.98 -8.73 -3.59
CA SER B 14 14.27 -9.18 -3.09
C SER B 14 14.12 -10.52 -2.38
N ASN B 15 13.00 -10.67 -1.70
CA ASN B 15 12.72 -11.90 -0.96
C ASN B 15 11.59 -12.66 -1.66
N GLY B 16 11.08 -12.06 -2.73
CA GLY B 16 10.01 -12.66 -3.50
C GLY B 16 8.80 -12.96 -2.59
N VAL B 17 8.80 -12.32 -1.43
CA VAL B 17 7.71 -12.50 -0.48
C VAL B 17 6.61 -11.49 -0.78
N SER B 18 5.40 -12.02 -0.96
CA SER B 18 4.25 -11.19 -1.25
C SER B 18 3.28 -11.20 -0.06
N VAL B 19 2.61 -10.07 0.11
CA VAL B 19 1.65 -9.93 1.19
C VAL B 19 0.58 -8.91 0.80
N ASP B 20 -0.66 -9.27 1.07
CA ASP B 20 -1.78 -8.40 0.75
C ASP B 20 -2.61 -8.16 2.01
N TYR B 21 -3.16 -6.95 2.10
CA TYR B 21 -3.96 -6.58 3.25
C TYR B 21 -5.18 -5.74 2.81
N GLU B 22 -6.35 -6.18 3.26
CA GLU B 22 -7.58 -5.49 2.93
C GLU B 22 -8.07 -4.67 4.13
N THR B 23 -8.07 -3.36 3.95
CA THR B 23 -8.51 -2.46 5.01
C THR B 23 -9.38 -1.34 4.44
N GLU B 24 -10.37 -0.94 5.22
CA GLU B 24 -11.27 0.12 4.80
C GLU B 24 -10.79 1.47 5.34
N THR B 25 -10.02 2.16 4.51
CA THR B 25 -9.50 3.46 4.89
C THR B 25 -9.66 4.45 3.74
N PRO B 26 -10.66 5.37 3.92
CA PRO B 26 -10.95 6.38 2.91
C PRO B 26 -9.88 7.48 2.92
N MET B 27 -10.04 8.40 3.88
CA MET B 27 -9.11 9.50 4.01
C MET B 27 -7.81 9.04 4.67
N THR B 28 -7.93 8.03 5.50
CA THR B 28 -6.77 7.49 6.20
C THR B 28 -5.65 7.18 5.21
N LEU B 29 -6.04 6.67 4.05
CA LEU B 29 -5.09 6.33 3.01
C LEU B 29 -4.18 7.53 2.75
N LEU B 30 -4.77 8.71 2.87
CA LEU B 30 -4.02 9.94 2.65
C LEU B 30 -3.26 10.31 3.93
N VAL B 31 -3.75 9.79 5.04
CA VAL B 31 -3.12 10.05 6.33
C VAL B 31 -1.77 9.33 6.39
N PRO B 32 -0.75 10.08 6.90
CA PRO B 32 0.59 9.53 7.02
C PRO B 32 0.68 8.55 8.17
N GLU B 33 0.06 8.92 9.29
CA GLU B 33 0.06 8.07 10.47
C GLU B 33 -0.60 6.73 10.16
N VAL B 34 -1.61 6.78 9.30
CA VAL B 34 -2.33 5.58 8.92
C VAL B 34 -1.56 4.85 7.82
N ALA B 35 -1.13 5.63 6.83
CA ALA B 35 -0.37 5.08 5.72
C ALA B 35 0.97 4.54 6.23
N ALA B 36 1.61 5.33 7.06
CA ALA B 36 2.89 4.96 7.63
C ALA B 36 2.75 3.60 8.33
N GLU B 37 1.72 3.50 9.15
CA GLU B 37 1.46 2.28 9.89
C GLU B 37 1.04 1.17 8.94
N VAL B 38 0.31 1.55 7.90
CA VAL B 38 -0.15 0.60 6.91
C VAL B 38 1.05 0.03 6.16
N ILE B 39 1.87 0.92 5.63
CA ILE B 39 3.05 0.52 4.89
C ILE B 39 3.96 -0.30 5.80
N LYS B 40 4.23 0.25 6.97
CA LYS B 40 5.08 -0.43 7.94
C LYS B 40 4.43 -1.74 8.36
N ASP B 41 3.14 -1.66 8.63
CA ASP B 41 2.38 -2.84 9.05
C ASP B 41 2.51 -3.92 7.98
N LEU B 42 2.35 -3.50 6.73
CA LEU B 42 2.44 -4.42 5.61
C LEU B 42 3.86 -5.00 5.54
N VAL B 43 4.82 -4.09 5.54
CA VAL B 43 6.22 -4.50 5.48
C VAL B 43 6.55 -5.36 6.69
N ASN B 44 6.09 -4.90 7.85
CA ASN B 44 6.32 -5.62 9.09
C ASN B 44 5.79 -7.05 8.95
N THR B 45 4.67 -7.17 8.25
CA THR B 45 4.06 -8.47 8.04
C THR B 45 4.89 -9.31 7.07
N VAL B 46 5.29 -8.67 5.99
CA VAL B 46 6.10 -9.34 4.98
C VAL B 46 7.41 -9.80 5.60
N ARG B 47 7.93 -8.98 6.51
CA ARG B 47 9.18 -9.30 7.18
C ARG B 47 8.95 -10.39 8.22
N SER B 48 7.77 -10.36 8.83
CA SER B 48 7.42 -11.35 9.83
C SER B 48 7.62 -12.76 9.28
N TYR B 49 7.13 -12.96 8.06
CA TYR B 49 7.24 -14.25 7.40
C TYR B 49 8.66 -14.49 6.92
N ASP B 50 9.37 -13.39 6.69
CA ASP B 50 10.75 -13.48 6.21
C ASP B 50 11.52 -14.48 7.07
N THR B 51 11.19 -14.48 8.36
CA THR B 51 11.84 -15.38 9.29
C THR B 51 10.92 -16.55 9.64
N GLU B 52 11.49 -17.52 10.34
CA GLU B 52 10.72 -18.70 10.74
C GLU B 52 9.73 -18.33 11.85
N ASN B 53 9.88 -17.12 12.35
CA ASN B 53 9.01 -16.64 13.41
C ASN B 53 7.82 -15.89 12.79
N GLU B 54 6.64 -16.20 13.31
CA GLU B 54 5.43 -15.57 12.82
C GLU B 54 4.90 -14.56 13.85
N HIS B 55 5.78 -13.64 14.22
CA HIS B 55 5.42 -12.62 15.19
C HIS B 55 4.59 -11.54 14.51
N ASP B 56 3.53 -11.12 15.20
CA ASP B 56 2.65 -10.09 14.68
C ASP B 56 2.71 -8.86 15.57
N VAL B 57 2.36 -7.72 14.99
CA VAL B 57 2.37 -6.47 15.73
C VAL B 57 1.00 -6.23 16.36
N CYS B 58 1.01 -5.60 17.51
CA CYS B 58 -0.22 -5.30 18.23
C CYS B 58 -0.74 -3.95 17.75
N GLY B 59 -2.03 -3.74 17.95
CA GLY B 59 -2.66 -2.50 17.55
C GLY B 59 -1.73 -1.31 17.81
N TRP B 60 -1.65 -0.91 19.07
CA TRP B 60 -0.80 0.20 19.45
C TRP B 60 -1.26 1.43 18.68
N MET A 1 15.10 -12.32 -5.07
CA MET A 1 15.19 -12.72 -6.47
C MET A 1 16.57 -12.35 -7.04
N GLY A 2 16.96 -11.11 -6.79
CA GLY A 2 18.25 -10.63 -7.29
C GLY A 2 18.50 -9.19 -6.84
N LYS A 3 17.52 -8.34 -7.12
CA LYS A 3 17.62 -6.93 -6.76
C LYS A 3 16.72 -6.67 -5.55
N ALA A 4 16.89 -5.47 -4.99
CA ALA A 4 16.10 -5.08 -3.83
C ALA A 4 15.02 -4.08 -4.27
N THR A 5 13.85 -4.62 -4.55
CA THR A 5 12.73 -3.80 -4.98
C THR A 5 11.45 -4.22 -4.27
N TYR A 6 10.45 -3.35 -4.34
CA TYR A 6 9.17 -3.64 -3.72
C TYR A 6 8.01 -3.25 -4.64
N THR A 7 6.96 -4.05 -4.58
CA THR A 7 5.78 -3.79 -5.40
C THR A 7 4.56 -3.57 -4.52
N VAL A 8 4.12 -2.32 -4.48
CA VAL A 8 2.95 -1.95 -3.69
C VAL A 8 1.72 -1.84 -4.60
N THR A 9 0.67 -2.53 -4.19
CA THR A 9 -0.57 -2.52 -4.96
C THR A 9 -1.74 -2.06 -4.08
N VAL A 10 -2.47 -1.09 -4.59
CA VAL A 10 -3.62 -0.56 -3.88
C VAL A 10 -4.87 -0.67 -4.75
N THR A 11 -5.89 -1.28 -4.18
CA THR A 11 -7.14 -1.46 -4.90
C THR A 11 -8.32 -0.99 -4.04
N ASN A 12 -9.24 -0.28 -4.69
CA ASN A 12 -10.42 0.22 -4.00
C ASN A 12 -11.61 -0.69 -4.29
N ASN A 13 -11.89 -1.57 -3.34
CA ASN A 13 -12.99 -2.50 -3.48
C ASN A 13 -14.28 -1.71 -3.71
N SER A 14 -14.22 -0.43 -3.40
CA SER A 14 -15.37 0.44 -3.57
C SER A 14 -15.56 0.79 -5.04
N ASN A 15 -14.44 0.92 -5.74
CA ASN A 15 -14.46 1.26 -7.15
C ASN A 15 -13.98 0.04 -7.95
N GLY A 16 -13.56 -0.98 -7.23
CA GLY A 16 -13.07 -2.19 -7.87
C GLY A 16 -11.86 -1.90 -8.75
N VAL A 17 -11.29 -0.72 -8.55
CA VAL A 17 -10.13 -0.30 -9.31
C VAL A 17 -8.86 -0.73 -8.57
N SER A 18 -7.99 -1.41 -9.30
CA SER A 18 -6.75 -1.89 -8.73
C SER A 18 -5.56 -1.20 -9.41
N VAL A 19 -4.50 -1.00 -8.63
CA VAL A 19 -3.32 -0.35 -9.15
C VAL A 19 -2.09 -0.92 -8.45
N ASP A 20 -0.96 -0.84 -9.14
CA ASP A 20 0.29 -1.35 -8.59
C ASP A 20 1.40 -0.32 -8.82
N TYR A 21 2.34 -0.28 -7.88
CA TYR A 21 3.45 0.65 -7.98
C TYR A 21 4.76 -0.01 -7.55
N GLU A 22 5.74 0.07 -8.45
CA GLU A 22 7.05 -0.52 -8.18
C GLU A 22 8.06 0.57 -7.83
N THR A 23 8.49 0.56 -6.57
CA THR A 23 9.46 1.53 -6.11
C THR A 23 10.50 0.87 -5.22
N GLU A 24 11.75 1.28 -5.39
CA GLU A 24 12.83 0.73 -4.60
C GLU A 24 13.05 1.57 -3.33
N THR A 25 12.41 1.11 -2.25
CA THR A 25 12.52 1.79 -0.99
C THR A 25 12.78 0.79 0.14
N PRO A 26 14.03 0.87 0.69
CA PRO A 26 14.42 -0.02 1.77
C PRO A 26 13.78 0.39 3.09
N MET A 27 14.45 1.30 3.78
CA MET A 27 13.95 1.79 5.06
C MET A 27 12.76 2.73 4.86
N THR A 28 12.75 3.38 3.70
CA THR A 28 11.67 4.31 3.38
C THR A 28 10.31 3.66 3.58
N LEU A 29 10.32 2.33 3.51
CA LEU A 29 9.09 1.56 3.68
C LEU A 29 8.54 1.80 5.09
N LEU A 30 9.46 1.91 6.04
CA LEU A 30 9.09 2.13 7.42
C LEU A 30 8.81 3.63 7.63
N VAL A 31 9.40 4.43 6.76
CA VAL A 31 9.23 5.88 6.84
C VAL A 31 7.75 6.22 6.64
N PRO A 32 7.24 7.10 7.53
CA PRO A 32 5.85 7.52 7.46
C PRO A 32 5.63 8.50 6.30
N GLU A 33 6.55 9.45 6.19
CA GLU A 33 6.46 10.44 5.14
C GLU A 33 6.47 9.77 3.76
N VAL A 34 7.21 8.68 3.67
CA VAL A 34 7.31 7.94 2.43
C VAL A 34 6.09 7.05 2.28
N ALA A 35 5.74 6.37 3.37
CA ALA A 35 4.59 5.49 3.38
C ALA A 35 3.32 6.30 3.14
N ALA A 36 3.26 7.46 3.80
CA ALA A 36 2.11 8.34 3.67
C ALA A 36 1.97 8.79 2.21
N GLU A 37 3.09 9.26 1.67
CA GLU A 37 3.11 9.71 0.29
C GLU A 37 2.81 8.56 -0.66
N VAL A 38 3.28 7.38 -0.27
CA VAL A 38 3.08 6.18 -1.09
C VAL A 38 1.60 5.80 -1.04
N ILE A 39 1.09 5.66 0.17
CA ILE A 39 -0.30 5.29 0.37
C ILE A 39 -1.20 6.32 -0.33
N LYS A 40 -0.89 7.58 -0.08
CA LYS A 40 -1.66 8.67 -0.68
C LYS A 40 -1.44 8.67 -2.19
N ASP A 41 -0.17 8.52 -2.58
CA ASP A 41 0.18 8.51 -3.98
C ASP A 41 -0.59 7.38 -4.69
N LEU A 42 -0.61 6.24 -4.04
CA LEU A 42 -1.29 5.08 -4.60
C LEU A 42 -2.77 5.42 -4.79
N VAL A 43 -3.38 5.93 -3.73
CA VAL A 43 -4.78 6.31 -3.76
C VAL A 43 -4.97 7.46 -4.75
N ASN A 44 -4.12 8.46 -4.61
CA ASN A 44 -4.19 9.62 -5.48
C ASN A 44 -4.04 9.18 -6.94
N THR A 45 -3.20 8.17 -7.13
CA THR A 45 -2.96 7.65 -8.46
C THR A 45 -4.16 6.82 -8.92
N VAL A 46 -4.66 5.99 -8.02
CA VAL A 46 -5.80 5.14 -8.33
C VAL A 46 -6.99 6.02 -8.70
N ARG A 47 -7.14 7.10 -7.95
CA ARG A 47 -8.23 8.03 -8.18
C ARG A 47 -7.97 8.85 -9.44
N SER A 48 -6.70 9.10 -9.69
CA SER A 48 -6.31 9.88 -10.86
C SER A 48 -6.89 9.24 -12.13
N TYR A 49 -6.88 7.92 -12.15
CA TYR A 49 -7.40 7.19 -13.29
C TYR A 49 -8.88 7.52 -13.52
N ASP A 50 -9.55 7.89 -12.44
CA ASP A 50 -10.96 8.23 -12.52
C ASP A 50 -11.10 9.66 -13.06
N THR A 51 -10.11 10.47 -12.76
CA THR A 51 -10.11 11.86 -13.21
C THR A 51 -9.50 11.96 -14.61
N GLU A 52 -10.11 12.82 -15.42
CA GLU A 52 -9.63 13.01 -16.79
C GLU A 52 -8.14 13.38 -16.79
N ASN A 53 -7.84 14.48 -16.10
CA ASN A 53 -6.47 14.94 -16.02
C ASN A 53 -5.97 14.77 -14.58
N GLU A 54 -4.75 14.22 -14.48
CA GLU A 54 -4.15 13.99 -13.18
C GLU A 54 -3.02 15.01 -12.94
N HIS A 55 -3.41 16.26 -12.83
CA HIS A 55 -2.45 17.33 -12.60
C HIS A 55 -3.17 18.56 -12.03
N ASP A 56 -4.09 19.09 -12.82
CA ASP A 56 -4.85 20.26 -12.41
C ASP A 56 -6.10 19.81 -11.66
N VAL A 57 -6.42 20.56 -10.61
CA VAL A 57 -7.59 20.25 -9.80
C VAL A 57 -8.79 21.07 -10.31
N CYS A 58 -9.94 20.43 -10.27
CA CYS A 58 -11.17 21.08 -10.71
C CYS A 58 -12.20 20.99 -9.58
N GLY A 59 -12.32 19.79 -9.03
CA GLY A 59 -13.26 19.55 -7.95
C GLY A 59 -12.57 18.90 -6.75
N TRP A 60 -13.36 18.21 -5.95
CA TRP A 60 -12.84 17.54 -4.78
C TRP A 60 -12.21 18.60 -3.86
N MET B 1 -23.20 -5.99 -1.86
CA MET B 1 -22.27 -5.22 -2.67
C MET B 1 -22.39 -3.72 -2.36
N GLY B 2 -21.46 -2.96 -2.93
CA GLY B 2 -21.46 -1.52 -2.73
C GLY B 2 -20.88 -1.17 -1.35
N LYS B 3 -19.67 -1.65 -1.10
CA LYS B 3 -19.00 -1.40 0.17
C LYS B 3 -17.71 -0.61 -0.09
N ALA B 4 -17.28 0.09 0.94
CA ALA B 4 -16.05 0.89 0.84
C ALA B 4 -14.92 0.15 1.55
N THR B 5 -14.01 -0.38 0.76
CA THR B 5 -12.87 -1.10 1.29
C THR B 5 -11.65 -0.92 0.39
N TYR B 6 -10.48 -1.21 0.96
CA TYR B 6 -9.24 -1.08 0.22
C TYR B 6 -8.32 -2.27 0.49
N THR B 7 -7.54 -2.62 -0.53
CA THR B 7 -6.63 -3.74 -0.43
C THR B 7 -5.21 -3.31 -0.82
N VAL B 8 -4.34 -3.23 0.18
CA VAL B 8 -2.97 -2.84 -0.05
C VAL B 8 -2.07 -4.07 -0.02
N THR B 9 -1.30 -4.24 -1.10
CA THR B 9 -0.40 -5.37 -1.21
C THR B 9 1.05 -4.90 -1.15
N VAL B 10 1.90 -5.75 -0.58
CA VAL B 10 3.31 -5.44 -0.46
C VAL B 10 4.13 -6.70 -0.77
N THR B 11 4.90 -6.63 -1.84
CA THR B 11 5.73 -7.74 -2.25
C THR B 11 7.19 -7.30 -2.40
N ASN B 12 8.07 -8.07 -1.78
CA ASN B 12 9.49 -7.77 -1.83
C ASN B 12 10.15 -8.59 -2.95
N ASN B 13 10.33 -7.94 -4.09
CA ASN B 13 10.94 -8.60 -5.23
C ASN B 13 12.34 -9.10 -4.84
N SER B 14 12.83 -8.58 -3.73
CA SER B 14 14.14 -8.95 -3.24
C SER B 14 14.07 -10.31 -2.54
N ASN B 15 12.94 -10.55 -1.88
CA ASN B 15 12.74 -11.80 -1.17
C ASN B 15 11.66 -12.63 -1.90
N GLY B 16 11.12 -12.02 -2.95
CA GLY B 16 10.10 -12.69 -3.74
C GLY B 16 8.86 -13.00 -2.88
N VAL B 17 8.83 -12.39 -1.70
CA VAL B 17 7.72 -12.59 -0.78
C VAL B 17 6.64 -11.55 -1.07
N SER B 18 5.39 -11.98 -0.92
CA SER B 18 4.25 -11.10 -1.15
C SER B 18 3.33 -11.11 0.06
N VAL B 19 2.58 -10.02 0.20
CA VAL B 19 1.65 -9.89 1.31
C VAL B 19 0.54 -8.90 0.93
N ASP B 20 -0.69 -9.36 1.09
CA ASP B 20 -1.84 -8.54 0.78
C ASP B 20 -2.67 -8.30 2.04
N TYR B 21 -3.21 -7.10 2.14
CA TYR B 21 -4.03 -6.74 3.28
C TYR B 21 -5.24 -5.91 2.86
N GLU B 22 -6.41 -6.36 3.31
CA GLU B 22 -7.65 -5.68 2.99
C GLU B 22 -8.11 -4.83 4.17
N THR B 23 -8.11 -3.52 3.96
CA THR B 23 -8.52 -2.59 5.00
C THR B 23 -9.38 -1.47 4.40
N GLU B 24 -10.29 -0.98 5.22
CA GLU B 24 -11.19 0.09 4.80
C GLU B 24 -10.76 1.41 5.42
N THR B 25 -9.96 2.17 4.67
CA THR B 25 -9.49 3.45 5.15
C THR B 25 -9.65 4.52 4.05
N PRO B 26 -10.65 5.41 4.27
CA PRO B 26 -10.91 6.47 3.31
C PRO B 26 -9.87 7.57 3.41
N MET B 27 -10.07 8.46 4.37
CA MET B 27 -9.16 9.57 4.59
C MET B 27 -7.86 9.09 5.24
N THR B 28 -7.99 8.03 6.03
CA THR B 28 -6.85 7.47 6.72
C THR B 28 -5.73 7.15 5.73
N LEU B 29 -6.13 6.65 4.57
CA LEU B 29 -5.18 6.30 3.53
C LEU B 29 -4.25 7.49 3.27
N LEU B 30 -4.82 8.68 3.39
CA LEU B 30 -4.06 9.90 3.18
C LEU B 30 -3.23 10.20 4.44
N VAL B 31 -3.72 9.71 5.56
CA VAL B 31 -3.04 9.92 6.83
C VAL B 31 -1.69 9.21 6.81
N PRO B 32 -0.65 9.93 7.30
CA PRO B 32 0.70 9.37 7.34
C PRO B 32 0.83 8.34 8.45
N GLU B 33 0.26 8.67 9.60
CA GLU B 33 0.30 7.78 10.76
C GLU B 33 -0.37 6.45 10.42
N VAL B 34 -1.41 6.53 9.61
CA VAL B 34 -2.14 5.34 9.20
C VAL B 34 -1.42 4.67 8.04
N ALA B 35 -1.02 5.48 7.08
CA ALA B 35 -0.33 4.97 5.91
C ALA B 35 1.03 4.40 6.35
N ALA B 36 1.70 5.14 7.22
CA ALA B 36 2.99 4.71 7.72
C ALA B 36 2.86 3.33 8.36
N GLU B 37 1.85 3.20 9.22
CA GLU B 37 1.60 1.95 9.90
C GLU B 37 1.08 0.90 8.91
N VAL B 38 0.30 1.37 7.94
CA VAL B 38 -0.26 0.49 6.94
C VAL B 38 0.86 -0.03 6.04
N ILE B 39 1.81 0.86 5.77
CA ILE B 39 2.94 0.50 4.92
C ILE B 39 3.93 -0.34 5.72
N LYS B 40 4.20 0.12 6.94
CA LYS B 40 5.13 -0.58 7.81
C LYS B 40 4.53 -1.93 8.22
N ASP B 41 3.24 -1.88 8.56
CA ASP B 41 2.53 -3.09 8.97
C ASP B 41 2.62 -4.13 7.85
N LEU B 42 2.39 -3.66 6.63
CA LEU B 42 2.43 -4.53 5.47
C LEU B 42 3.85 -5.08 5.31
N VAL B 43 4.82 -4.18 5.37
CA VAL B 43 6.21 -4.55 5.24
C VAL B 43 6.60 -5.48 6.38
N ASN B 44 6.23 -5.07 7.58
CA ASN B 44 6.54 -5.86 8.77
C ASN B 44 5.95 -7.26 8.61
N THR B 45 4.83 -7.33 7.91
CA THR B 45 4.16 -8.60 7.68
C THR B 45 4.94 -9.42 6.64
N VAL B 46 5.36 -8.74 5.60
CA VAL B 46 6.11 -9.39 4.53
C VAL B 46 7.43 -9.93 5.10
N ARG B 47 8.10 -9.08 5.86
CA ARG B 47 9.37 -9.46 6.46
C ARG B 47 9.14 -10.41 7.64
N SER B 48 7.95 -10.30 8.21
CA SER B 48 7.59 -11.13 9.34
C SER B 48 7.74 -12.61 8.98
N TYR B 49 7.38 -12.92 7.74
CA TYR B 49 7.48 -14.28 7.25
C TYR B 49 8.93 -14.66 6.96
N ASP B 50 9.71 -13.66 6.57
CA ASP B 50 11.12 -13.87 6.27
C ASP B 50 11.84 -14.34 7.52
N THR B 51 11.21 -14.08 8.66
CA THR B 51 11.79 -14.46 9.94
C THR B 51 11.01 -15.64 10.54
N GLU B 52 11.74 -16.47 11.27
CA GLU B 52 11.14 -17.63 11.90
C GLU B 52 9.76 -17.28 12.48
N ASN B 53 9.73 -16.17 13.20
CA ASN B 53 8.49 -15.70 13.81
C ASN B 53 7.86 -14.64 12.91
N GLU B 54 6.56 -14.79 12.69
CA GLU B 54 5.82 -13.85 11.86
C GLU B 54 4.93 -12.96 12.73
N HIS B 55 5.55 -12.35 13.73
CA HIS B 55 4.83 -11.47 14.63
C HIS B 55 5.82 -10.80 15.60
N ASP B 56 5.49 -9.57 15.97
CA ASP B 56 6.33 -8.82 16.88
C ASP B 56 5.60 -8.63 18.21
N VAL B 57 6.36 -8.76 19.29
CA VAL B 57 5.80 -8.61 20.62
C VAL B 57 5.29 -7.18 20.80
N CYS B 58 4.30 -7.04 21.67
CA CYS B 58 3.72 -5.74 21.94
C CYS B 58 3.03 -5.80 23.30
N GLY B 59 2.21 -6.83 23.47
CA GLY B 59 1.48 -7.01 24.72
C GLY B 59 0.44 -8.13 24.59
N TRP B 60 -0.79 -7.72 24.31
CA TRP B 60 -1.87 -8.68 24.16
C TRP B 60 -2.10 -9.35 25.52
N MET A 1 18.71 -10.03 -12.07
CA MET A 1 18.63 -11.29 -11.35
C MET A 1 17.95 -11.10 -9.99
N GLY A 2 18.63 -10.38 -9.12
CA GLY A 2 18.12 -10.11 -7.79
C GLY A 2 18.34 -8.66 -7.40
N LYS A 3 17.29 -7.86 -7.57
CA LYS A 3 17.35 -6.45 -7.24
C LYS A 3 16.55 -6.19 -5.95
N ALA A 4 16.75 -5.01 -5.39
CA ALA A 4 16.06 -4.63 -4.18
C ALA A 4 14.98 -3.60 -4.51
N THR A 5 13.78 -4.10 -4.74
CA THR A 5 12.65 -3.24 -5.08
C THR A 5 11.38 -3.73 -4.38
N TYR A 6 10.38 -2.86 -4.37
CA TYR A 6 9.12 -3.20 -3.74
C TYR A 6 7.93 -2.72 -4.60
N THR A 7 6.88 -3.52 -4.60
CA THR A 7 5.70 -3.20 -5.37
C THR A 7 4.48 -3.12 -4.45
N VAL A 8 4.02 -1.89 -4.24
CA VAL A 8 2.86 -1.66 -3.39
C VAL A 8 1.60 -1.58 -4.26
N THR A 9 0.74 -2.57 -4.09
CA THR A 9 -0.50 -2.63 -4.85
C THR A 9 -1.68 -2.13 -3.99
N VAL A 10 -2.35 -1.12 -4.49
CA VAL A 10 -3.49 -0.55 -3.79
C VAL A 10 -4.72 -0.59 -4.70
N THR A 11 -5.74 -1.30 -4.22
CA THR A 11 -6.97 -1.43 -4.98
C THR A 11 -8.17 -1.08 -4.09
N ASN A 12 -9.17 -0.47 -4.72
CA ASN A 12 -10.37 -0.08 -4.00
C ASN A 12 -11.46 -1.12 -4.26
N ASN A 13 -11.92 -1.72 -3.17
CA ASN A 13 -12.97 -2.72 -3.25
C ASN A 13 -14.32 -2.04 -3.38
N SER A 14 -14.34 -0.75 -3.05
CA SER A 14 -15.56 0.02 -3.14
C SER A 14 -15.78 0.51 -4.56
N ASN A 15 -14.69 0.83 -5.23
CA ASN A 15 -14.75 1.30 -6.61
C ASN A 15 -14.17 0.24 -7.53
N GLY A 16 -13.55 -0.76 -6.93
CA GLY A 16 -12.95 -1.84 -7.69
C GLY A 16 -11.79 -1.34 -8.55
N VAL A 17 -11.24 -0.20 -8.13
CA VAL A 17 -10.13 0.40 -8.85
C VAL A 17 -8.81 -0.14 -8.29
N SER A 18 -8.03 -0.75 -9.17
CA SER A 18 -6.76 -1.31 -8.78
C SER A 18 -5.61 -0.44 -9.31
N VAL A 19 -4.59 -0.28 -8.48
CA VAL A 19 -3.45 0.53 -8.86
C VAL A 19 -2.21 0.05 -8.09
N ASP A 20 -1.17 -0.27 -8.84
CA ASP A 20 0.07 -0.74 -8.23
C ASP A 20 1.20 0.21 -8.61
N TYR A 21 2.16 0.33 -7.70
CA TYR A 21 3.31 1.20 -7.93
C TYR A 21 4.60 0.53 -7.46
N GLU A 22 5.57 0.50 -8.36
CA GLU A 22 6.86 -0.10 -8.05
C GLU A 22 7.80 0.93 -7.43
N THR A 23 8.13 0.70 -6.18
CA THR A 23 9.02 1.61 -5.47
C THR A 23 10.05 0.81 -4.66
N GLU A 24 11.31 1.04 -4.97
CA GLU A 24 12.39 0.36 -4.27
C GLU A 24 12.81 1.15 -3.04
N THR A 25 12.24 0.76 -1.91
CA THR A 25 12.55 1.43 -0.66
C THR A 25 12.79 0.39 0.45
N PRO A 26 14.03 0.41 0.99
CA PRO A 26 14.40 -0.51 2.05
C PRO A 26 13.78 -0.09 3.38
N MET A 27 14.52 0.71 4.12
CA MET A 27 14.05 1.18 5.42
C MET A 27 12.97 2.25 5.25
N THR A 28 13.03 2.94 4.13
CA THR A 28 12.06 3.98 3.84
C THR A 28 10.63 3.44 3.98
N LEU A 29 10.50 2.15 3.72
CA LEU A 29 9.20 1.50 3.81
C LEU A 29 8.59 1.79 5.19
N LEU A 30 9.46 1.92 6.17
CA LEU A 30 9.03 2.20 7.53
C LEU A 30 8.72 3.69 7.66
N VAL A 31 9.46 4.49 6.91
CA VAL A 31 9.27 5.93 6.93
C VAL A 31 7.81 6.26 6.63
N PRO A 32 7.24 7.17 7.45
CA PRO A 32 5.85 7.58 7.28
C PRO A 32 5.71 8.53 6.08
N GLU A 33 6.66 9.44 5.96
CA GLU A 33 6.65 10.39 4.87
C GLU A 33 6.68 9.67 3.53
N VAL A 34 7.40 8.56 3.50
CA VAL A 34 7.51 7.77 2.29
C VAL A 34 6.28 6.85 2.17
N ALA A 35 5.94 6.22 3.26
CA ALA A 35 4.79 5.33 3.30
C ALA A 35 3.52 6.13 3.00
N ALA A 36 3.39 7.24 3.70
CA ALA A 36 2.23 8.11 3.52
C ALA A 36 2.14 8.55 2.06
N GLU A 37 3.28 9.00 1.55
CA GLU A 37 3.35 9.46 0.17
C GLU A 37 3.01 8.31 -0.79
N VAL A 38 3.40 7.11 -0.38
CA VAL A 38 3.15 5.93 -1.19
C VAL A 38 1.65 5.61 -1.16
N ILE A 39 1.12 5.52 0.06
CA ILE A 39 -0.28 5.21 0.24
C ILE A 39 -1.12 6.30 -0.44
N LYS A 40 -0.69 7.54 -0.25
CA LYS A 40 -1.38 8.67 -0.83
C LYS A 40 -1.14 8.69 -2.34
N ASP A 41 0.09 8.42 -2.72
CA ASP A 41 0.47 8.40 -4.12
C ASP A 41 -0.42 7.39 -4.87
N LEU A 42 -0.57 6.23 -4.26
CA LEU A 42 -1.38 5.17 -4.85
C LEU A 42 -2.82 5.66 -4.97
N VAL A 43 -3.35 6.15 -3.85
CA VAL A 43 -4.71 6.63 -3.81
C VAL A 43 -4.85 7.81 -4.79
N ASN A 44 -3.90 8.72 -4.71
CA ASN A 44 -3.90 9.89 -5.56
C ASN A 44 -3.95 9.44 -7.02
N THR A 45 -3.27 8.35 -7.31
CA THR A 45 -3.24 7.81 -8.65
C THR A 45 -4.58 7.13 -8.99
N VAL A 46 -5.13 6.46 -7.99
CA VAL A 46 -6.39 5.78 -8.17
C VAL A 46 -7.47 6.79 -8.53
N ARG A 47 -7.48 7.89 -7.78
CA ARG A 47 -8.45 8.94 -8.01
C ARG A 47 -8.12 9.70 -9.30
N SER A 48 -6.83 9.72 -9.62
CA SER A 48 -6.37 10.41 -10.81
C SER A 48 -7.16 9.92 -12.04
N TYR A 49 -7.47 8.63 -12.02
CA TYR A 49 -8.22 8.03 -13.11
C TYR A 49 -9.67 8.51 -13.11
N ASP A 50 -10.18 8.74 -11.91
CA ASP A 50 -11.55 9.20 -11.76
C ASP A 50 -11.85 10.28 -12.81
N THR A 51 -10.95 11.26 -12.86
CA THR A 51 -11.10 12.35 -13.81
C THR A 51 -10.41 12.02 -15.13
N GLU A 52 -10.60 12.90 -16.10
CA GLU A 52 -10.01 12.70 -17.41
C GLU A 52 -8.49 12.51 -17.29
N ASN A 53 -7.95 11.70 -18.19
CA ASN A 53 -6.53 11.41 -18.19
C ASN A 53 -5.76 12.72 -18.43
N GLU A 54 -4.73 12.93 -17.63
CA GLU A 54 -3.91 14.11 -17.75
C GLU A 54 -2.44 13.73 -17.97
N HIS A 55 -1.61 14.75 -18.10
CA HIS A 55 -0.19 14.54 -18.32
C HIS A 55 0.47 14.12 -17.00
N ASP A 56 0.77 15.11 -16.18
CA ASP A 56 1.39 14.85 -14.89
C ASP A 56 0.33 14.86 -13.79
N VAL A 57 0.57 14.08 -12.76
CA VAL A 57 -0.35 13.99 -11.64
C VAL A 57 -0.24 15.26 -10.80
N CYS A 58 -1.36 15.95 -10.67
CA CYS A 58 -1.41 17.17 -9.89
C CYS A 58 -2.86 17.66 -9.84
N GLY A 59 -3.40 17.66 -8.64
CA GLY A 59 -4.78 18.10 -8.44
C GLY A 59 -5.59 17.04 -7.70
N TRP A 60 -5.68 15.87 -8.31
CA TRP A 60 -6.42 14.77 -7.71
C TRP A 60 -5.42 13.75 -7.19
N MET B 1 -21.35 -6.89 -0.49
CA MET B 1 -22.06 -6.10 -1.47
C MET B 1 -22.01 -4.61 -1.12
N GLY B 2 -21.59 -3.82 -2.10
CA GLY B 2 -21.49 -2.39 -1.91
C GLY B 2 -20.81 -2.06 -0.58
N LYS B 3 -19.55 -2.43 -0.48
CA LYS B 3 -18.78 -2.19 0.72
C LYS B 3 -17.57 -1.32 0.39
N ALA B 4 -17.13 -0.55 1.39
CA ALA B 4 -15.99 0.33 1.20
C ALA B 4 -14.77 -0.29 1.87
N THR B 5 -13.86 -0.78 1.03
CA THR B 5 -12.65 -1.40 1.53
C THR B 5 -11.50 -1.18 0.54
N TYR B 6 -10.29 -1.42 1.03
CA TYR B 6 -9.10 -1.25 0.20
C TYR B 6 -8.13 -2.41 0.40
N THR B 7 -7.48 -2.80 -0.70
CA THR B 7 -6.53 -3.89 -0.66
C THR B 7 -5.12 -3.38 -0.94
N VAL B 8 -4.31 -3.36 0.10
CA VAL B 8 -2.94 -2.90 -0.01
C VAL B 8 -2.00 -4.10 0.02
N THR B 9 -1.29 -4.29 -1.09
CA THR B 9 -0.36 -5.39 -1.21
C THR B 9 1.07 -4.88 -1.18
N VAL B 10 1.96 -5.70 -0.65
CA VAL B 10 3.37 -5.34 -0.54
C VAL B 10 4.22 -6.57 -0.87
N THR B 11 4.95 -6.48 -1.98
CA THR B 11 5.81 -7.57 -2.41
C THR B 11 7.24 -7.07 -2.57
N ASN B 12 8.17 -7.84 -2.01
CA ASN B 12 9.58 -7.49 -2.08
C ASN B 12 10.23 -8.30 -3.20
N ASN B 13 10.41 -7.64 -4.34
CA ASN B 13 11.03 -8.30 -5.48
C ASN B 13 12.41 -8.80 -5.09
N SER B 14 12.90 -8.30 -3.98
CA SER B 14 14.21 -8.69 -3.48
C SER B 14 14.18 -10.13 -2.99
N ASN B 15 13.07 -10.48 -2.35
CA ASN B 15 12.89 -11.82 -1.82
C ASN B 15 11.77 -12.51 -2.58
N GLY B 16 11.10 -11.74 -3.44
CA GLY B 16 10.01 -12.27 -4.23
C GLY B 16 8.80 -12.63 -3.35
N VAL B 17 8.89 -12.19 -2.10
CA VAL B 17 7.83 -12.45 -1.15
C VAL B 17 6.72 -11.41 -1.32
N SER B 18 5.51 -11.90 -1.52
CA SER B 18 4.37 -11.02 -1.71
C SER B 18 3.43 -11.12 -0.50
N VAL B 19 2.92 -9.97 -0.10
CA VAL B 19 2.01 -9.90 1.03
C VAL B 19 0.85 -8.97 0.70
N ASP B 20 -0.35 -9.46 0.97
CA ASP B 20 -1.55 -8.67 0.70
C ASP B 20 -2.31 -8.44 2.01
N TYR B 21 -2.91 -7.26 2.12
CA TYR B 21 -3.66 -6.91 3.31
C TYR B 21 -4.93 -6.12 2.94
N GLU B 22 -6.04 -6.60 3.47
CA GLU B 22 -7.32 -5.95 3.21
C GLU B 22 -7.68 -5.01 4.37
N THR B 23 -7.72 -3.72 4.04
CA THR B 23 -8.05 -2.71 5.04
C THR B 23 -9.00 -1.67 4.44
N GLU B 24 -9.90 -1.19 5.28
CA GLU B 24 -10.87 -0.19 4.84
C GLU B 24 -10.50 1.18 5.42
N THR B 25 -9.79 1.95 4.61
CA THR B 25 -9.37 3.28 5.03
C THR B 25 -9.63 4.29 3.91
N PRO B 26 -10.61 5.19 4.16
CA PRO B 26 -10.96 6.20 3.18
C PRO B 26 -9.91 7.32 3.15
N MET B 27 -10.09 8.28 4.04
CA MET B 27 -9.16 9.40 4.12
C MET B 27 -7.85 8.99 4.80
N THR B 28 -7.97 8.00 5.67
CA THR B 28 -6.80 7.49 6.39
C THR B 28 -5.68 7.16 5.40
N LEU B 29 -6.08 6.69 4.23
CA LEU B 29 -5.13 6.32 3.21
C LEU B 29 -4.16 7.48 2.97
N LEU B 30 -4.69 8.69 3.13
CA LEU B 30 -3.88 9.89 2.95
C LEU B 30 -3.08 10.16 4.23
N VAL B 31 -3.62 9.68 5.33
CA VAL B 31 -2.96 9.87 6.62
C VAL B 31 -1.63 9.13 6.62
N PRO B 32 -0.57 9.84 7.10
CA PRO B 32 0.75 9.26 7.16
C PRO B 32 0.86 8.25 8.31
N GLU B 33 0.30 8.64 9.45
CA GLU B 33 0.32 7.77 10.62
C GLU B 33 -0.37 6.44 10.31
N VAL B 34 -1.40 6.52 9.49
CA VAL B 34 -2.14 5.33 9.11
C VAL B 34 -1.42 4.62 7.97
N ALA B 35 -1.03 5.42 6.98
CA ALA B 35 -0.33 4.89 5.82
C ALA B 35 1.02 4.31 6.26
N ALA B 36 1.70 5.06 7.11
CA ALA B 36 2.99 4.65 7.62
C ALA B 36 2.85 3.28 8.30
N GLU B 37 1.85 3.18 9.17
CA GLU B 37 1.60 1.95 9.89
C GLU B 37 1.18 0.84 8.91
N VAL B 38 0.42 1.24 7.90
CA VAL B 38 -0.04 0.30 6.89
C VAL B 38 1.15 -0.23 6.09
N ILE B 39 1.98 0.71 5.66
CA ILE B 39 3.16 0.36 4.89
C ILE B 39 4.12 -0.45 5.76
N LYS B 40 4.36 0.08 6.95
CA LYS B 40 5.26 -0.58 7.89
C LYS B 40 4.66 -1.93 8.30
N ASP B 41 3.36 -1.91 8.55
CA ASP B 41 2.66 -3.12 8.95
C ASP B 41 2.83 -4.18 7.86
N LEU B 42 2.65 -3.75 6.62
CA LEU B 42 2.77 -4.65 5.49
C LEU B 42 4.20 -5.20 5.45
N VAL B 43 5.16 -4.29 5.58
CA VAL B 43 6.56 -4.68 5.55
C VAL B 43 6.87 -5.54 6.78
N ASN B 44 6.41 -5.08 7.92
CA ASN B 44 6.63 -5.80 9.17
C ASN B 44 6.09 -7.21 9.03
N THR B 45 4.98 -7.33 8.32
CA THR B 45 4.35 -8.62 8.11
C THR B 45 5.14 -9.43 7.09
N VAL B 46 5.62 -8.74 6.07
CA VAL B 46 6.39 -9.39 5.02
C VAL B 46 7.65 -9.99 5.63
N ARG B 47 8.28 -9.23 6.51
CA ARG B 47 9.49 -9.67 7.18
C ARG B 47 9.18 -10.77 8.18
N SER B 48 8.00 -10.66 8.79
CA SER B 48 7.57 -11.64 9.78
C SER B 48 7.59 -13.04 9.17
N TYR B 49 7.21 -13.11 7.91
CA TYR B 49 7.19 -14.38 7.20
C TYR B 49 8.60 -14.92 6.99
N ASP B 50 9.54 -13.99 6.82
CA ASP B 50 10.93 -14.36 6.61
C ASP B 50 11.52 -14.88 7.92
N THR B 51 10.95 -14.39 9.01
CA THR B 51 11.41 -14.81 10.33
C THR B 51 10.58 -15.98 10.85
N GLU B 52 11.09 -16.62 11.90
CA GLU B 52 10.42 -17.75 12.49
C GLU B 52 8.99 -17.37 12.88
N ASN B 53 8.90 -16.42 13.81
CA ASN B 53 7.61 -15.95 14.28
C ASN B 53 6.81 -15.40 13.10
N GLU B 54 5.53 -15.77 13.08
CA GLU B 54 4.65 -15.32 12.01
C GLU B 54 3.79 -14.15 12.49
N HIS B 55 3.49 -13.25 11.56
CA HIS B 55 2.68 -12.10 11.88
C HIS B 55 3.39 -11.25 12.95
N ASP B 56 3.06 -9.96 12.95
CA ASP B 56 3.66 -9.04 13.90
C ASP B 56 2.56 -8.48 14.82
N VAL B 57 2.97 -8.13 16.02
CA VAL B 57 2.04 -7.58 17.00
C VAL B 57 1.72 -6.13 16.63
N CYS B 58 0.42 -5.84 16.58
CA CYS B 58 -0.02 -4.50 16.24
C CYS B 58 -0.21 -3.72 17.55
N GLY B 59 -0.44 -2.42 17.40
CA GLY B 59 -0.63 -1.55 18.55
C GLY B 59 -1.78 -2.06 19.43
N TRP B 60 -1.71 -1.70 20.70
CA TRP B 60 -2.72 -2.11 21.66
C TRP B 60 -2.67 -1.14 22.84
N MET A 1 18.16 -12.14 -10.92
CA MET A 1 18.46 -10.77 -10.50
C MET A 1 17.93 -10.51 -9.09
N GLY A 2 18.81 -10.63 -8.12
CA GLY A 2 18.45 -10.40 -6.73
C GLY A 2 18.62 -8.92 -6.35
N LYS A 3 17.63 -8.13 -6.73
CA LYS A 3 17.67 -6.71 -6.43
C LYS A 3 16.76 -6.41 -5.25
N ALA A 4 16.85 -5.19 -4.75
CA ALA A 4 16.04 -4.77 -3.62
C ALA A 4 14.93 -3.83 -4.11
N THR A 5 13.78 -4.43 -4.38
CA THR A 5 12.64 -3.66 -4.86
C THR A 5 11.36 -4.10 -4.14
N TYR A 6 10.36 -3.25 -4.21
CA TYR A 6 9.08 -3.53 -3.57
C TYR A 6 7.92 -3.16 -4.48
N THR A 7 6.88 -3.98 -4.43
CA THR A 7 5.70 -3.75 -5.24
C THR A 7 4.48 -3.48 -4.35
N VAL A 8 4.05 -2.24 -4.35
CA VAL A 8 2.90 -1.83 -3.55
C VAL A 8 1.68 -1.69 -4.46
N THR A 9 0.66 -2.48 -4.15
CA THR A 9 -0.58 -2.45 -4.93
C THR A 9 -1.74 -1.97 -4.06
N VAL A 10 -2.49 -1.03 -4.60
CA VAL A 10 -3.64 -0.48 -3.89
C VAL A 10 -4.88 -0.58 -4.78
N THR A 11 -5.88 -1.27 -4.27
CA THR A 11 -7.12 -1.45 -5.00
C THR A 11 -8.31 -0.99 -4.16
N ASN A 12 -9.26 -0.34 -4.81
CA ASN A 12 -10.44 0.15 -4.14
C ASN A 12 -11.61 -0.81 -4.40
N ASN A 13 -12.02 -1.48 -3.34
CA ASN A 13 -13.12 -2.42 -3.43
C ASN A 13 -14.43 -1.66 -3.60
N SER A 14 -14.36 -0.36 -3.34
CA SER A 14 -15.53 0.49 -3.46
C SER A 14 -15.73 0.91 -4.92
N ASN A 15 -14.61 1.10 -5.59
CA ASN A 15 -14.65 1.50 -6.99
C ASN A 15 -14.16 0.34 -7.87
N GLY A 16 -13.70 -0.71 -7.19
CA GLY A 16 -13.20 -1.88 -7.89
C GLY A 16 -11.99 -1.54 -8.76
N VAL A 17 -11.37 -0.41 -8.44
CA VAL A 17 -10.21 0.06 -9.17
C VAL A 17 -8.94 -0.50 -8.51
N SER A 18 -8.15 -1.20 -9.31
CA SER A 18 -6.92 -1.78 -8.82
C SER A 18 -5.72 -1.12 -9.50
N VAL A 19 -4.65 -0.96 -8.73
CA VAL A 19 -3.44 -0.35 -9.24
C VAL A 19 -2.23 -0.92 -8.49
N ASP A 20 -1.10 -0.94 -9.19
CA ASP A 20 0.12 -1.45 -8.61
C ASP A 20 1.26 -0.45 -8.83
N TYR A 21 2.18 -0.42 -7.89
CA TYR A 21 3.31 0.49 -7.97
C TYR A 21 4.61 -0.20 -7.55
N GLU A 22 5.59 -0.14 -8.43
CA GLU A 22 6.88 -0.75 -8.15
C GLU A 22 7.89 0.32 -7.72
N THR A 23 8.26 0.25 -6.45
CA THR A 23 9.22 1.20 -5.90
C THR A 23 10.21 0.49 -4.98
N GLU A 24 11.48 0.73 -5.23
CA GLU A 24 12.52 0.11 -4.42
C GLU A 24 12.87 1.01 -3.23
N THR A 25 12.25 0.71 -2.10
CA THR A 25 12.49 1.47 -0.89
C THR A 25 12.72 0.53 0.30
N PRO A 26 13.94 0.63 0.87
CA PRO A 26 14.31 -0.21 2.01
C PRO A 26 13.63 0.30 3.29
N MET A 27 14.31 1.23 3.95
CA MET A 27 13.79 1.79 5.19
C MET A 27 12.64 2.77 4.90
N THR A 28 12.71 3.37 3.73
CA THR A 28 11.69 4.32 3.32
C THR A 28 10.29 3.72 3.49
N LEU A 29 10.25 2.39 3.45
CA LEU A 29 8.98 1.69 3.60
C LEU A 29 8.44 1.92 5.00
N LEU A 30 9.35 1.96 5.97
CA LEU A 30 8.97 2.18 7.35
C LEU A 30 8.73 3.67 7.58
N VAL A 31 9.33 4.47 6.71
CA VAL A 31 9.18 5.92 6.80
C VAL A 31 7.72 6.30 6.59
N PRO A 32 7.23 7.22 7.45
CA PRO A 32 5.86 7.68 7.37
C PRO A 32 5.67 8.63 6.18
N GLU A 33 6.61 9.54 6.04
CA GLU A 33 6.57 10.51 4.96
C GLU A 33 6.57 9.80 3.61
N VAL A 34 7.30 8.69 3.56
CA VAL A 34 7.39 7.91 2.34
C VAL A 34 6.16 7.02 2.20
N ALA A 35 5.80 6.39 3.31
CA ALA A 35 4.64 5.52 3.34
C ALA A 35 3.38 6.33 3.07
N ALA A 36 3.29 7.47 3.75
CA ALA A 36 2.15 8.35 3.60
C ALA A 36 2.04 8.79 2.13
N GLU A 37 3.17 9.24 1.60
CA GLU A 37 3.21 9.69 0.22
C GLU A 37 2.91 8.52 -0.73
N VAL A 38 3.36 7.34 -0.33
CA VAL A 38 3.14 6.15 -1.13
C VAL A 38 1.65 5.79 -1.10
N ILE A 39 1.12 5.67 0.11
CA ILE A 39 -0.28 5.33 0.29
C ILE A 39 -1.14 6.37 -0.43
N LYS A 40 -0.81 7.63 -0.21
CA LYS A 40 -1.54 8.72 -0.82
C LYS A 40 -1.29 8.72 -2.33
N ASP A 41 -0.03 8.50 -2.68
CA ASP A 41 0.36 8.47 -4.08
C ASP A 41 -0.44 7.39 -4.81
N LEU A 42 -0.52 6.23 -4.16
CA LEU A 42 -1.26 5.11 -4.72
C LEU A 42 -2.72 5.51 -4.94
N VAL A 43 -3.32 6.02 -3.87
CA VAL A 43 -4.70 6.44 -3.93
C VAL A 43 -4.84 7.60 -4.91
N ASN A 44 -3.95 8.57 -4.76
CA ASN A 44 -3.95 9.74 -5.64
C ASN A 44 -3.86 9.28 -7.09
N THR A 45 -3.04 8.26 -7.31
CA THR A 45 -2.84 7.72 -8.65
C THR A 45 -4.05 6.89 -9.06
N VAL A 46 -4.52 6.08 -8.12
CA VAL A 46 -5.67 5.22 -8.37
C VAL A 46 -6.87 6.09 -8.75
N ARG A 47 -7.00 7.20 -8.05
CA ARG A 47 -8.09 8.12 -8.29
C ARG A 47 -7.88 8.88 -9.60
N SER A 48 -6.61 9.14 -9.90
CA SER A 48 -6.26 9.84 -11.12
C SER A 48 -6.67 9.03 -12.34
N TYR A 49 -6.63 7.71 -12.17
CA TYR A 49 -7.00 6.81 -13.25
C TYR A 49 -8.49 6.92 -13.58
N ASP A 50 -9.27 7.22 -12.55
CA ASP A 50 -10.70 7.36 -12.70
C ASP A 50 -11.02 8.79 -13.16
N THR A 51 -10.55 9.74 -12.37
CA THR A 51 -10.78 11.15 -12.68
C THR A 51 -9.45 11.89 -12.82
N GLU A 52 -9.55 13.12 -13.29
CA GLU A 52 -8.37 13.94 -13.48
C GLU A 52 -7.23 13.12 -14.10
N ASN A 53 -7.40 12.79 -15.36
CA ASN A 53 -6.41 12.01 -16.07
C ASN A 53 -5.54 12.94 -16.92
N GLU A 54 -4.30 12.51 -17.13
CA GLU A 54 -3.37 13.29 -17.92
C GLU A 54 -3.05 12.57 -19.23
N HIS A 55 -4.04 11.88 -19.75
CA HIS A 55 -3.88 11.14 -20.99
C HIS A 55 -5.24 11.00 -21.68
N ASP A 56 -6.04 10.10 -21.14
CA ASP A 56 -7.37 9.86 -21.70
C ASP A 56 -8.43 10.25 -20.67
N VAL A 57 -9.61 10.57 -21.18
CA VAL A 57 -10.72 10.96 -20.31
C VAL A 57 -11.59 9.74 -20.02
N CYS A 58 -11.88 9.56 -18.74
CA CYS A 58 -12.71 8.44 -18.32
C CYS A 58 -13.98 8.99 -17.67
N GLY A 59 -13.78 9.86 -16.68
CA GLY A 59 -14.89 10.46 -15.97
C GLY A 59 -15.71 11.35 -16.91
N TRP A 60 -16.23 12.44 -16.35
CA TRP A 60 -17.03 13.38 -17.12
C TRP A 60 -18.15 12.58 -17.81
N MET B 1 -21.19 -6.19 -1.39
CA MET B 1 -21.95 -5.47 -2.40
C MET B 1 -22.19 -4.02 -1.98
N GLY B 2 -21.46 -3.12 -2.61
CA GLY B 2 -21.59 -1.71 -2.32
C GLY B 2 -20.95 -1.37 -0.97
N LYS B 3 -19.70 -1.78 -0.83
CA LYS B 3 -18.96 -1.54 0.40
C LYS B 3 -17.69 -0.73 0.08
N ALA B 4 -17.25 0.02 1.07
CA ALA B 4 -16.05 0.84 0.91
C ALA B 4 -14.88 0.15 1.62
N THR B 5 -13.98 -0.39 0.80
CA THR B 5 -12.81 -1.07 1.33
C THR B 5 -11.63 -0.91 0.37
N TYR B 6 -10.44 -1.11 0.91
CA TYR B 6 -9.23 -1.00 0.12
C TYR B 6 -8.27 -2.16 0.41
N THR B 7 -7.62 -2.64 -0.64
CA THR B 7 -6.68 -3.73 -0.50
C THR B 7 -5.27 -3.28 -0.89
N VAL B 8 -4.43 -3.15 0.12
CA VAL B 8 -3.06 -2.72 -0.10
C VAL B 8 -2.13 -3.95 -0.06
N THR B 9 -1.43 -4.15 -1.16
CA THR B 9 -0.52 -5.27 -1.27
C THR B 9 0.94 -4.79 -1.16
N VAL B 10 1.76 -5.63 -0.55
CA VAL B 10 3.16 -5.30 -0.37
C VAL B 10 4.00 -6.56 -0.58
N THR B 11 4.82 -6.51 -1.63
CA THR B 11 5.68 -7.64 -1.96
C THR B 11 7.13 -7.18 -2.09
N ASN B 12 8.02 -7.95 -1.49
CA ASN B 12 9.44 -7.63 -1.54
C ASN B 12 10.10 -8.44 -2.66
N ASN B 13 10.30 -7.78 -3.79
CA ASN B 13 10.92 -8.43 -4.93
C ASN B 13 12.34 -8.87 -4.55
N SER B 14 12.80 -8.35 -3.42
CA SER B 14 14.13 -8.68 -2.95
C SER B 14 14.11 -10.03 -2.22
N ASN B 15 13.01 -10.28 -1.54
CA ASN B 15 12.85 -11.52 -0.80
C ASN B 15 11.77 -12.37 -1.47
N GLY B 16 11.21 -11.82 -2.54
CA GLY B 16 10.17 -12.51 -3.27
C GLY B 16 8.97 -12.83 -2.38
N VAL B 17 8.92 -12.14 -1.24
CA VAL B 17 7.84 -12.33 -0.29
C VAL B 17 6.71 -11.35 -0.60
N SER B 18 5.53 -11.91 -0.79
CA SER B 18 4.36 -11.11 -1.09
C SER B 18 3.38 -11.12 0.08
N VAL B 19 2.67 -10.02 0.24
CA VAL B 19 1.70 -9.90 1.32
C VAL B 19 0.60 -8.91 0.91
N ASP B 20 -0.63 -9.31 1.16
CA ASP B 20 -1.77 -8.47 0.84
C ASP B 20 -2.61 -8.23 2.09
N TYR B 21 -3.19 -7.04 2.17
CA TYR B 21 -4.01 -6.69 3.31
C TYR B 21 -5.22 -5.86 2.86
N GLU B 22 -6.40 -6.31 3.30
CA GLU B 22 -7.63 -5.64 2.96
C GLU B 22 -8.13 -4.81 4.14
N THR B 23 -8.14 -3.50 3.95
CA THR B 23 -8.58 -2.58 4.99
C THR B 23 -9.43 -1.47 4.39
N GLU B 24 -10.34 -0.95 5.20
CA GLU B 24 -11.22 0.12 4.76
C GLU B 24 -10.78 1.45 5.38
N THR B 25 -9.98 2.19 4.61
CA THR B 25 -9.48 3.48 5.07
C THR B 25 -9.64 4.53 3.98
N PRO B 26 -10.64 5.43 4.18
CA PRO B 26 -10.89 6.49 3.22
C PRO B 26 -9.84 7.59 3.31
N MET B 27 -10.02 8.46 4.29
CA MET B 27 -9.09 9.56 4.49
C MET B 27 -7.77 9.06 5.11
N THR B 28 -7.90 8.00 5.89
CA THR B 28 -6.74 7.42 6.55
C THR B 28 -5.64 7.13 5.52
N LEU B 29 -6.06 6.64 4.37
CA LEU B 29 -5.13 6.32 3.29
C LEU B 29 -4.23 7.53 3.02
N LEU B 30 -4.84 8.71 3.14
CA LEU B 30 -4.11 9.94 2.90
C LEU B 30 -3.32 10.30 4.16
N VAL B 31 -3.79 9.80 5.29
CA VAL B 31 -3.14 10.06 6.56
C VAL B 31 -1.79 9.35 6.59
N PRO B 32 -0.76 10.10 7.08
CA PRO B 32 0.60 9.55 7.16
C PRO B 32 0.71 8.55 8.32
N GLU B 33 0.11 8.93 9.44
CA GLU B 33 0.14 8.08 10.62
C GLU B 33 -0.52 6.73 10.32
N VAL B 34 -1.54 6.77 9.48
CA VAL B 34 -2.26 5.57 9.12
C VAL B 34 -1.52 4.87 7.98
N ALA B 35 -1.13 5.65 6.99
CA ALA B 35 -0.41 5.13 5.85
C ALA B 35 0.94 4.57 6.32
N ALA B 36 1.62 5.35 7.13
CA ALA B 36 2.91 4.96 7.66
C ALA B 36 2.77 3.61 8.36
N GLU B 37 1.77 3.50 9.21
CA GLU B 37 1.52 2.28 9.95
C GLU B 37 1.07 1.17 8.99
N VAL B 38 0.32 1.57 7.98
CA VAL B 38 -0.18 0.63 6.99
C VAL B 38 1.00 0.06 6.20
N ILE B 39 1.81 0.96 5.67
CA ILE B 39 2.97 0.57 4.90
C ILE B 39 3.90 -0.28 5.77
N LYS B 40 4.20 0.25 6.94
CA LYS B 40 5.07 -0.45 7.87
C LYS B 40 4.40 -1.76 8.31
N ASP B 41 3.11 -1.66 8.59
CA ASP B 41 2.35 -2.83 9.02
C ASP B 41 2.46 -3.92 7.95
N LEU B 42 2.30 -3.50 6.70
CA LEU B 42 2.38 -4.43 5.58
C LEU B 42 3.81 -4.98 5.48
N VAL B 43 4.76 -4.07 5.41
CA VAL B 43 6.16 -4.46 5.31
C VAL B 43 6.52 -5.33 6.50
N ASN B 44 6.07 -4.91 7.68
CA ASN B 44 6.33 -5.65 8.90
C ASN B 44 5.86 -7.09 8.74
N THR B 45 4.73 -7.24 8.06
CA THR B 45 4.15 -8.55 7.83
C THR B 45 4.99 -9.32 6.80
N VAL B 46 5.35 -8.62 5.74
CA VAL B 46 6.13 -9.22 4.67
C VAL B 46 7.49 -9.66 5.24
N ARG B 47 8.02 -8.82 6.12
CA ARG B 47 9.30 -9.11 6.75
C ARG B 47 9.15 -10.23 7.78
N SER B 48 7.96 -10.31 8.35
CA SER B 48 7.67 -11.32 9.35
C SER B 48 7.92 -12.72 8.77
N TYR B 49 7.57 -12.87 7.51
CA TYR B 49 7.75 -14.14 6.83
C TYR B 49 9.23 -14.38 6.50
N ASP B 50 9.93 -13.28 6.23
CA ASP B 50 11.34 -13.37 5.90
C ASP B 50 12.03 -14.33 6.87
N THR B 51 11.59 -14.30 8.12
CA THR B 51 12.15 -15.17 9.13
C THR B 51 11.25 -16.38 9.36
N GLU B 52 11.75 -17.31 10.16
CA GLU B 52 11.00 -18.52 10.47
C GLU B 52 9.77 -18.17 11.31
N ASN B 53 9.87 -17.08 12.04
CA ASN B 53 8.78 -16.62 12.89
C ASN B 53 7.65 -16.09 12.00
N GLU B 54 6.44 -16.49 12.34
CA GLU B 54 5.26 -16.06 11.60
C GLU B 54 4.40 -15.15 12.45
N HIS B 55 5.04 -14.13 13.03
CA HIS B 55 4.34 -13.19 13.87
C HIS B 55 5.25 -12.00 14.18
N ASP B 56 4.69 -10.81 14.00
CA ASP B 56 5.45 -9.58 14.25
C ASP B 56 4.82 -8.84 15.43
N VAL B 57 5.69 -8.35 16.31
CA VAL B 57 5.24 -7.61 17.48
C VAL B 57 4.55 -6.33 17.03
N CYS B 58 3.33 -6.15 17.52
CA CYS B 58 2.56 -4.96 17.18
C CYS B 58 1.82 -4.50 18.43
N GLY B 59 0.94 -5.37 18.92
CA GLY B 59 0.17 -5.05 20.11
C GLY B 59 -1.19 -5.75 20.08
N TRP B 60 -1.79 -5.86 21.26
CA TRP B 60 -3.09 -6.50 21.37
C TRP B 60 -3.52 -6.44 22.84
N MET A 1 18.36 -9.69 -11.96
CA MET A 1 18.44 -11.02 -11.37
C MET A 1 18.08 -10.98 -9.89
N GLY A 2 18.76 -10.10 -9.17
CA GLY A 2 18.53 -9.97 -7.74
C GLY A 2 18.70 -8.51 -7.29
N LYS A 3 17.67 -7.72 -7.52
CA LYS A 3 17.70 -6.31 -7.16
C LYS A 3 16.83 -6.11 -5.92
N ALA A 4 16.94 -4.90 -5.36
CA ALA A 4 16.17 -4.56 -4.18
C ALA A 4 15.03 -3.61 -4.57
N THR A 5 13.87 -4.19 -4.84
CA THR A 5 12.72 -3.41 -5.22
C THR A 5 11.46 -3.91 -4.48
N TYR A 6 10.42 -3.09 -4.55
CA TYR A 6 9.16 -3.44 -3.90
C TYR A 6 7.97 -3.11 -4.80
N THR A 7 6.98 -3.99 -4.77
CA THR A 7 5.79 -3.80 -5.57
C THR A 7 4.58 -3.55 -4.67
N VAL A 8 4.11 -2.31 -4.69
CA VAL A 8 2.97 -1.92 -3.89
C VAL A 8 1.74 -1.77 -4.79
N THR A 9 0.74 -2.58 -4.51
CA THR A 9 -0.49 -2.56 -5.29
C THR A 9 -1.67 -2.14 -4.40
N VAL A 10 -2.34 -1.07 -4.82
CA VAL A 10 -3.48 -0.56 -4.08
C VAL A 10 -4.71 -0.60 -4.98
N THR A 11 -5.71 -1.34 -4.52
CA THR A 11 -6.95 -1.46 -5.27
C THR A 11 -8.15 -1.14 -4.38
N ASN A 12 -9.14 -0.50 -4.98
CA ASN A 12 -10.34 -0.12 -4.24
C ASN A 12 -11.45 -1.15 -4.52
N ASN A 13 -11.94 -1.74 -3.45
CA ASN A 13 -12.98 -2.74 -3.56
C ASN A 13 -14.34 -2.04 -3.69
N SER A 14 -14.34 -0.76 -3.36
CA SER A 14 -15.55 0.03 -3.45
C SER A 14 -15.77 0.51 -4.88
N ASN A 15 -14.68 0.82 -5.54
CA ASN A 15 -14.73 1.28 -6.92
C ASN A 15 -14.14 0.22 -7.85
N GLY A 16 -13.53 -0.79 -7.22
CA GLY A 16 -12.93 -1.88 -7.97
C GLY A 16 -11.77 -1.36 -8.84
N VAL A 17 -11.24 -0.22 -8.44
CA VAL A 17 -10.13 0.38 -9.17
C VAL A 17 -8.81 -0.12 -8.59
N SER A 18 -8.01 -0.72 -9.46
CA SER A 18 -6.71 -1.25 -9.06
C SER A 18 -5.60 -0.33 -9.54
N VAL A 19 -4.55 -0.24 -8.73
CA VAL A 19 -3.41 0.59 -9.07
C VAL A 19 -2.15 0.02 -8.40
N ASP A 20 -1.16 -0.25 -9.23
CA ASP A 20 0.10 -0.79 -8.75
C ASP A 20 1.25 0.15 -9.11
N TYR A 21 2.21 0.24 -8.20
CA TYR A 21 3.35 1.11 -8.42
C TYR A 21 4.65 0.44 -7.92
N GLU A 22 5.62 0.40 -8.80
CA GLU A 22 6.90 -0.19 -8.47
C GLU A 22 7.84 0.85 -7.86
N THR A 23 8.14 0.65 -6.58
CA THR A 23 9.02 1.56 -5.87
C THR A 23 10.02 0.78 -5.01
N GLU A 24 11.30 1.01 -5.27
CA GLU A 24 12.35 0.34 -4.53
C GLU A 24 12.72 1.15 -3.28
N THR A 25 12.12 0.76 -2.17
CA THR A 25 12.37 1.44 -0.91
C THR A 25 12.61 0.41 0.20
N PRO A 26 13.85 0.43 0.75
CA PRO A 26 14.21 -0.49 1.81
C PRO A 26 13.59 -0.05 3.14
N MET A 27 14.34 0.77 3.87
CA MET A 27 13.87 1.27 5.16
C MET A 27 12.80 2.33 4.97
N THR A 28 12.87 3.02 3.84
CA THR A 28 11.92 4.07 3.54
C THR A 28 10.48 3.55 3.69
N LEU A 29 10.36 2.23 3.60
CA LEU A 29 9.06 1.59 3.72
C LEU A 29 8.49 1.87 5.11
N LEU A 30 9.37 1.81 6.10
CA LEU A 30 8.96 2.05 7.47
C LEU A 30 8.73 3.55 7.68
N VAL A 31 9.40 4.33 6.85
CA VAL A 31 9.27 5.79 6.93
C VAL A 31 7.82 6.18 6.66
N PRO A 32 7.30 7.09 7.52
CA PRO A 32 5.94 7.57 7.38
C PRO A 32 5.81 8.54 6.21
N GLU A 33 6.78 9.43 6.12
CA GLU A 33 6.79 10.42 5.05
C GLU A 33 6.79 9.73 3.68
N VAL A 34 7.51 8.63 3.62
CA VAL A 34 7.60 7.87 2.38
C VAL A 34 6.36 6.99 2.24
N ALA A 35 6.02 6.31 3.33
CA ALA A 35 4.86 5.45 3.34
C ALA A 35 3.60 6.26 3.05
N ALA A 36 3.48 7.37 3.78
CA ALA A 36 2.34 8.25 3.61
C ALA A 36 2.25 8.70 2.15
N GLU A 37 3.39 9.17 1.64
CA GLU A 37 3.46 9.63 0.27
C GLU A 37 3.13 8.49 -0.69
N VAL A 38 3.57 7.29 -0.32
CA VAL A 38 3.33 6.13 -1.14
C VAL A 38 1.84 5.79 -1.13
N ILE A 39 1.30 5.66 0.08
CA ILE A 39 -0.11 5.34 0.24
C ILE A 39 -0.94 6.40 -0.46
N LYS A 40 -0.65 7.65 -0.16
CA LYS A 40 -1.36 8.77 -0.75
C LYS A 40 -1.11 8.78 -2.26
N ASP A 41 0.12 8.46 -2.63
CA ASP A 41 0.50 8.44 -4.03
C ASP A 41 -0.35 7.39 -4.76
N LEU A 42 -0.48 6.23 -4.13
CA LEU A 42 -1.25 5.14 -4.70
C LEU A 42 -2.71 5.57 -4.83
N VAL A 43 -3.24 6.08 -3.73
CA VAL A 43 -4.62 6.53 -3.71
C VAL A 43 -4.79 7.69 -4.70
N ASN A 44 -3.84 8.61 -4.64
CA ASN A 44 -3.87 9.77 -5.52
C ASN A 44 -3.96 9.30 -6.97
N THR A 45 -3.23 8.23 -7.26
CA THR A 45 -3.22 7.67 -8.61
C THR A 45 -4.52 6.92 -8.88
N VAL A 46 -5.02 6.26 -7.85
CA VAL A 46 -6.24 5.50 -7.96
C VAL A 46 -7.39 6.44 -8.31
N ARG A 47 -7.42 7.58 -7.62
CA ARG A 47 -8.46 8.57 -7.85
C ARG A 47 -8.21 9.30 -9.17
N SER A 48 -6.94 9.40 -9.53
CA SER A 48 -6.56 10.06 -10.77
C SER A 48 -7.31 9.44 -11.95
N TYR A 49 -7.47 8.12 -11.88
CA TYR A 49 -8.15 7.40 -12.93
C TYR A 49 -9.66 7.69 -12.90
N ASP A 50 -10.13 8.06 -11.73
CA ASP A 50 -11.54 8.37 -11.55
C ASP A 50 -11.85 9.71 -12.23
N THR A 51 -10.86 10.59 -12.19
CA THR A 51 -11.01 11.91 -12.79
C THR A 51 -10.51 11.90 -14.24
N GLU A 52 -11.13 12.73 -15.05
CA GLU A 52 -10.77 12.83 -16.45
C GLU A 52 -9.31 13.28 -16.58
N ASN A 53 -8.87 14.04 -15.60
CA ASN A 53 -7.51 14.55 -15.59
C ASN A 53 -6.75 13.95 -14.41
N GLU A 54 -5.54 13.49 -14.69
CA GLU A 54 -4.71 12.89 -13.66
C GLU A 54 -3.66 13.90 -13.18
N HIS A 55 -3.16 13.65 -11.98
CA HIS A 55 -2.16 14.52 -11.39
C HIS A 55 -2.84 15.68 -10.67
N ASP A 56 -3.38 16.59 -11.47
CA ASP A 56 -4.07 17.75 -10.92
C ASP A 56 -5.50 17.37 -10.55
N VAL A 57 -6.04 18.08 -9.57
CA VAL A 57 -7.40 17.82 -9.13
C VAL A 57 -8.36 18.76 -9.87
N CYS A 58 -9.29 18.15 -10.59
CA CYS A 58 -10.27 18.92 -11.33
C CYS A 58 -11.20 17.94 -12.06
N GLY A 59 -12.43 18.38 -12.27
CA GLY A 59 -13.42 17.56 -12.94
C GLY A 59 -14.30 16.82 -11.93
N TRP A 60 -13.95 15.58 -11.67
CA TRP A 60 -14.70 14.76 -10.74
C TRP A 60 -16.14 14.67 -11.23
N MET B 1 -20.31 -6.52 -2.38
CA MET B 1 -20.80 -5.93 -3.62
C MET B 1 -20.79 -4.41 -3.53
N GLY B 2 -21.35 -3.90 -2.45
CA GLY B 2 -21.41 -2.46 -2.23
C GLY B 2 -20.76 -2.07 -0.90
N LYS B 3 -19.51 -2.44 -0.77
CA LYS B 3 -18.76 -2.14 0.45
C LYS B 3 -17.54 -1.29 0.10
N ALA B 4 -17.08 -0.53 1.09
CA ALA B 4 -15.94 0.33 0.90
C ALA B 4 -14.71 -0.32 1.55
N THR B 5 -13.81 -0.81 0.69
CA THR B 5 -12.60 -1.44 1.16
C THR B 5 -11.45 -1.20 0.19
N TYR B 6 -10.24 -1.43 0.68
CA TYR B 6 -9.06 -1.23 -0.14
C TYR B 6 -8.08 -2.40 0.03
N THR B 7 -7.46 -2.77 -1.07
CA THR B 7 -6.50 -3.86 -1.07
C THR B 7 -5.09 -3.34 -1.36
N VAL B 8 -4.27 -3.35 -0.32
CA VAL B 8 -2.90 -2.89 -0.44
C VAL B 8 -1.94 -4.08 -0.38
N THR B 9 -1.28 -4.34 -1.49
CA THR B 9 -0.34 -5.44 -1.57
C THR B 9 1.10 -4.92 -1.48
N VAL B 10 1.94 -5.76 -0.89
CA VAL B 10 3.35 -5.40 -0.74
C VAL B 10 4.21 -6.63 -1.00
N THR B 11 4.99 -6.54 -2.07
CA THR B 11 5.87 -7.64 -2.44
C THR B 11 7.29 -7.13 -2.68
N ASN B 12 8.24 -7.81 -2.06
CA ASN B 12 9.65 -7.43 -2.19
C ASN B 12 10.31 -8.34 -3.25
N ASN B 13 10.44 -7.80 -4.44
CA ASN B 13 11.06 -8.54 -5.53
C ASN B 13 12.48 -8.93 -5.13
N SER B 14 12.98 -8.27 -4.10
CA SER B 14 14.31 -8.55 -3.61
C SER B 14 14.36 -9.94 -2.97
N ASN B 15 13.28 -10.28 -2.29
CA ASN B 15 13.18 -11.56 -1.62
C ASN B 15 12.09 -12.40 -2.30
N GLY B 16 11.37 -11.75 -3.21
CA GLY B 16 10.31 -12.42 -3.93
C GLY B 16 9.13 -12.75 -3.01
N VAL B 17 9.17 -12.15 -1.83
CA VAL B 17 8.12 -12.37 -0.84
C VAL B 17 6.98 -11.38 -1.10
N SER B 18 5.79 -11.95 -1.25
CA SER B 18 4.61 -11.13 -1.50
C SER B 18 3.69 -11.16 -0.28
N VAL B 19 2.97 -10.06 -0.10
CA VAL B 19 2.04 -9.94 1.02
C VAL B 19 0.92 -8.99 0.65
N ASP B 20 -0.30 -9.44 0.87
CA ASP B 20 -1.49 -8.65 0.57
C ASP B 20 -2.27 -8.38 1.86
N TYR B 21 -2.83 -7.18 1.93
CA TYR B 21 -3.62 -6.80 3.11
C TYR B 21 -4.86 -6.03 2.69
N GLU B 22 -6.00 -6.48 3.20
CA GLU B 22 -7.26 -5.84 2.89
C GLU B 22 -7.73 -4.99 4.09
N THR B 23 -7.78 -3.69 3.85
CA THR B 23 -8.20 -2.77 4.90
C THR B 23 -9.10 -1.67 4.31
N GLU B 24 -9.98 -1.16 5.16
CA GLU B 24 -10.90 -0.12 4.74
C GLU B 24 -10.49 1.23 5.34
N THR B 25 -9.72 1.98 4.55
CA THR B 25 -9.26 3.28 4.99
C THR B 25 -9.43 4.31 3.87
N PRO B 26 -10.45 5.19 4.04
CA PRO B 26 -10.72 6.23 3.06
C PRO B 26 -9.69 7.35 3.14
N MET B 27 -9.91 8.25 4.08
CA MET B 27 -9.01 9.37 4.26
C MET B 27 -7.70 8.92 4.92
N THR B 28 -7.81 7.89 5.74
CA THR B 28 -6.65 7.35 6.42
C THR B 28 -5.52 7.07 5.43
N LEU B 29 -5.92 6.59 4.26
CA LEU B 29 -4.96 6.28 3.22
C LEU B 29 -4.05 7.49 2.98
N LEU B 30 -4.65 8.67 3.10
CA LEU B 30 -3.91 9.90 2.89
C LEU B 30 -3.13 10.23 4.17
N VAL B 31 -3.60 9.67 5.27
CA VAL B 31 -2.96 9.89 6.56
C VAL B 31 -1.62 9.17 6.59
N PRO B 32 -0.59 9.89 7.13
CA PRO B 32 0.75 9.33 7.21
C PRO B 32 0.84 8.30 8.34
N GLU B 33 0.23 8.64 9.46
CA GLU B 33 0.22 7.76 10.62
C GLU B 33 -0.44 6.43 10.27
N VAL B 34 -1.45 6.51 9.41
CA VAL B 34 -2.17 5.33 8.98
C VAL B 34 -1.41 4.65 7.85
N ALA B 35 -0.99 5.46 6.89
CA ALA B 35 -0.24 4.95 5.75
C ALA B 35 1.09 4.38 6.23
N ALA B 36 1.75 5.14 7.09
CA ALA B 36 3.03 4.72 7.63
C ALA B 36 2.88 3.34 8.29
N GLU B 37 1.85 3.23 9.11
CA GLU B 37 1.58 1.98 9.79
C GLU B 37 1.19 0.88 8.79
N VAL B 38 0.49 1.31 7.76
CA VAL B 38 0.04 0.39 6.73
C VAL B 38 1.27 -0.15 5.97
N ILE B 39 2.08 0.77 5.50
CA ILE B 39 3.29 0.41 4.77
C ILE B 39 4.19 -0.44 5.67
N LYS B 40 4.41 0.07 6.87
CA LYS B 40 5.25 -0.63 7.83
C LYS B 40 4.59 -1.95 8.22
N ASP B 41 3.28 -1.89 8.40
CA ASP B 41 2.52 -3.07 8.77
C ASP B 41 2.72 -4.15 7.70
N LEU B 42 2.62 -3.73 6.45
CA LEU B 42 2.79 -4.66 5.34
C LEU B 42 4.21 -5.23 5.36
N VAL B 43 5.18 -4.33 5.46
CA VAL B 43 6.57 -4.72 5.49
C VAL B 43 6.82 -5.59 6.74
N ASN B 44 6.27 -5.13 7.85
CA ASN B 44 6.42 -5.85 9.10
C ASN B 44 5.92 -7.29 8.93
N THR B 45 4.85 -7.42 8.16
CA THR B 45 4.27 -8.73 7.90
C THR B 45 5.16 -9.52 6.94
N VAL B 46 5.70 -8.82 5.96
CA VAL B 46 6.57 -9.46 4.99
C VAL B 46 7.80 -10.04 5.69
N ARG B 47 8.35 -9.24 6.59
CA ARG B 47 9.53 -9.67 7.33
C ARG B 47 9.14 -10.71 8.38
N SER B 48 7.89 -10.63 8.83
CA SER B 48 7.39 -11.56 9.82
C SER B 48 7.59 -13.00 9.33
N TYR B 49 7.20 -13.23 8.09
CA TYR B 49 7.34 -14.55 7.49
C TYR B 49 8.80 -14.99 7.45
N ASP B 50 9.67 -14.00 7.38
CA ASP B 50 11.10 -14.26 7.32
C ASP B 50 11.56 -14.86 8.66
N THR B 51 10.80 -14.53 9.70
CA THR B 51 11.11 -15.04 11.03
C THR B 51 9.96 -15.88 11.57
N GLU B 52 10.21 -16.54 12.69
CA GLU B 52 9.21 -17.38 13.32
C GLU B 52 8.60 -16.67 14.53
N ASN B 53 8.01 -15.51 14.28
CA ASN B 53 7.40 -14.73 15.33
C ASN B 53 5.87 -14.79 15.18
N GLU B 54 5.20 -14.76 16.31
CA GLU B 54 3.74 -14.80 16.32
C GLU B 54 3.24 -15.78 15.26
N HIS B 55 1.96 -15.62 14.91
CA HIS B 55 1.35 -16.48 13.92
C HIS B 55 -0.16 -16.26 13.90
N ASP B 56 -0.53 -14.99 13.84
CA ASP B 56 -1.94 -14.62 13.82
C ASP B 56 -2.43 -14.58 12.38
N VAL B 57 -3.72 -14.78 12.22
CA VAL B 57 -4.33 -14.77 10.89
C VAL B 57 -4.21 -13.37 10.29
N CYS B 58 -4.28 -13.31 8.97
CA CYS B 58 -4.18 -12.04 8.28
C CYS B 58 -5.59 -11.64 7.81
N GLY B 59 -5.72 -10.37 7.45
CA GLY B 59 -6.99 -9.84 7.00
C GLY B 59 -8.06 -9.95 8.09
N TRP B 60 -9.31 -9.89 7.66
CA TRP B 60 -10.43 -9.98 8.59
C TRP B 60 -10.34 -8.78 9.54
N MET A 1 17.56 -10.87 -11.81
CA MET A 1 18.35 -11.86 -11.10
C MET A 1 18.15 -11.75 -9.59
N GLY A 2 18.47 -10.59 -9.06
CA GLY A 2 18.33 -10.34 -7.64
C GLY A 2 18.55 -8.86 -7.31
N LYS A 3 17.49 -8.09 -7.47
CA LYS A 3 17.55 -6.66 -7.20
C LYS A 3 16.75 -6.35 -5.94
N ALA A 4 16.91 -5.12 -5.46
CA ALA A 4 16.22 -4.69 -4.25
C ALA A 4 15.09 -3.74 -4.65
N THR A 5 13.90 -4.30 -4.82
CA THR A 5 12.74 -3.50 -5.19
C THR A 5 11.49 -4.04 -4.49
N TYR A 6 10.48 -3.19 -4.43
CA TYR A 6 9.23 -3.56 -3.80
C TYR A 6 8.03 -3.17 -4.68
N THR A 7 7.03 -4.04 -4.68
CA THR A 7 5.83 -3.80 -5.46
C THR A 7 4.63 -3.54 -4.55
N VAL A 8 4.18 -2.29 -4.56
CA VAL A 8 3.05 -1.90 -3.75
C VAL A 8 1.82 -1.72 -4.64
N THR A 9 0.83 -2.58 -4.41
CA THR A 9 -0.40 -2.54 -5.17
C THR A 9 -1.57 -2.13 -4.28
N VAL A 10 -2.31 -1.13 -4.75
CA VAL A 10 -3.45 -0.64 -4.01
C VAL A 10 -4.69 -0.67 -4.90
N THR A 11 -5.69 -1.41 -4.44
CA THR A 11 -6.94 -1.53 -5.20
C THR A 11 -8.13 -1.19 -4.30
N ASN A 12 -9.13 -0.58 -4.92
CA ASN A 12 -10.33 -0.19 -4.20
C ASN A 12 -11.42 -1.24 -4.45
N ASN A 13 -11.90 -1.81 -3.36
CA ASN A 13 -12.95 -2.82 -3.44
C ASN A 13 -14.30 -2.13 -3.58
N SER A 14 -14.31 -0.84 -3.29
CA SER A 14 -15.53 -0.06 -3.38
C SER A 14 -15.76 0.40 -4.83
N ASN A 15 -14.65 0.72 -5.49
CA ASN A 15 -14.71 1.17 -6.87
C ASN A 15 -14.10 0.10 -7.77
N GLY A 16 -13.53 -0.91 -7.14
CA GLY A 16 -12.91 -2.00 -7.88
C GLY A 16 -11.76 -1.49 -8.75
N VAL A 17 -11.22 -0.35 -8.36
CA VAL A 17 -10.12 0.26 -9.10
C VAL A 17 -8.80 -0.26 -8.54
N SER A 18 -8.03 -0.89 -9.41
CA SER A 18 -6.74 -1.42 -9.01
C SER A 18 -5.61 -0.51 -9.51
N VAL A 19 -4.57 -0.43 -8.71
CA VAL A 19 -3.43 0.40 -9.05
C VAL A 19 -2.16 -0.17 -8.39
N ASP A 20 -1.17 -0.43 -9.22
CA ASP A 20 0.09 -0.97 -8.74
C ASP A 20 1.22 0.00 -9.07
N TYR A 21 2.18 0.07 -8.16
CA TYR A 21 3.31 0.95 -8.33
C TYR A 21 4.60 0.29 -7.85
N GLU A 22 5.61 0.31 -8.71
CA GLU A 22 6.89 -0.29 -8.38
C GLU A 22 7.87 0.78 -7.92
N THR A 23 8.24 0.70 -6.65
CA THR A 23 9.17 1.66 -6.07
C THR A 23 10.19 0.95 -5.19
N GLU A 24 11.46 1.26 -5.43
CA GLU A 24 12.54 0.66 -4.67
C GLU A 24 12.83 1.50 -3.43
N THR A 25 12.24 1.08 -2.32
CA THR A 25 12.44 1.79 -1.07
C THR A 25 12.72 0.79 0.06
N PRO A 26 13.98 0.84 0.58
CA PRO A 26 14.39 -0.05 1.65
C PRO A 26 13.79 0.40 2.98
N MET A 27 14.50 1.31 3.64
CA MET A 27 14.05 1.82 4.93
C MET A 27 12.86 2.77 4.75
N THR A 28 12.82 3.41 3.59
CA THR A 28 11.75 4.34 3.29
C THR A 28 10.39 3.69 3.54
N LEU A 29 10.33 2.39 3.28
CA LEU A 29 9.09 1.65 3.48
C LEU A 29 8.61 1.85 4.92
N LEU A 30 9.57 1.93 5.83
CA LEU A 30 9.25 2.13 7.24
C LEU A 30 8.96 3.60 7.49
N VAL A 31 9.54 4.44 6.64
CA VAL A 31 9.35 5.88 6.77
C VAL A 31 7.87 6.21 6.56
N PRO A 32 7.36 7.13 7.43
CA PRO A 32 5.97 7.55 7.34
C PRO A 32 5.74 8.49 6.16
N GLU A 33 6.68 9.41 5.99
CA GLU A 33 6.59 10.38 4.92
C GLU A 33 6.57 9.66 3.57
N VAL A 34 7.44 8.67 3.43
CA VAL A 34 7.53 7.90 2.21
C VAL A 34 6.31 6.99 2.10
N ALA A 35 5.99 6.34 3.21
CA ALA A 35 4.86 5.44 3.26
C ALA A 35 3.58 6.23 2.98
N ALA A 36 3.44 7.34 3.67
CA ALA A 36 2.27 8.19 3.51
C ALA A 36 2.16 8.63 2.05
N GLU A 37 3.28 9.12 1.53
CA GLU A 37 3.33 9.56 0.14
C GLU A 37 3.01 8.41 -0.80
N VAL A 38 3.47 7.23 -0.41
CA VAL A 38 3.24 6.04 -1.21
C VAL A 38 1.75 5.69 -1.20
N ILE A 39 1.21 5.60 0.01
CA ILE A 39 -0.20 5.28 0.17
C ILE A 39 -1.05 6.34 -0.53
N LYS A 40 -0.76 7.59 -0.20
CA LYS A 40 -1.48 8.70 -0.78
C LYS A 40 -1.27 8.71 -2.30
N ASP A 41 -0.03 8.46 -2.68
CA ASP A 41 0.32 8.44 -4.10
C ASP A 41 -0.51 7.37 -4.80
N LEU A 42 -0.61 6.22 -4.17
CA LEU A 42 -1.38 5.12 -4.73
C LEU A 42 -2.84 5.56 -4.91
N VAL A 43 -3.40 6.07 -3.82
CA VAL A 43 -4.78 6.53 -3.84
C VAL A 43 -4.91 7.70 -4.83
N ASN A 44 -3.95 8.60 -4.75
CA ASN A 44 -3.94 9.77 -5.62
C ASN A 44 -3.97 9.31 -7.08
N THR A 45 -3.27 8.21 -7.33
CA THR A 45 -3.22 7.66 -8.68
C THR A 45 -4.54 6.96 -9.02
N VAL A 46 -5.08 6.27 -8.04
CA VAL A 46 -6.33 5.56 -8.22
C VAL A 46 -7.43 6.55 -8.59
N ARG A 47 -7.43 7.67 -7.86
CA ARG A 47 -8.43 8.71 -8.10
C ARG A 47 -8.12 9.44 -9.41
N SER A 48 -6.84 9.52 -9.73
CA SER A 48 -6.42 10.19 -10.95
C SER A 48 -7.16 9.60 -12.15
N TYR A 49 -7.37 8.29 -12.10
CA TYR A 49 -8.06 7.60 -13.17
C TYR A 49 -9.56 7.92 -13.14
N ASP A 50 -10.06 8.19 -11.95
CA ASP A 50 -11.47 8.50 -11.77
C ASP A 50 -11.73 9.92 -12.29
N THR A 51 -10.74 10.78 -12.10
CA THR A 51 -10.86 12.17 -12.52
C THR A 51 -10.35 12.32 -13.96
N GLU A 52 -11.08 13.14 -14.72
CA GLU A 52 -10.72 13.39 -16.11
C GLU A 52 -9.24 13.76 -16.22
N ASN A 53 -8.89 14.89 -15.63
CA ASN A 53 -7.53 15.37 -15.66
C ASN A 53 -6.77 14.81 -14.45
N GLU A 54 -5.57 14.32 -14.71
CA GLU A 54 -4.75 13.76 -13.66
C GLU A 54 -3.62 14.72 -13.28
N HIS A 55 -3.70 15.23 -12.06
CA HIS A 55 -2.70 16.17 -11.58
C HIS A 55 -3.00 16.51 -10.11
N ASP A 56 -4.13 17.17 -9.90
CA ASP A 56 -4.53 17.56 -8.57
C ASP A 56 -5.86 16.87 -8.22
N VAL A 57 -5.97 16.49 -6.96
CA VAL A 57 -7.17 15.83 -6.48
C VAL A 57 -8.36 16.79 -6.59
N CYS A 58 -9.36 16.36 -7.33
CA CYS A 58 -10.55 17.17 -7.52
C CYS A 58 -11.59 16.33 -8.28
N GLY A 59 -12.70 16.07 -7.60
CA GLY A 59 -13.77 15.29 -8.19
C GLY A 59 -14.20 14.15 -7.25
N TRP A 60 -13.99 12.93 -7.71
CA TRP A 60 -14.35 11.77 -6.93
C TRP A 60 -15.86 11.56 -7.05
N MET B 1 -21.39 -7.23 -0.54
CA MET B 1 -21.55 -6.45 -1.76
C MET B 1 -21.74 -4.97 -1.43
N GLY B 2 -21.25 -4.13 -2.33
CA GLY B 2 -21.36 -2.69 -2.15
C GLY B 2 -20.72 -2.26 -0.83
N LYS B 3 -19.44 -2.57 -0.69
CA LYS B 3 -18.72 -2.22 0.52
C LYS B 3 -17.51 -1.36 0.14
N ALA B 4 -17.07 -0.56 1.11
CA ALA B 4 -15.92 0.31 0.90
C ALA B 4 -14.69 -0.30 1.57
N THR B 5 -13.79 -0.79 0.73
CA THR B 5 -12.56 -1.41 1.22
C THR B 5 -11.42 -1.18 0.24
N TYR B 6 -10.21 -1.45 0.71
CA TYR B 6 -9.03 -1.27 -0.11
C TYR B 6 -8.07 -2.46 0.06
N THR B 7 -7.43 -2.82 -1.04
CA THR B 7 -6.49 -3.93 -1.03
C THR B 7 -5.07 -3.41 -1.26
N VAL B 8 -4.28 -3.44 -0.19
CA VAL B 8 -2.90 -2.98 -0.26
C VAL B 8 -1.97 -4.20 -0.23
N THR B 9 -1.19 -4.34 -1.30
CA THR B 9 -0.25 -5.44 -1.40
C THR B 9 1.18 -4.92 -1.35
N VAL B 10 2.05 -5.74 -0.77
CA VAL B 10 3.45 -5.37 -0.65
C VAL B 10 4.31 -6.62 -0.91
N THR B 11 5.06 -6.55 -2.00
CA THR B 11 5.94 -7.65 -2.37
C THR B 11 7.39 -7.17 -2.48
N ASN B 12 8.29 -7.96 -1.90
CA ASN B 12 9.70 -7.63 -1.93
C ASN B 12 10.38 -8.39 -3.06
N ASN B 13 10.61 -7.67 -4.16
CA ASN B 13 11.25 -8.26 -5.32
C ASN B 13 12.65 -8.74 -4.94
N SER B 14 13.10 -8.27 -3.78
CA SER B 14 14.42 -8.63 -3.29
C SER B 14 14.37 -10.00 -2.61
N ASN B 15 13.25 -10.25 -1.95
CA ASN B 15 13.06 -11.52 -1.25
C ASN B 15 11.98 -12.34 -1.97
N GLY B 16 11.47 -11.76 -3.05
CA GLY B 16 10.44 -12.42 -3.82
C GLY B 16 9.24 -12.79 -2.96
N VAL B 17 9.17 -12.15 -1.79
CA VAL B 17 8.09 -12.41 -0.86
C VAL B 17 6.95 -11.42 -1.15
N SER B 18 5.77 -11.99 -1.37
CA SER B 18 4.59 -11.19 -1.65
C SER B 18 3.57 -11.33 -0.52
N VAL B 19 2.93 -10.22 -0.21
CA VAL B 19 1.93 -10.20 0.85
C VAL B 19 0.86 -9.16 0.53
N ASP B 20 -0.39 -9.54 0.75
CA ASP B 20 -1.50 -8.63 0.49
C ASP B 20 -2.23 -8.35 1.81
N TYR B 21 -2.79 -7.15 1.88
CA TYR B 21 -3.51 -6.73 3.07
C TYR B 21 -4.80 -6.00 2.69
N GLU B 22 -5.90 -6.48 3.25
CA GLU B 22 -7.21 -5.88 2.98
C GLU B 22 -7.67 -5.06 4.19
N THR B 23 -7.74 -3.75 3.97
CA THR B 23 -8.17 -2.85 5.02
C THR B 23 -9.12 -1.78 4.46
N GLU B 24 -9.99 -1.30 5.33
CA GLU B 24 -10.95 -0.28 4.94
C GLU B 24 -10.54 1.09 5.49
N THR B 25 -9.81 1.83 4.67
CA THR B 25 -9.35 3.14 5.06
C THR B 25 -9.58 4.15 3.93
N PRO B 26 -10.59 5.03 4.15
CA PRO B 26 -10.93 6.04 3.17
C PRO B 26 -9.90 7.18 3.16
N MET B 27 -10.08 8.11 4.09
CA MET B 27 -9.18 9.24 4.19
C MET B 27 -7.85 8.82 4.83
N THR B 28 -7.93 7.80 5.68
CA THR B 28 -6.75 7.29 6.36
C THR B 28 -5.64 6.99 5.35
N LEU B 29 -6.06 6.55 4.18
CA LEU B 29 -5.12 6.23 3.12
C LEU B 29 -4.20 7.43 2.88
N LEU B 30 -4.76 8.61 3.07
CA LEU B 30 -4.00 9.84 2.87
C LEU B 30 -3.21 10.15 4.15
N VAL B 31 -3.69 9.60 5.25
CA VAL B 31 -3.05 9.80 6.54
C VAL B 31 -1.69 9.12 6.53
N PRO B 32 -0.66 9.88 7.02
CA PRO B 32 0.69 9.35 7.09
C PRO B 32 0.84 8.35 8.23
N GLU B 33 0.26 8.69 9.36
CA GLU B 33 0.32 7.84 10.53
C GLU B 33 -0.33 6.48 10.23
N VAL B 34 -1.37 6.53 9.40
CA VAL B 34 -2.08 5.32 9.02
C VAL B 34 -1.34 4.62 7.89
N ALA B 35 -0.95 5.42 6.90
CA ALA B 35 -0.22 4.89 5.76
C ALA B 35 1.14 4.37 6.21
N ALA B 36 1.78 5.17 7.05
CA ALA B 36 3.09 4.81 7.57
C ALA B 36 3.00 3.45 8.26
N GLU B 37 2.00 3.31 9.11
CA GLU B 37 1.80 2.06 9.83
C GLU B 37 1.39 0.95 8.86
N VAL B 38 0.63 1.33 7.86
CA VAL B 38 0.17 0.37 6.86
C VAL B 38 1.39 -0.15 6.07
N ILE B 39 2.14 0.78 5.51
CA ILE B 39 3.32 0.43 4.73
C ILE B 39 4.26 -0.39 5.61
N LYS B 40 4.55 0.15 6.78
CA LYS B 40 5.44 -0.52 7.71
C LYS B 40 4.82 -1.87 8.13
N ASP B 41 3.53 -1.81 8.42
CA ASP B 41 2.81 -3.01 8.82
C ASP B 41 2.93 -4.07 7.74
N LEU B 42 2.76 -3.64 6.50
CA LEU B 42 2.85 -4.54 5.36
C LEU B 42 4.24 -5.18 5.34
N VAL B 43 5.25 -4.32 5.44
CA VAL B 43 6.63 -4.79 5.44
C VAL B 43 6.89 -5.59 6.70
N ASN B 44 6.46 -5.03 7.82
CA ASN B 44 6.65 -5.68 9.11
C ASN B 44 6.07 -7.10 9.06
N THR B 45 4.94 -7.21 8.38
CA THR B 45 4.27 -8.49 8.24
C THR B 45 5.03 -9.38 7.25
N VAL B 46 5.48 -8.76 6.17
CA VAL B 46 6.22 -9.48 5.14
C VAL B 46 7.49 -10.07 5.75
N ARG B 47 8.11 -9.29 6.63
CA ARG B 47 9.33 -9.73 7.28
C ARG B 47 9.01 -10.79 8.34
N SER B 48 7.87 -10.62 8.98
CA SER B 48 7.44 -11.55 10.00
C SER B 48 7.34 -12.97 9.43
N TYR B 49 6.94 -13.03 8.16
CA TYR B 49 6.81 -14.31 7.48
C TYR B 49 8.15 -15.02 7.41
N ASP B 50 9.21 -14.24 7.45
CA ASP B 50 10.56 -14.78 7.38
C ASP B 50 10.96 -15.30 8.77
N THR B 51 10.38 -14.68 9.79
CA THR B 51 10.66 -15.07 11.16
C THR B 51 9.74 -16.19 11.60
N GLU B 52 10.16 -16.89 12.65
CA GLU B 52 9.38 -17.99 13.19
C GLU B 52 8.23 -17.47 14.03
N ASN B 53 8.53 -16.44 14.82
CA ASN B 53 7.53 -15.83 15.68
C ASN B 53 6.56 -15.01 14.83
N GLU B 54 5.40 -14.73 15.41
CA GLU B 54 4.38 -13.96 14.72
C GLU B 54 3.44 -13.29 15.73
N HIS B 55 2.66 -12.35 15.22
CA HIS B 55 1.72 -11.63 16.07
C HIS B 55 0.30 -12.16 15.82
N ASP B 56 -0.64 -11.63 16.59
CA ASP B 56 -2.03 -12.02 16.47
C ASP B 56 -2.77 -11.03 15.58
N VAL B 57 -3.86 -11.49 15.01
CA VAL B 57 -4.67 -10.66 14.14
C VAL B 57 -5.46 -9.67 14.99
N CYS B 58 -5.23 -8.39 14.73
CA CYS B 58 -5.91 -7.33 15.47
C CYS B 58 -7.26 -7.08 14.79
N GLY B 59 -8.04 -8.14 14.69
CA GLY B 59 -9.36 -8.04 14.08
C GLY B 59 -9.30 -7.22 12.79
N TRP B 60 -8.35 -7.57 11.94
CA TRP B 60 -8.18 -6.89 10.68
C TRP B 60 -8.14 -5.38 10.95
#